data_2FUF
# 
_entry.id   2FUF 
# 
_audit_conform.dict_name       mmcif_pdbx.dic 
_audit_conform.dict_version    5.397 
_audit_conform.dict_location   http://mmcif.pdb.org/dictionaries/ascii/mmcif_pdbx.dic 
# 
loop_
_database_2.database_id 
_database_2.database_code 
_database_2.pdbx_database_accession 
_database_2.pdbx_DOI 
PDB   2FUF         pdb_00002fuf 10.2210/pdb2fuf/pdb 
RCSB  RCSB036324   ?            ?                   
WWPDB D_1000036324 ?            ?                   
# 
loop_
_pdbx_audit_revision_history.ordinal 
_pdbx_audit_revision_history.data_content_type 
_pdbx_audit_revision_history.major_revision 
_pdbx_audit_revision_history.minor_revision 
_pdbx_audit_revision_history.revision_date 
1 'Structure model' 1 0 2006-08-22 
2 'Structure model' 1 1 2008-05-01 
3 'Structure model' 1 2 2011-07-13 
4 'Structure model' 1 3 2017-10-18 
5 'Structure model' 1 4 2023-08-30 
6 'Structure model' 1 5 2023-11-15 
7 'Structure model' 1 6 2024-10-09 
# 
_pdbx_audit_revision_details.ordinal             1 
_pdbx_audit_revision_details.revision_ordinal    1 
_pdbx_audit_revision_details.data_content_type   'Structure model' 
_pdbx_audit_revision_details.provider            repository 
_pdbx_audit_revision_details.type                'Initial release' 
_pdbx_audit_revision_details.description         ? 
_pdbx_audit_revision_details.details             ? 
# 
loop_
_pdbx_audit_revision_group.ordinal 
_pdbx_audit_revision_group.revision_ordinal 
_pdbx_audit_revision_group.data_content_type 
_pdbx_audit_revision_group.group 
1  2 'Structure model' 'Version format compliance' 
2  3 'Structure model' Advisory                    
3  3 'Structure model' 'Version format compliance' 
4  4 'Structure model' 'Refinement description'    
5  5 'Structure model' 'Data collection'           
6  5 'Structure model' 'Database references'       
7  5 'Structure model' 'Derived calculations'      
8  5 'Structure model' 'Refinement description'    
9  6 'Structure model' 'Data collection'           
10 7 'Structure model' 'Structure summary'         
# 
loop_
_pdbx_audit_revision_category.ordinal 
_pdbx_audit_revision_category.revision_ordinal 
_pdbx_audit_revision_category.data_content_type 
_pdbx_audit_revision_category.category 
1  4 'Structure model' software                      
2  5 'Structure model' chem_comp_atom                
3  5 'Structure model' chem_comp_bond                
4  5 'Structure model' database_2                    
5  5 'Structure model' pdbx_initial_refinement_model 
6  5 'Structure model' struct_conn                   
7  5 'Structure model' struct_ref_seq_dif            
8  5 'Structure model' struct_site                   
9  6 'Structure model' chem_comp_atom                
10 6 'Structure model' chem_comp_bond                
11 7 'Structure model' pdbx_entry_details            
12 7 'Structure model' pdbx_modification_feature     
# 
loop_
_pdbx_audit_revision_item.ordinal 
_pdbx_audit_revision_item.revision_ordinal 
_pdbx_audit_revision_item.data_content_type 
_pdbx_audit_revision_item.item 
1  4 'Structure model' '_software.classification'            
2  4 'Structure model' '_software.contact_author'            
3  4 'Structure model' '_software.contact_author_email'      
4  4 'Structure model' '_software.date'                      
5  4 'Structure model' '_software.language'                  
6  4 'Structure model' '_software.location'                  
7  4 'Structure model' '_software.name'                      
8  4 'Structure model' '_software.type'                      
9  4 'Structure model' '_software.version'                   
10 5 'Structure model' '_database_2.pdbx_DOI'                
11 5 'Structure model' '_database_2.pdbx_database_accession' 
12 5 'Structure model' '_struct_conn.pdbx_leaving_atom_flag' 
13 5 'Structure model' '_struct_ref_seq_dif.details'         
14 5 'Structure model' '_struct_site.pdbx_auth_asym_id'      
15 5 'Structure model' '_struct_site.pdbx_auth_comp_id'      
16 5 'Structure model' '_struct_site.pdbx_auth_seq_id'       
17 6 'Structure model' '_chem_comp_atom.atom_id'             
18 6 'Structure model' '_chem_comp_bond.atom_id_2'           
# 
_pdbx_database_status.entry_id                        2FUF 
_pdbx_database_status.deposit_site                    RCSB 
_pdbx_database_status.process_site                    RCSB 
_pdbx_database_status.recvd_initial_deposition_date   2006-01-26 
_pdbx_database_status.status_code                     REL 
_pdbx_database_status.status_code_sf                  REL 
_pdbx_database_status.status_code_mr                  ? 
_pdbx_database_status.SG_entry                        ? 
_pdbx_database_status.pdb_format_compatible           Y 
_pdbx_database_status.status_code_cs                  ? 
_pdbx_database_status.methods_development_category    ? 
_pdbx_database_status.status_code_nmr_data            ? 
# 
_pdbx_database_related.db_name        PDB 
_pdbx_database_related.db_id          1TBD 
_pdbx_database_related.details        'NMR structure of same protein' 
_pdbx_database_related.content_type   unspecified 
# 
loop_
_audit_author.name 
_audit_author.pdbx_ordinal 
'Meinke, G.'    1 
'Bullock, P.A.' 2 
'Bohm, A.'      3 
# 
_citation.id                        primary 
_citation.title                     'Crystal structure of the simian virus 40 large T-antigen origin-binding domain.' 
_citation.journal_abbrev            J.Virol. 
_citation.journal_volume            80 
_citation.page_first                4304 
_citation.page_last                 4312 
_citation.year                      2006 
_citation.journal_id_ASTM           JOVIAM 
_citation.country                   US 
_citation.journal_id_ISSN           0022-538X 
_citation.journal_id_CSD            0825 
_citation.book_publisher            ? 
_citation.pdbx_database_id_PubMed   16611889 
_citation.pdbx_database_id_DOI      10.1128/JVI.80.9.4304-4312.2006 
# 
loop_
_citation_author.citation_id 
_citation_author.name 
_citation_author.ordinal 
_citation_author.identifier_ORCID 
primary 'Meinke, G.'    1 ? 
primary 'Bullock, P.A.' 2 ? 
primary 'Bohm, A.'      3 ? 
# 
loop_
_entity.id 
_entity.type 
_entity.src_method 
_entity.pdbx_description 
_entity.formula_weight 
_entity.pdbx_number_of_molecules 
_entity.pdbx_ec 
_entity.pdbx_mutation 
_entity.pdbx_fragment 
_entity.details 
1 polymer     man 'Large T antigen' 15508.424 1   ? ? 'DNA binding domain (residues 131-259)' ? 
2 non-polymer syn 'CITRATE ANION'   189.100   1   ? ? ?                                       ? 
3 water       nat water             18.015    170 ? ? ?                                       ? 
# 
_entity_poly.entity_id                      1 
_entity_poly.type                           'polypeptide(L)' 
_entity_poly.nstd_linkage                   no 
_entity_poly.nstd_monomer                   yes 
_entity_poly.pdbx_seq_one_letter_code       
;GSKVEDPKDFPSELLSFLSHAVFSNRTLACFAIYTTKEKAALLYKKI(MSE)EKYSVTFISRHNSYNHNILFFLTPHRHR
VSAINNYAQKLCTFSFLICKGVNKEYL(MSE)YSALTRDPFSVIEESLPGGLKEHDFNPESS
;
_entity_poly.pdbx_seq_one_letter_code_can   
;GSKVEDPKDFPSELLSFLSHAVFSNRTLACFAIYTTKEKAALLYKKIMEKYSVTFISRHNSYNHNILFFLTPHRHRVSAI
NNYAQKLCTFSFLICKGVNKEYLMYSALTRDPFSVIEESLPGGLKEHDFNPESS
;
_entity_poly.pdbx_strand_id                 A 
_entity_poly.pdbx_target_identifier         ? 
# 
loop_
_pdbx_entity_nonpoly.entity_id 
_pdbx_entity_nonpoly.name 
_pdbx_entity_nonpoly.comp_id 
2 'CITRATE ANION' FLC 
3 water           HOH 
# 
loop_
_entity_poly_seq.entity_id 
_entity_poly_seq.num 
_entity_poly_seq.mon_id 
_entity_poly_seq.hetero 
1 1   GLY n 
1 2   SER n 
1 3   LYS n 
1 4   VAL n 
1 5   GLU n 
1 6   ASP n 
1 7   PRO n 
1 8   LYS n 
1 9   ASP n 
1 10  PHE n 
1 11  PRO n 
1 12  SER n 
1 13  GLU n 
1 14  LEU n 
1 15  LEU n 
1 16  SER n 
1 17  PHE n 
1 18  LEU n 
1 19  SER n 
1 20  HIS n 
1 21  ALA n 
1 22  VAL n 
1 23  PHE n 
1 24  SER n 
1 25  ASN n 
1 26  ARG n 
1 27  THR n 
1 28  LEU n 
1 29  ALA n 
1 30  CYS n 
1 31  PHE n 
1 32  ALA n 
1 33  ILE n 
1 34  TYR n 
1 35  THR n 
1 36  THR n 
1 37  LYS n 
1 38  GLU n 
1 39  LYS n 
1 40  ALA n 
1 41  ALA n 
1 42  LEU n 
1 43  LEU n 
1 44  TYR n 
1 45  LYS n 
1 46  LYS n 
1 47  ILE n 
1 48  MSE n 
1 49  GLU n 
1 50  LYS n 
1 51  TYR n 
1 52  SER n 
1 53  VAL n 
1 54  THR n 
1 55  PHE n 
1 56  ILE n 
1 57  SER n 
1 58  ARG n 
1 59  HIS n 
1 60  ASN n 
1 61  SER n 
1 62  TYR n 
1 63  ASN n 
1 64  HIS n 
1 65  ASN n 
1 66  ILE n 
1 67  LEU n 
1 68  PHE n 
1 69  PHE n 
1 70  LEU n 
1 71  THR n 
1 72  PRO n 
1 73  HIS n 
1 74  ARG n 
1 75  HIS n 
1 76  ARG n 
1 77  VAL n 
1 78  SER n 
1 79  ALA n 
1 80  ILE n 
1 81  ASN n 
1 82  ASN n 
1 83  TYR n 
1 84  ALA n 
1 85  GLN n 
1 86  LYS n 
1 87  LEU n 
1 88  CYS n 
1 89  THR n 
1 90  PHE n 
1 91  SER n 
1 92  PHE n 
1 93  LEU n 
1 94  ILE n 
1 95  CYS n 
1 96  LYS n 
1 97  GLY n 
1 98  VAL n 
1 99  ASN n 
1 100 LYS n 
1 101 GLU n 
1 102 TYR n 
1 103 LEU n 
1 104 MSE n 
1 105 TYR n 
1 106 SER n 
1 107 ALA n 
1 108 LEU n 
1 109 THR n 
1 110 ARG n 
1 111 ASP n 
1 112 PRO n 
1 113 PHE n 
1 114 SER n 
1 115 VAL n 
1 116 ILE n 
1 117 GLU n 
1 118 GLU n 
1 119 SER n 
1 120 LEU n 
1 121 PRO n 
1 122 GLY n 
1 123 GLY n 
1 124 LEU n 
1 125 LYS n 
1 126 GLU n 
1 127 HIS n 
1 128 ASP n 
1 129 PHE n 
1 130 ASN n 
1 131 PRO n 
1 132 GLU n 
1 133 SER n 
1 134 SER n 
# 
_entity_src_gen.entity_id                          1 
_entity_src_gen.pdbx_src_id                        1 
_entity_src_gen.pdbx_alt_source_flag               sample 
_entity_src_gen.pdbx_seq_type                      ? 
_entity_src_gen.pdbx_beg_seq_num                   ? 
_entity_src_gen.pdbx_end_seq_num                   ? 
_entity_src_gen.gene_src_common_name               ? 
_entity_src_gen.gene_src_genus                     Polyomavirus 
_entity_src_gen.pdbx_gene_src_gene                 'SV40 A GENE' 
_entity_src_gen.gene_src_species                   ? 
_entity_src_gen.gene_src_strain                    ? 
_entity_src_gen.gene_src_tissue                    ? 
_entity_src_gen.gene_src_tissue_fraction           ? 
_entity_src_gen.gene_src_details                   ? 
_entity_src_gen.pdbx_gene_src_fragment             ? 
_entity_src_gen.pdbx_gene_src_scientific_name      'Simian virus 40' 
_entity_src_gen.pdbx_gene_src_ncbi_taxonomy_id     10633 
_entity_src_gen.pdbx_gene_src_variant              ? 
_entity_src_gen.pdbx_gene_src_cell_line            ? 
_entity_src_gen.pdbx_gene_src_atcc                 ? 
_entity_src_gen.pdbx_gene_src_organ                ? 
_entity_src_gen.pdbx_gene_src_organelle            ? 
_entity_src_gen.pdbx_gene_src_cell                 ? 
_entity_src_gen.pdbx_gene_src_cellular_location    ? 
_entity_src_gen.host_org_common_name               ? 
_entity_src_gen.pdbx_host_org_scientific_name      'Escherichia coli BL21' 
_entity_src_gen.pdbx_host_org_ncbi_taxonomy_id     511693 
_entity_src_gen.host_org_genus                     Escherichia 
_entity_src_gen.pdbx_host_org_gene                 ? 
_entity_src_gen.pdbx_host_org_organ                ? 
_entity_src_gen.host_org_species                   'Escherichia coli' 
_entity_src_gen.pdbx_host_org_tissue               ? 
_entity_src_gen.pdbx_host_org_tissue_fraction      ? 
_entity_src_gen.pdbx_host_org_strain               BL21 
_entity_src_gen.pdbx_host_org_variant              ? 
_entity_src_gen.pdbx_host_org_cell_line            ? 
_entity_src_gen.pdbx_host_org_atcc                 ? 
_entity_src_gen.pdbx_host_org_culture_collection   ? 
_entity_src_gen.pdbx_host_org_cell                 ? 
_entity_src_gen.pdbx_host_org_organelle            ? 
_entity_src_gen.pdbx_host_org_cellular_location    ? 
_entity_src_gen.pdbx_host_org_vector_type          PLASMID 
_entity_src_gen.pdbx_host_org_vector               ? 
_entity_src_gen.host_org_details                   ? 
_entity_src_gen.expression_system_id               ? 
_entity_src_gen.plasmid_name                       pGEX-1lT 
_entity_src_gen.plasmid_details                    ? 
_entity_src_gen.pdbx_description                   ? 
# 
loop_
_chem_comp.id 
_chem_comp.type 
_chem_comp.mon_nstd_flag 
_chem_comp.name 
_chem_comp.pdbx_synonyms 
_chem_comp.formula 
_chem_comp.formula_weight 
ALA 'L-peptide linking' y ALANINE          ? 'C3 H7 N O2'     89.093  
ARG 'L-peptide linking' y ARGININE         ? 'C6 H15 N4 O2 1' 175.209 
ASN 'L-peptide linking' y ASPARAGINE       ? 'C4 H8 N2 O3'    132.118 
ASP 'L-peptide linking' y 'ASPARTIC ACID'  ? 'C4 H7 N O4'     133.103 
CYS 'L-peptide linking' y CYSTEINE         ? 'C3 H7 N O2 S'   121.158 
FLC non-polymer         . 'CITRATE ANION'  ? 'C6 H5 O7 -3'    189.100 
GLN 'L-peptide linking' y GLUTAMINE        ? 'C5 H10 N2 O3'   146.144 
GLU 'L-peptide linking' y 'GLUTAMIC ACID'  ? 'C5 H9 N O4'     147.129 
GLY 'peptide linking'   y GLYCINE          ? 'C2 H5 N O2'     75.067  
HIS 'L-peptide linking' y HISTIDINE        ? 'C6 H10 N3 O2 1' 156.162 
HOH non-polymer         . WATER            ? 'H2 O'           18.015  
ILE 'L-peptide linking' y ISOLEUCINE       ? 'C6 H13 N O2'    131.173 
LEU 'L-peptide linking' y LEUCINE          ? 'C6 H13 N O2'    131.173 
LYS 'L-peptide linking' y LYSINE           ? 'C6 H15 N2 O2 1' 147.195 
MET 'L-peptide linking' y METHIONINE       ? 'C5 H11 N O2 S'  149.211 
MSE 'L-peptide linking' n SELENOMETHIONINE ? 'C5 H11 N O2 Se' 196.106 
PHE 'L-peptide linking' y PHENYLALANINE    ? 'C9 H11 N O2'    165.189 
PRO 'L-peptide linking' y PROLINE          ? 'C5 H9 N O2'     115.130 
SER 'L-peptide linking' y SERINE           ? 'C3 H7 N O3'     105.093 
THR 'L-peptide linking' y THREONINE        ? 'C4 H9 N O3'     119.119 
TYR 'L-peptide linking' y TYROSINE         ? 'C9 H11 N O3'    181.189 
VAL 'L-peptide linking' y VALINE           ? 'C5 H11 N O2'    117.146 
# 
loop_
_pdbx_poly_seq_scheme.asym_id 
_pdbx_poly_seq_scheme.entity_id 
_pdbx_poly_seq_scheme.seq_id 
_pdbx_poly_seq_scheme.mon_id 
_pdbx_poly_seq_scheme.ndb_seq_num 
_pdbx_poly_seq_scheme.pdb_seq_num 
_pdbx_poly_seq_scheme.auth_seq_num 
_pdbx_poly_seq_scheme.pdb_mon_id 
_pdbx_poly_seq_scheme.auth_mon_id 
_pdbx_poly_seq_scheme.pdb_strand_id 
_pdbx_poly_seq_scheme.pdb_ins_code 
_pdbx_poly_seq_scheme.hetero 
A 1 1   GLY 1   129 ?   ?   ?   A . n 
A 1 2   SER 2   130 ?   ?   ?   A . n 
A 1 3   LYS 3   131 131 LYS LYS A . n 
A 1 4   VAL 4   132 132 VAL VAL A . n 
A 1 5   GLU 5   133 133 GLU GLU A . n 
A 1 6   ASP 6   134 134 ASP ASP A . n 
A 1 7   PRO 7   135 135 PRO PRO A . n 
A 1 8   LYS 8   136 136 LYS LYS A . n 
A 1 9   ASP 9   137 137 ASP ASP A . n 
A 1 10  PHE 10  138 138 PHE PHE A . n 
A 1 11  PRO 11  139 139 PRO PRO A . n 
A 1 12  SER 12  140 140 SER SER A . n 
A 1 13  GLU 13  141 141 GLU GLU A . n 
A 1 14  LEU 14  142 142 LEU LEU A . n 
A 1 15  LEU 15  143 143 LEU LEU A . n 
A 1 16  SER 16  144 144 SER SER A . n 
A 1 17  PHE 17  145 145 PHE PHE A . n 
A 1 18  LEU 18  146 146 LEU LEU A . n 
A 1 19  SER 19  147 147 SER SER A . n 
A 1 20  HIS 20  148 148 HIS HIS A . n 
A 1 21  ALA 21  149 149 ALA ALA A . n 
A 1 22  VAL 22  150 150 VAL VAL A . n 
A 1 23  PHE 23  151 151 PHE PHE A . n 
A 1 24  SER 24  152 152 SER SER A . n 
A 1 25  ASN 25  153 153 ASN ASN A . n 
A 1 26  ARG 26  154 154 ARG ARG A . n 
A 1 27  THR 27  155 155 THR THR A . n 
A 1 28  LEU 28  156 156 LEU LEU A . n 
A 1 29  ALA 29  157 157 ALA ALA A . n 
A 1 30  CYS 30  158 158 CYS CYS A . n 
A 1 31  PHE 31  159 159 PHE PHE A . n 
A 1 32  ALA 32  160 160 ALA ALA A . n 
A 1 33  ILE 33  161 161 ILE ILE A . n 
A 1 34  TYR 34  162 162 TYR TYR A . n 
A 1 35  THR 35  163 163 THR THR A . n 
A 1 36  THR 36  164 164 THR THR A . n 
A 1 37  LYS 37  165 165 LYS LYS A . n 
A 1 38  GLU 38  166 166 GLU GLU A . n 
A 1 39  LYS 39  167 167 LYS LYS A . n 
A 1 40  ALA 40  168 168 ALA ALA A . n 
A 1 41  ALA 41  169 169 ALA ALA A . n 
A 1 42  LEU 42  170 170 LEU LEU A . n 
A 1 43  LEU 43  171 171 LEU LEU A . n 
A 1 44  TYR 44  172 172 TYR TYR A . n 
A 1 45  LYS 45  173 173 LYS LYS A . n 
A 1 46  LYS 46  174 174 LYS LYS A . n 
A 1 47  ILE 47  175 175 ILE ILE A . n 
A 1 48  MSE 48  176 176 MSE MSE A . n 
A 1 49  GLU 49  177 177 GLU GLU A . n 
A 1 50  LYS 50  178 178 LYS LYS A . n 
A 1 51  TYR 51  179 179 TYR TYR A . n 
A 1 52  SER 52  180 180 SER SER A . n 
A 1 53  VAL 53  181 181 VAL VAL A . n 
A 1 54  THR 54  182 182 THR THR A . n 
A 1 55  PHE 55  183 183 PHE PHE A . n 
A 1 56  ILE 56  184 184 ILE ILE A . n 
A 1 57  SER 57  185 185 SER SER A . n 
A 1 58  ARG 58  186 186 ARG ARG A . n 
A 1 59  HIS 59  187 187 HIS HIS A . n 
A 1 60  ASN 60  188 188 ASN ASN A . n 
A 1 61  SER 61  189 189 SER SER A . n 
A 1 62  TYR 62  190 190 TYR TYR A . n 
A 1 63  ASN 63  191 191 ASN ASN A . n 
A 1 64  HIS 64  192 192 HIS HIS A . n 
A 1 65  ASN 65  193 193 ASN ASN A . n 
A 1 66  ILE 66  194 194 ILE ILE A . n 
A 1 67  LEU 67  195 195 LEU LEU A . n 
A 1 68  PHE 68  196 196 PHE PHE A . n 
A 1 69  PHE 69  197 197 PHE PHE A . n 
A 1 70  LEU 70  198 198 LEU LEU A . n 
A 1 71  THR 71  199 199 THR THR A . n 
A 1 72  PRO 72  200 200 PRO PRO A . n 
A 1 73  HIS 73  201 201 HIS HIS A . n 
A 1 74  ARG 74  202 202 ARG ARG A . n 
A 1 75  HIS 75  203 203 HIS HIS A . n 
A 1 76  ARG 76  204 204 ARG ARG A . n 
A 1 77  VAL 77  205 205 VAL VAL A . n 
A 1 78  SER 78  206 206 SER SER A . n 
A 1 79  ALA 79  207 207 ALA ALA A . n 
A 1 80  ILE 80  208 208 ILE ILE A . n 
A 1 81  ASN 81  209 209 ASN ASN A . n 
A 1 82  ASN 82  210 210 ASN ASN A . n 
A 1 83  TYR 83  211 211 TYR TYR A . n 
A 1 84  ALA 84  212 212 ALA ALA A . n 
A 1 85  GLN 85  213 213 GLN GLN A . n 
A 1 86  LYS 86  214 214 LYS LYS A . n 
A 1 87  LEU 87  215 215 LEU LEU A . n 
A 1 88  CYS 88  216 216 CYS CYS A . n 
A 1 89  THR 89  217 217 THR THR A . n 
A 1 90  PHE 90  218 218 PHE PHE A . n 
A 1 91  SER 91  219 219 SER SER A . n 
A 1 92  PHE 92  220 220 PHE PHE A . n 
A 1 93  LEU 93  221 221 LEU LEU A . n 
A 1 94  ILE 94  222 222 ILE ILE A . n 
A 1 95  CYS 95  223 223 CYS CYS A . n 
A 1 96  LYS 96  224 224 LYS LYS A . n 
A 1 97  GLY 97  225 225 GLY GLY A . n 
A 1 98  VAL 98  226 226 VAL VAL A . n 
A 1 99  ASN 99  227 227 ASN ASN A . n 
A 1 100 LYS 100 228 228 LYS LYS A . n 
A 1 101 GLU 101 229 229 GLU GLU A . n 
A 1 102 TYR 102 230 230 TYR TYR A . n 
A 1 103 LEU 103 231 231 LEU LEU A . n 
A 1 104 MSE 104 232 232 MSE MSE A . n 
A 1 105 TYR 105 233 233 TYR TYR A . n 
A 1 106 SER 106 234 234 SER SER A . n 
A 1 107 ALA 107 235 235 ALA ALA A . n 
A 1 108 LEU 108 236 236 LEU LEU A . n 
A 1 109 THR 109 237 237 THR THR A . n 
A 1 110 ARG 110 238 238 ARG ARG A . n 
A 1 111 ASP 111 239 239 ASP ASP A . n 
A 1 112 PRO 112 240 240 PRO PRO A . n 
A 1 113 PHE 113 241 241 PHE PHE A . n 
A 1 114 SER 114 242 242 SER SER A . n 
A 1 115 VAL 115 243 243 VAL VAL A . n 
A 1 116 ILE 116 244 244 ILE ILE A . n 
A 1 117 GLU 117 245 245 GLU GLU A . n 
A 1 118 GLU 118 246 246 GLU GLU A . n 
A 1 119 SER 119 247 247 SER SER A . n 
A 1 120 LEU 120 248 248 LEU LEU A . n 
A 1 121 PRO 121 249 249 PRO PRO A . n 
A 1 122 GLY 122 250 250 GLY GLY A . n 
A 1 123 GLY 123 251 251 GLY GLY A . n 
A 1 124 LEU 124 252 252 LEU LEU A . n 
A 1 125 LYS 125 253 253 LYS LYS A . n 
A 1 126 GLU 126 254 254 GLU GLU A . n 
A 1 127 HIS 127 255 255 HIS HIS A . n 
A 1 128 ASP 128 256 256 ASP ASP A . n 
A 1 129 PHE 129 257 ?   ?   ?   A . n 
A 1 130 ASN 130 258 ?   ?   ?   A . n 
A 1 131 PRO 131 259 ?   ?   ?   A . n 
A 1 132 GLU 132 260 ?   ?   ?   A . n 
A 1 133 SER 133 261 ?   ?   ?   A . n 
A 1 134 SER 134 262 ?   ?   ?   A . n 
# 
loop_
_pdbx_nonpoly_scheme.asym_id 
_pdbx_nonpoly_scheme.entity_id 
_pdbx_nonpoly_scheme.mon_id 
_pdbx_nonpoly_scheme.ndb_seq_num 
_pdbx_nonpoly_scheme.pdb_seq_num 
_pdbx_nonpoly_scheme.auth_seq_num 
_pdbx_nonpoly_scheme.pdb_mon_id 
_pdbx_nonpoly_scheme.auth_mon_id 
_pdbx_nonpoly_scheme.pdb_strand_id 
_pdbx_nonpoly_scheme.pdb_ins_code 
B 2 FLC 1   263 200 FLC FLC A . 
C 3 HOH 1   264 1   HOH HOH A . 
C 3 HOH 2   265 2   HOH HOH A . 
C 3 HOH 3   266 3   HOH HOH A . 
C 3 HOH 4   267 4   HOH HOH A . 
C 3 HOH 5   268 5   HOH HOH A . 
C 3 HOH 6   269 6   HOH HOH A . 
C 3 HOH 7   270 7   HOH HOH A . 
C 3 HOH 8   271 8   HOH HOH A . 
C 3 HOH 9   272 9   HOH HOH A . 
C 3 HOH 10  273 10  HOH HOH A . 
C 3 HOH 11  274 11  HOH HOH A . 
C 3 HOH 12  275 12  HOH HOH A . 
C 3 HOH 13  276 13  HOH HOH A . 
C 3 HOH 14  277 14  HOH HOH A . 
C 3 HOH 15  278 15  HOH HOH A . 
C 3 HOH 16  279 16  HOH HOH A . 
C 3 HOH 17  280 17  HOH HOH A . 
C 3 HOH 18  281 18  HOH HOH A . 
C 3 HOH 19  282 19  HOH HOH A . 
C 3 HOH 20  283 20  HOH HOH A . 
C 3 HOH 21  284 21  HOH HOH A . 
C 3 HOH 22  285 22  HOH HOH A . 
C 3 HOH 23  286 23  HOH HOH A . 
C 3 HOH 24  287 24  HOH HOH A . 
C 3 HOH 25  288 25  HOH HOH A . 
C 3 HOH 26  289 26  HOH HOH A . 
C 3 HOH 27  290 27  HOH HOH A . 
C 3 HOH 28  291 28  HOH HOH A . 
C 3 HOH 29  292 29  HOH HOH A . 
C 3 HOH 30  293 30  HOH HOH A . 
C 3 HOH 31  294 31  HOH HOH A . 
C 3 HOH 32  295 32  HOH HOH A . 
C 3 HOH 33  296 33  HOH HOH A . 
C 3 HOH 34  297 34  HOH HOH A . 
C 3 HOH 35  298 35  HOH HOH A . 
C 3 HOH 36  299 36  HOH HOH A . 
C 3 HOH 37  300 37  HOH HOH A . 
C 3 HOH 38  301 38  HOH HOH A . 
C 3 HOH 39  302 39  HOH HOH A . 
C 3 HOH 40  303 40  HOH HOH A . 
C 3 HOH 41  304 41  HOH HOH A . 
C 3 HOH 42  305 42  HOH HOH A . 
C 3 HOH 43  306 43  HOH HOH A . 
C 3 HOH 44  307 44  HOH HOH A . 
C 3 HOH 45  308 45  HOH HOH A . 
C 3 HOH 46  309 46  HOH HOH A . 
C 3 HOH 47  310 47  HOH HOH A . 
C 3 HOH 48  311 48  HOH HOH A . 
C 3 HOH 49  312 49  HOH HOH A . 
C 3 HOH 50  313 50  HOH HOH A . 
C 3 HOH 51  314 51  HOH HOH A . 
C 3 HOH 52  315 52  HOH HOH A . 
C 3 HOH 53  316 53  HOH HOH A . 
C 3 HOH 54  317 54  HOH HOH A . 
C 3 HOH 55  318 55  HOH HOH A . 
C 3 HOH 56  319 56  HOH HOH A . 
C 3 HOH 57  320 57  HOH HOH A . 
C 3 HOH 58  321 58  HOH HOH A . 
C 3 HOH 59  322 59  HOH HOH A . 
C 3 HOH 60  323 60  HOH HOH A . 
C 3 HOH 61  324 61  HOH HOH A . 
C 3 HOH 62  325 62  HOH HOH A . 
C 3 HOH 63  326 63  HOH HOH A . 
C 3 HOH 64  327 64  HOH HOH A . 
C 3 HOH 65  328 65  HOH HOH A . 
C 3 HOH 66  329 66  HOH HOH A . 
C 3 HOH 67  330 67  HOH HOH A . 
C 3 HOH 68  331 68  HOH HOH A . 
C 3 HOH 69  332 69  HOH HOH A . 
C 3 HOH 70  333 70  HOH HOH A . 
C 3 HOH 71  334 71  HOH HOH A . 
C 3 HOH 72  335 72  HOH HOH A . 
C 3 HOH 73  336 73  HOH HOH A . 
C 3 HOH 74  337 74  HOH HOH A . 
C 3 HOH 75  338 75  HOH HOH A . 
C 3 HOH 76  339 76  HOH HOH A . 
C 3 HOH 77  340 77  HOH HOH A . 
C 3 HOH 78  341 78  HOH HOH A . 
C 3 HOH 79  342 79  HOH HOH A . 
C 3 HOH 80  343 80  HOH HOH A . 
C 3 HOH 81  344 81  HOH HOH A . 
C 3 HOH 82  345 82  HOH HOH A . 
C 3 HOH 83  346 83  HOH HOH A . 
C 3 HOH 84  347 84  HOH HOH A . 
C 3 HOH 85  348 85  HOH HOH A . 
C 3 HOH 86  349 86  HOH HOH A . 
C 3 HOH 87  350 87  HOH HOH A . 
C 3 HOH 88  351 88  HOH HOH A . 
C 3 HOH 89  352 89  HOH HOH A . 
C 3 HOH 90  353 90  HOH HOH A . 
C 3 HOH 91  354 91  HOH HOH A . 
C 3 HOH 92  355 92  HOH HOH A . 
C 3 HOH 93  356 93  HOH HOH A . 
C 3 HOH 94  357 94  HOH HOH A . 
C 3 HOH 95  358 95  HOH HOH A . 
C 3 HOH 96  359 96  HOH HOH A . 
C 3 HOH 97  360 97  HOH HOH A . 
C 3 HOH 98  361 98  HOH HOH A . 
C 3 HOH 99  362 99  HOH HOH A . 
C 3 HOH 100 363 100 HOH HOH A . 
C 3 HOH 101 364 101 HOH HOH A . 
C 3 HOH 102 365 102 HOH HOH A . 
C 3 HOH 103 366 103 HOH HOH A . 
C 3 HOH 104 367 104 HOH HOH A . 
C 3 HOH 105 368 105 HOH HOH A . 
C 3 HOH 106 369 106 HOH HOH A . 
C 3 HOH 107 370 107 HOH HOH A . 
C 3 HOH 108 371 108 HOH HOH A . 
C 3 HOH 109 372 109 HOH HOH A . 
C 3 HOH 110 373 110 HOH HOH A . 
C 3 HOH 111 374 111 HOH HOH A . 
C 3 HOH 112 375 112 HOH HOH A . 
C 3 HOH 113 376 113 HOH HOH A . 
C 3 HOH 114 377 114 HOH HOH A . 
C 3 HOH 115 378 115 HOH HOH A . 
C 3 HOH 116 379 116 HOH HOH A . 
C 3 HOH 117 380 117 HOH HOH A . 
C 3 HOH 118 381 118 HOH HOH A . 
C 3 HOH 119 382 119 HOH HOH A . 
C 3 HOH 120 383 120 HOH HOH A . 
C 3 HOH 121 384 121 HOH HOH A . 
C 3 HOH 122 385 122 HOH HOH A . 
C 3 HOH 123 386 123 HOH HOH A . 
C 3 HOH 124 387 124 HOH HOH A . 
C 3 HOH 125 388 125 HOH HOH A . 
C 3 HOH 126 389 126 HOH HOH A . 
C 3 HOH 127 390 127 HOH HOH A . 
C 3 HOH 128 391 128 HOH HOH A . 
C 3 HOH 129 392 129 HOH HOH A . 
C 3 HOH 130 393 130 HOH HOH A . 
C 3 HOH 131 394 131 HOH HOH A . 
C 3 HOH 132 395 132 HOH HOH A . 
C 3 HOH 133 396 133 HOH HOH A . 
C 3 HOH 134 397 134 HOH HOH A . 
C 3 HOH 135 398 135 HOH HOH A . 
C 3 HOH 136 399 136 HOH HOH A . 
C 3 HOH 137 400 137 HOH HOH A . 
C 3 HOH 138 401 138 HOH HOH A . 
C 3 HOH 139 402 139 HOH HOH A . 
C 3 HOH 140 403 140 HOH HOH A . 
C 3 HOH 141 404 141 HOH HOH A . 
C 3 HOH 142 405 142 HOH HOH A . 
C 3 HOH 143 406 143 HOH HOH A . 
C 3 HOH 144 407 144 HOH HOH A . 
C 3 HOH 145 408 145 HOH HOH A . 
C 3 HOH 146 409 146 HOH HOH A . 
C 3 HOH 147 410 147 HOH HOH A . 
C 3 HOH 148 411 148 HOH HOH A . 
C 3 HOH 149 412 149 HOH HOH A . 
C 3 HOH 150 413 150 HOH HOH A . 
C 3 HOH 151 414 151 HOH HOH A . 
C 3 HOH 152 415 152 HOH HOH A . 
C 3 HOH 153 416 153 HOH HOH A . 
C 3 HOH 154 417 154 HOH HOH A . 
C 3 HOH 155 418 155 HOH HOH A . 
C 3 HOH 156 419 156 HOH HOH A . 
C 3 HOH 157 420 157 HOH HOH A . 
C 3 HOH 158 421 158 HOH HOH A . 
C 3 HOH 159 422 159 HOH HOH A . 
C 3 HOH 160 423 160 HOH HOH A . 
C 3 HOH 161 424 161 HOH HOH A . 
C 3 HOH 162 425 162 HOH HOH A . 
C 3 HOH 163 426 163 HOH HOH A . 
C 3 HOH 164 427 164 HOH HOH A . 
C 3 HOH 165 428 165 HOH HOH A . 
C 3 HOH 166 429 166 HOH HOH A . 
C 3 HOH 167 430 167 HOH HOH A . 
C 3 HOH 168 431 168 HOH HOH A . 
C 3 HOH 169 432 169 HOH HOH A . 
C 3 HOH 170 433 170 HOH HOH A . 
# 
loop_
_software.name 
_software.version 
_software.date 
_software.type 
_software.contact_author 
_software.contact_author_email 
_software.classification 
_software.location 
_software.language 
_software.citation_id 
_software.pdbx_ordinal 
DENZO       .     ?              package 'Zbyszek Otwinowski' zbyszek@mix.swmed.edu       'data reduction'  
http://www.lnls.br/infra/linhasluz/denzo-hkl.htm ?       ? 1 
SCALEPACK   .     ?              package 'Zbyszek Otwinowski' zbyszek@mix.swmed.edu       'data scaling'    
http://www.lnls.br/infra/linhasluz/denzo-hkl.htm ?       ? 2 
PHASER      .     ?              program 'R. J. Read'         cimr-phaser@lists.cam.ac.uk phasing           
http://www-structmed.cimr.cam.ac.uk/phaser/      ?       ? 3 
SOLVE       2.08  14-Sept-2004   program 'Tom Terwilliger'    terwilliger@LANL.gov        phasing           
http://www.solve.lanl.gov/                       ?       ? 4 
RESOLVE     2.08  14-Sept-2004   program 'Terwilliger, T. C'  terwilliger@LANL.gov        phasing           
http://www.solve.lanl.gov/                       ?       ? 5 
REFMAC      .     ?              program 'Murshudov, G.N.'    ccp4@dl.ac.uk               refinement        
http://www.ccp4.ac.uk/main.html                  Fortran ? 6 
PDB_EXTRACT 1.701 'Nov. 1, 2005' package PDB                  sw-help@rcsb.rutgers.edu    'data extraction' 
http://pdb.rutgers.edu/software/                 C++     ? 7 
# 
_cell.length_a           83.669 
_cell.length_b           83.669 
_cell.length_c           35.880 
_cell.angle_alpha        90.00 
_cell.angle_beta         90.00 
_cell.angle_gamma        120.00 
_cell.entry_id           2FUF 
_cell.pdbx_unique_axis   ? 
_cell.Z_PDB              6 
_cell.length_a_esd       ? 
_cell.length_b_esd       ? 
_cell.length_c_esd       ? 
_cell.angle_alpha_esd    ? 
_cell.angle_beta_esd     ? 
_cell.angle_gamma_esd    ? 
# 
_symmetry.space_group_name_H-M             'P 65' 
_symmetry.entry_id                         2FUF 
_symmetry.pdbx_full_space_group_name_H-M   ? 
_symmetry.Int_Tables_number                170 
_symmetry.cell_setting                     ? 
_symmetry.space_group_name_Hall            ? 
# 
_exptl.entry_id          2FUF 
_exptl.crystals_number   1 
_exptl.method            'X-RAY DIFFRACTION' 
# 
_exptl_crystal.id                    1 
_exptl_crystal.density_Matthews      2.34 
_exptl_crystal.density_meas          ? 
_exptl_crystal.density_percent_sol   47.36 
_exptl_crystal.description           ? 
_exptl_crystal.F_000                 ? 
_exptl_crystal.preparation           ? 
# 
_exptl_crystal_grow.crystal_id      1 
_exptl_crystal_grow.method          'VAPOR DIFFUSION, HANGING DROP' 
_exptl_crystal_grow.pH              6.7 
_exptl_crystal_grow.temp            298 
_exptl_crystal_grow.temp_details    ? 
_exptl_crystal_grow.pdbx_details    '1.6 M Sodium citrate, pH 6.7, VAPOR DIFFUSION, HANGING DROP, temperature 298K' 
_exptl_crystal_grow.pdbx_pH_range   . 
# 
_diffrn.id                     1 
_diffrn.ambient_temp           100 
_diffrn.ambient_temp_details   ? 
_diffrn.crystal_id             1 
# 
_diffrn_detector.diffrn_id              1 
_diffrn_detector.detector               CCD 
_diffrn_detector.type                   'ADSC QUANTUM 315' 
_diffrn_detector.pdbx_collection_date   2005-03-07 
_diffrn_detector.details                crystal 
# 
_diffrn_radiation.diffrn_id                        1 
_diffrn_radiation.wavelength_id                    1 
_diffrn_radiation.pdbx_diffrn_protocol             'SINGLE WAVELENGTH' 
_diffrn_radiation.monochromator                    'double crystal' 
_diffrn_radiation.pdbx_monochromatic_or_laue_m_l   M 
_diffrn_radiation.pdbx_scattering_type             x-ray 
# 
_diffrn_radiation_wavelength.id           1 
_diffrn_radiation_wavelength.wavelength   0.9793 
_diffrn_radiation_wavelength.wt           1.0 
# 
_diffrn_source.diffrn_id                   1 
_diffrn_source.source                      SYNCHROTRON 
_diffrn_source.type                        'NSLS BEAMLINE X29A' 
_diffrn_source.pdbx_wavelength             ? 
_diffrn_source.pdbx_wavelength_list        0.9793 
_diffrn_source.pdbx_synchrotron_site       NSLS 
_diffrn_source.pdbx_synchrotron_beamline   X29A 
# 
_reflns.entry_id                     2FUF 
_reflns.d_resolution_high            1.450 
_reflns.d_resolution_low             50.000 
_reflns.number_obs                   24796 
_reflns.pdbx_Rmerge_I_obs            0.07 
_reflns.pdbx_netI_over_sigmaI        53.6 
_reflns.pdbx_chi_squared             2.052 
_reflns.pdbx_redundancy              10.900 
_reflns.percent_possible_obs         98.700 
_reflns.observed_criterion_sigma_F   0 
_reflns.observed_criterion_sigma_I   0 
_reflns.number_all                   25306 
_reflns.pdbx_Rsym_value              0.07 
_reflns.B_iso_Wilson_estimate        23.3 
_reflns.R_free_details               ? 
_reflns.limit_h_max                  ? 
_reflns.limit_h_min                  ? 
_reflns.limit_k_max                  ? 
_reflns.limit_k_min                  ? 
_reflns.limit_l_max                  ? 
_reflns.limit_l_min                  ? 
_reflns.observed_criterion_F_max     ? 
_reflns.observed_criterion_F_min     ? 
_reflns.pdbx_scaling_rejects         ? 
_reflns.pdbx_ordinal                 1 
_reflns.pdbx_diffrn_id               1 
# 
_reflns_shell.d_res_high             1.45 
_reflns_shell.d_res_low              1.50 
_reflns_shell.number_measured_obs    ? 
_reflns_shell.number_measured_all    ? 
_reflns_shell.number_unique_obs      2416 
_reflns_shell.Rmerge_I_obs           0.441 
_reflns_shell.meanI_over_sigI_obs    4.5 
_reflns_shell.pdbx_Rsym_value        0.441 
_reflns_shell.pdbx_chi_squared       0.790 
_reflns_shell.pdbx_redundancy        9.70 
_reflns_shell.percent_possible_obs   96.30 
_reflns_shell.number_unique_all      2416 
_reflns_shell.percent_possible_all   96.3 
_reflns_shell.pdbx_ordinal           1 
_reflns_shell.pdbx_diffrn_id         1 
# 
_refine.ls_d_res_high                            1.450 
_refine.ls_d_res_low                             50 
_refine.pdbx_ls_sigma_F                          0.00 
_refine.ls_percent_reflns_obs                    98.740 
_refine.ls_number_reflns_obs                     24796 
_refine.pdbx_ls_cross_valid_method               THROUGHOUT 
_refine.pdbx_R_Free_selection_details            RANDOM 
_refine.details                                  'HYDROGENS HAVE BEEN ADDED IN THE RIDING POSITIONS' 
_refine.ls_R_factor_all                          0.17 
_refine.ls_R_factor_R_work                       0.169 
_refine.ls_R_factor_R_free                       0.189 
_refine.ls_percent_reflns_R_free                 4.900 
_refine.ls_number_reflns_R_free                  1252 
_refine.B_iso_mean                               19.648 
_refine.aniso_B[1][1]                            -0.200 
_refine.aniso_B[2][2]                            -0.200 
_refine.aniso_B[3][3]                            0.300 
_refine.aniso_B[1][2]                            -0.100 
_refine.aniso_B[1][3]                            0.000 
_refine.aniso_B[2][3]                            0.000 
_refine.correlation_coeff_Fo_to_Fc               0.966 
_refine.correlation_coeff_Fo_to_Fc_free          0.959 
_refine.pdbx_overall_ESU_R                       0.065 
_refine.pdbx_overall_ESU_R_Free                  0.064 
_refine.overall_SU_ML                            0.037 
_refine.overall_SU_B                             1.905 
_refine.solvent_model_details                    MASK 
_refine.pdbx_solvent_vdw_probe_radii             1.200 
_refine.pdbx_solvent_ion_probe_radii             0.800 
_refine.pdbx_solvent_shrinkage_radii             0.800 
_refine.pdbx_method_to_determine_struct          SAD 
_refine.pdbx_stereochemistry_target_values       'MAXIMUM LIKELIHOOD' 
_refine.entry_id                                 2FUF 
_refine.pdbx_ls_sigma_I                          0.00 
_refine.ls_number_reflns_all                     25306 
_refine.ls_R_factor_obs                          0.17 
_refine.ls_redundancy_reflns_obs                 ? 
_refine.pdbx_data_cutoff_high_absF               ? 
_refine.pdbx_data_cutoff_low_absF                ? 
_refine.ls_number_parameters                     ? 
_refine.ls_number_restraints                     ? 
_refine.ls_R_factor_R_free_error                 ? 
_refine.ls_R_factor_R_free_error_details         ? 
_refine.pdbx_starting_model                      1TBD 
_refine.pdbx_stereochem_target_val_spec_case     ? 
_refine.solvent_model_param_bsol                 ? 
_refine.solvent_model_param_ksol                 ? 
_refine.occupancy_max                            ? 
_refine.occupancy_min                            ? 
_refine.pdbx_isotropic_thermal_model             ? 
_refine.B_iso_min                                ? 
_refine.B_iso_max                                ? 
_refine.overall_SU_R_Cruickshank_DPI             ? 
_refine.overall_SU_R_free                        ? 
_refine.pdbx_data_cutoff_high_rms_absF           ? 
_refine.ls_wR_factor_R_free                      ? 
_refine.ls_wR_factor_R_work                      ? 
_refine.overall_FOM_free_R_set                   ? 
_refine.overall_FOM_work_R_set                   ? 
_refine.pdbx_refine_id                           'X-RAY DIFFRACTION' 
_refine.pdbx_TLS_residual_ADP_flag               'LIKELY RESIDUAL' 
_refine.pdbx_diffrn_id                           1 
_refine.pdbx_overall_phase_error                 ? 
_refine.pdbx_overall_SU_R_free_Cruickshank_DPI   ? 
_refine.pdbx_overall_SU_R_Blow_DPI               ? 
_refine.pdbx_overall_SU_R_free_Blow_DPI          ? 
# 
_refine_hist.pdbx_refine_id                   'X-RAY DIFFRACTION' 
_refine_hist.cycle_id                         LAST 
_refine_hist.pdbx_number_atoms_protein        1029 
_refine_hist.pdbx_number_atoms_nucleic_acid   0 
_refine_hist.pdbx_number_atoms_ligand         13 
_refine_hist.number_atoms_solvent             170 
_refine_hist.number_atoms_total               1212 
_refine_hist.d_res_high                       1.450 
_refine_hist.d_res_low                        50 
# 
loop_
_refine_ls_restr.type 
_refine_ls_restr.number 
_refine_ls_restr.dev_ideal 
_refine_ls_restr.dev_ideal_target 
_refine_ls_restr.weight 
_refine_ls_restr.pdbx_refine_id 
_refine_ls_restr.pdbx_restraint_function 
r_bond_refined_d         1143 0.008  0.022  ? 'X-RAY DIFFRACTION' ? 
r_angle_refined_deg      1558 1.141  1.961  ? 'X-RAY DIFFRACTION' ? 
r_dihedral_angle_1_deg   144  6.000  5.000  ? 'X-RAY DIFFRACTION' ? 
r_dihedral_angle_2_deg   49   29.999 23.265 ? 'X-RAY DIFFRACTION' ? 
r_dihedral_angle_3_deg   205  12.112 15.000 ? 'X-RAY DIFFRACTION' ? 
r_dihedral_angle_4_deg   5    7.742  15.000 ? 'X-RAY DIFFRACTION' ? 
r_chiral_restr           170  0.082  0.200  ? 'X-RAY DIFFRACTION' ? 
r_gen_planes_refined     879  0.005  0.020  ? 'X-RAY DIFFRACTION' ? 
r_nbd_refined            554  0.199  0.200  ? 'X-RAY DIFFRACTION' ? 
r_nbtor_refined          820  0.307  0.200  ? 'X-RAY DIFFRACTION' ? 
r_xyhbond_nbd_refined    138  0.096  0.200  ? 'X-RAY DIFFRACTION' ? 
r_symmetry_vdw_refined   68   0.212  0.200  ? 'X-RAY DIFFRACTION' ? 
r_symmetry_hbond_refined 21   0.151  0.200  ? 'X-RAY DIFFRACTION' ? 
r_mcbond_it              705  0.716  1.500  ? 'X-RAY DIFFRACTION' ? 
r_mcangle_it             1127 1.195  2.000  ? 'X-RAY DIFFRACTION' ? 
r_scbond_it              489  1.791  3.000  ? 'X-RAY DIFFRACTION' ? 
r_scangle_it             429  2.671  4.500  ? 'X-RAY DIFFRACTION' ? 
# 
_refine_ls_shell.d_res_high                       1.45 
_refine_ls_shell.d_res_low                        1.488 
_refine_ls_shell.pdbx_total_number_of_bins_used   20 
_refine_ls_shell.percent_reflns_obs               96.000 
_refine_ls_shell.number_reflns_R_work             1707 
_refine_ls_shell.R_factor_all                     ? 
_refine_ls_shell.R_factor_R_work                  0.205 
_refine_ls_shell.R_factor_R_free                  0.27 
_refine_ls_shell.percent_reflns_R_free            ? 
_refine_ls_shell.number_reflns_R_free             91 
_refine_ls_shell.R_factor_R_free_error            ? 
_refine_ls_shell.number_reflns_all                ? 
_refine_ls_shell.number_reflns_obs                1798 
_refine_ls_shell.redundancy_reflns_obs            ? 
_refine_ls_shell.pdbx_refine_id                   'X-RAY DIFFRACTION' 
# 
_struct.entry_id                  2FUF 
_struct.title                     'Crystal structure of the SV40 large T antigen origin-binding domain' 
_struct.pdbx_model_details        ? 
_struct.pdbx_CASP_flag            ? 
_struct.pdbx_model_type_details   ? 
# 
_struct_keywords.entry_id        2FUF 
_struct_keywords.pdbx_keywords   'DNA BINDING PROTEIN' 
_struct_keywords.text            'Replication origin binding domain, dna replication, DNA BINDING PROTEIN' 
# 
loop_
_struct_asym.id 
_struct_asym.pdbx_blank_PDB_chainid_flag 
_struct_asym.pdbx_modified 
_struct_asym.entity_id 
_struct_asym.details 
A N N 1 ? 
B N N 2 ? 
C N N 3 ? 
# 
_struct_ref.id                         1 
_struct_ref.db_name                    UNP 
_struct_ref.db_code                    TALA_SV40 
_struct_ref.pdbx_db_accession          P03070 
_struct_ref.entity_id                  1 
_struct_ref.pdbx_align_begin           131 
_struct_ref.pdbx_db_isoform            ? 
_struct_ref.pdbx_seq_one_letter_code   ? 
# 
_struct_ref_seq.align_id                      1 
_struct_ref_seq.ref_id                        1 
_struct_ref_seq.pdbx_PDB_id_code              2FUF 
_struct_ref_seq.pdbx_strand_id                A 
_struct_ref_seq.seq_align_beg                 3 
_struct_ref_seq.pdbx_seq_align_beg_ins_code   ? 
_struct_ref_seq.seq_align_end                 131 
_struct_ref_seq.pdbx_seq_align_end_ins_code   ? 
_struct_ref_seq.pdbx_db_accession             P03070 
_struct_ref_seq.db_align_beg                  131 
_struct_ref_seq.pdbx_db_align_beg_ins_code    ? 
_struct_ref_seq.db_align_end                  260 
_struct_ref_seq.pdbx_db_align_end_ins_code    ? 
_struct_ref_seq.pdbx_auth_seq_align_beg       131 
_struct_ref_seq.pdbx_auth_seq_align_end       259 
# 
loop_
_struct_ref_seq_dif.align_id 
_struct_ref_seq_dif.pdbx_pdb_id_code 
_struct_ref_seq_dif.mon_id 
_struct_ref_seq_dif.pdbx_pdb_strand_id 
_struct_ref_seq_dif.seq_num 
_struct_ref_seq_dif.pdbx_pdb_ins_code 
_struct_ref_seq_dif.pdbx_seq_db_name 
_struct_ref_seq_dif.pdbx_seq_db_accession_code 
_struct_ref_seq_dif.db_mon_id 
_struct_ref_seq_dif.pdbx_seq_db_seq_num 
_struct_ref_seq_dif.details 
_struct_ref_seq_dif.pdbx_auth_seq_num 
_struct_ref_seq_dif.pdbx_ordinal 
1 2FUF GLY A 1   ? UNP P03070 ?   ?   'cloning artifact' 129 1 
1 2FUF SER A 2   ? UNP P03070 ?   ?   'cloning artifact' 130 2 
1 2FUF MSE A 48  ? UNP P03070 MET 176 'modified residue' 176 3 
1 2FUF MSE A 104 ? UNP P03070 MET 232 'modified residue' 232 4 
1 2FUF SER A 133 ? UNP P03070 ?   ?   'cloning artifact' 261 5 
1 2FUF SER A 134 ? UNP P03070 ?   ?   'cloning artifact' 262 6 
# 
_pdbx_struct_assembly.id                   1 
_pdbx_struct_assembly.details              author_defined_assembly 
_pdbx_struct_assembly.method_details       ? 
_pdbx_struct_assembly.oligomeric_details   hexameric 
_pdbx_struct_assembly.oligomeric_count     6 
# 
_pdbx_struct_assembly_gen.assembly_id       1 
_pdbx_struct_assembly_gen.oper_expression   1,2,3,4,5,6 
_pdbx_struct_assembly_gen.asym_id_list      A,B,C 
# 
loop_
_pdbx_struct_oper_list.id 
_pdbx_struct_oper_list.type 
_pdbx_struct_oper_list.name 
_pdbx_struct_oper_list.symmetry_operation 
_pdbx_struct_oper_list.matrix[1][1] 
_pdbx_struct_oper_list.matrix[1][2] 
_pdbx_struct_oper_list.matrix[1][3] 
_pdbx_struct_oper_list.vector[1] 
_pdbx_struct_oper_list.matrix[2][1] 
_pdbx_struct_oper_list.matrix[2][2] 
_pdbx_struct_oper_list.matrix[2][3] 
_pdbx_struct_oper_list.vector[2] 
_pdbx_struct_oper_list.matrix[3][1] 
_pdbx_struct_oper_list.matrix[3][2] 
_pdbx_struct_oper_list.matrix[3][3] 
_pdbx_struct_oper_list.vector[3] 
1 'identity operation'         1_555 x,y,z             1.0000000000  0.0000000000  0.0000000000  0.0000000000   0.0000000000  1.0000000000  0.0000000000  0.0000000000   0.0000000000  0.0000000000  1.0000000000  0.0000000000   
2 'crystal symmetry operation' 6_655 x-y+1,x,z+5/6     0.5870927135  0.4724360202  0.6573631817  -19.9275145271 -0.7199978552 0.6759241953  0.1572563853  -5.8473365539  -0.3700340988 -0.5656241588 0.7369830912  -36.3883022547 
3 'crystal symmetry operation' 2_765 -y+2,x-y+1,z+2/3  -0.2387218595 0.2248741851  0.9446922645  -43.3349283309 -0.9675596902 0.0277725859  -0.2511113882 -22.4570892687 -0.0827050159 -0.9739919324 0.2109492735  -27.8229525948 
4 'crystal symmetry operation' 4_775 -x+2,-y+2,z+1/2   -0.6516291459 -0.4951236701 0.5746581658  -59.2937503823 -0.4951236701 -0.2963032188 -0.8167355471 -15.4837793465 0.5746581658  -0.8167355471 -0.0520676353 -3.4540160462  
5 'crystal symmetry operation' 3_675 -x+y+1,-x+2,z+1/3 -0.2387218595 -0.9675596902 -0.0827050159 -49.3493740749 0.2248741851  0.0277725859  -0.9739919324 4.5521380738   0.9446922645  -0.2511113882 0.2109492735  16.4665139157  
6 'crystal symmetry operation' 5_565 y,-x+y+1,z+1/6    0.5870927135  -0.7199978552 -0.3700340988 -20.9503911612 0.4724360202  0.6759241953  -0.5656241588 14.0676003553  0.6573631817  0.1572563853  0.7369830912  16.1350504022  
# 
_struct_biol.id                    1 
_struct_biol.details               
;The biological assembly is a hexamer generated from the monomer 
in the asymmetric unit by the operations:y,-x+y+1,z+1/6 and -x+y+1,-x+2,z+1/3 and -x+2,-y+2,z+1/2, and -y+2,x-y+1,z+2/3 and x-y+1,x,z+5/6
;
_struct_biol.pdbx_parent_biol_id   ? 
# 
loop_
_struct_conf.conf_type_id 
_struct_conf.id 
_struct_conf.pdbx_PDB_helix_id 
_struct_conf.beg_label_comp_id 
_struct_conf.beg_label_asym_id 
_struct_conf.beg_label_seq_id 
_struct_conf.pdbx_beg_PDB_ins_code 
_struct_conf.end_label_comp_id 
_struct_conf.end_label_asym_id 
_struct_conf.end_label_seq_id 
_struct_conf.pdbx_end_PDB_ins_code 
_struct_conf.beg_auth_comp_id 
_struct_conf.beg_auth_asym_id 
_struct_conf.beg_auth_seq_id 
_struct_conf.end_auth_comp_id 
_struct_conf.end_auth_asym_id 
_struct_conf.end_auth_seq_id 
_struct_conf.pdbx_PDB_helix_class 
_struct_conf.details 
_struct_conf.pdbx_PDB_helix_length 
HELX_P HELX_P1 1 PRO A 11  ? LEU A 18  ? PRO A 139 LEU A 146 5 ? 8  
HELX_P HELX_P2 2 THR A 36  ? TYR A 51  ? THR A 164 TYR A 179 1 ? 16 
HELX_P HELX_P3 3 ARG A 76  ? CYS A 88  ? ARG A 204 CYS A 216 1 ? 13 
HELX_P HELX_P4 4 LYS A 100 ? THR A 109 ? LYS A 228 THR A 237 1 ? 10 
HELX_P HELX_P5 5 GLY A 122 ? HIS A 127 ? GLY A 250 HIS A 255 1 ? 6  
# 
_struct_conf_type.id          HELX_P 
_struct_conf_type.criteria    ? 
_struct_conf_type.reference   ? 
# 
loop_
_struct_conn.id 
_struct_conn.conn_type_id 
_struct_conn.pdbx_leaving_atom_flag 
_struct_conn.pdbx_PDB_id 
_struct_conn.ptnr1_label_asym_id 
_struct_conn.ptnr1_label_comp_id 
_struct_conn.ptnr1_label_seq_id 
_struct_conn.ptnr1_label_atom_id 
_struct_conn.pdbx_ptnr1_label_alt_id 
_struct_conn.pdbx_ptnr1_PDB_ins_code 
_struct_conn.pdbx_ptnr1_standard_comp_id 
_struct_conn.ptnr1_symmetry 
_struct_conn.ptnr2_label_asym_id 
_struct_conn.ptnr2_label_comp_id 
_struct_conn.ptnr2_label_seq_id 
_struct_conn.ptnr2_label_atom_id 
_struct_conn.pdbx_ptnr2_label_alt_id 
_struct_conn.pdbx_ptnr2_PDB_ins_code 
_struct_conn.ptnr1_auth_asym_id 
_struct_conn.ptnr1_auth_comp_id 
_struct_conn.ptnr1_auth_seq_id 
_struct_conn.ptnr2_auth_asym_id 
_struct_conn.ptnr2_auth_comp_id 
_struct_conn.ptnr2_auth_seq_id 
_struct_conn.ptnr2_symmetry 
_struct_conn.pdbx_ptnr3_label_atom_id 
_struct_conn.pdbx_ptnr3_label_seq_id 
_struct_conn.pdbx_ptnr3_label_comp_id 
_struct_conn.pdbx_ptnr3_label_asym_id 
_struct_conn.pdbx_ptnr3_label_alt_id 
_struct_conn.pdbx_ptnr3_PDB_ins_code 
_struct_conn.details 
_struct_conn.pdbx_dist_value 
_struct_conn.pdbx_value_order 
_struct_conn.pdbx_role 
covale1 covale both ? A ILE 47  C ? ? ? 1_555 A MSE 48  N ? ? A ILE 175 A MSE 176 1_555 ? ? ? ? ? ? ? 1.331 ? ? 
covale2 covale both ? A MSE 48  C ? ? ? 1_555 A GLU 49  N ? ? A MSE 176 A GLU 177 1_555 ? ? ? ? ? ? ? 1.325 ? ? 
covale3 covale both ? A LEU 103 C ? ? ? 1_555 A MSE 104 N ? ? A LEU 231 A MSE 232 1_555 ? ? ? ? ? ? ? 1.332 ? ? 
covale4 covale both ? A MSE 104 C ? ? ? 1_555 A TYR 105 N ? ? A MSE 232 A TYR 233 1_555 ? ? ? ? ? ? ? 1.331 ? ? 
# 
_struct_conn_type.id          covale 
_struct_conn_type.criteria    ? 
_struct_conn_type.reference   ? 
# 
loop_
_pdbx_modification_feature.ordinal 
_pdbx_modification_feature.label_comp_id 
_pdbx_modification_feature.label_asym_id 
_pdbx_modification_feature.label_seq_id 
_pdbx_modification_feature.label_alt_id 
_pdbx_modification_feature.modified_residue_label_comp_id 
_pdbx_modification_feature.modified_residue_label_asym_id 
_pdbx_modification_feature.modified_residue_label_seq_id 
_pdbx_modification_feature.modified_residue_label_alt_id 
_pdbx_modification_feature.auth_comp_id 
_pdbx_modification_feature.auth_asym_id 
_pdbx_modification_feature.auth_seq_id 
_pdbx_modification_feature.PDB_ins_code 
_pdbx_modification_feature.symmetry 
_pdbx_modification_feature.modified_residue_auth_comp_id 
_pdbx_modification_feature.modified_residue_auth_asym_id 
_pdbx_modification_feature.modified_residue_auth_seq_id 
_pdbx_modification_feature.modified_residue_PDB_ins_code 
_pdbx_modification_feature.modified_residue_symmetry 
_pdbx_modification_feature.comp_id_linking_atom 
_pdbx_modification_feature.modified_residue_id_linking_atom 
_pdbx_modification_feature.modified_residue_id 
_pdbx_modification_feature.ref_pcm_id 
_pdbx_modification_feature.ref_comp_id 
_pdbx_modification_feature.type 
_pdbx_modification_feature.category 
1 MSE A 48  ? . . . . MSE A 176 ? 1_555 . . . . . . . MET 1 MSE Selenomethionine 'Named protein modification' 
2 MSE A 104 ? . . . . MSE A 232 ? 1_555 . . . . . . . MET 1 MSE Selenomethionine 'Named protein modification' 
# 
loop_
_struct_mon_prot_cis.pdbx_id 
_struct_mon_prot_cis.label_comp_id 
_struct_mon_prot_cis.label_seq_id 
_struct_mon_prot_cis.label_asym_id 
_struct_mon_prot_cis.label_alt_id 
_struct_mon_prot_cis.pdbx_PDB_ins_code 
_struct_mon_prot_cis.auth_comp_id 
_struct_mon_prot_cis.auth_seq_id 
_struct_mon_prot_cis.auth_asym_id 
_struct_mon_prot_cis.pdbx_label_comp_id_2 
_struct_mon_prot_cis.pdbx_label_seq_id_2 
_struct_mon_prot_cis.pdbx_label_asym_id_2 
_struct_mon_prot_cis.pdbx_PDB_ins_code_2 
_struct_mon_prot_cis.pdbx_auth_comp_id_2 
_struct_mon_prot_cis.pdbx_auth_seq_id_2 
_struct_mon_prot_cis.pdbx_auth_asym_id_2 
_struct_mon_prot_cis.pdbx_PDB_model_num 
_struct_mon_prot_cis.pdbx_omega_angle 
1 ASP 111 A . ? ASP 239 A PRO 112 A ? PRO 240 A 1 6.92 
2 ASP 111 A . ? ASP 239 A PRO 112 A ? PRO 240 A 1 4.75 
# 
_struct_sheet.id               A 
_struct_sheet.type             ? 
_struct_sheet.number_strands   5 
_struct_sheet.details          ? 
# 
loop_
_struct_sheet_order.sheet_id 
_struct_sheet_order.range_id_1 
_struct_sheet_order.range_id_2 
_struct_sheet_order.offset 
_struct_sheet_order.sense 
A 1 2 ? anti-parallel 
A 2 3 ? anti-parallel 
A 3 4 ? anti-parallel 
A 4 5 ? anti-parallel 
# 
loop_
_struct_sheet_range.sheet_id 
_struct_sheet_range.id 
_struct_sheet_range.beg_label_comp_id 
_struct_sheet_range.beg_label_asym_id 
_struct_sheet_range.beg_label_seq_id 
_struct_sheet_range.pdbx_beg_PDB_ins_code 
_struct_sheet_range.end_label_comp_id 
_struct_sheet_range.end_label_asym_id 
_struct_sheet_range.end_label_seq_id 
_struct_sheet_range.pdbx_end_PDB_ins_code 
_struct_sheet_range.beg_auth_comp_id 
_struct_sheet_range.beg_auth_asym_id 
_struct_sheet_range.beg_auth_seq_id 
_struct_sheet_range.end_auth_comp_id 
_struct_sheet_range.end_auth_asym_id 
_struct_sheet_range.end_auth_seq_id 
A 1 LEU A 93  ? GLY A 97  ? LEU A 221 GLY A 225 
A 2 LEU A 28  ? THR A 35  ? LEU A 156 THR A 163 
A 3 HIS A 64  ? HIS A 75  ? HIS A 192 HIS A 203 
A 4 PHE A 55  ? SER A 61  ? PHE A 183 SER A 189 
A 5 SER A 114 ? GLU A 118 ? SER A 242 GLU A 246 
# 
loop_
_pdbx_struct_sheet_hbond.sheet_id 
_pdbx_struct_sheet_hbond.range_id_1 
_pdbx_struct_sheet_hbond.range_id_2 
_pdbx_struct_sheet_hbond.range_1_label_atom_id 
_pdbx_struct_sheet_hbond.range_1_label_comp_id 
_pdbx_struct_sheet_hbond.range_1_label_asym_id 
_pdbx_struct_sheet_hbond.range_1_label_seq_id 
_pdbx_struct_sheet_hbond.range_1_PDB_ins_code 
_pdbx_struct_sheet_hbond.range_1_auth_atom_id 
_pdbx_struct_sheet_hbond.range_1_auth_comp_id 
_pdbx_struct_sheet_hbond.range_1_auth_asym_id 
_pdbx_struct_sheet_hbond.range_1_auth_seq_id 
_pdbx_struct_sheet_hbond.range_2_label_atom_id 
_pdbx_struct_sheet_hbond.range_2_label_comp_id 
_pdbx_struct_sheet_hbond.range_2_label_asym_id 
_pdbx_struct_sheet_hbond.range_2_label_seq_id 
_pdbx_struct_sheet_hbond.range_2_PDB_ins_code 
_pdbx_struct_sheet_hbond.range_2_auth_atom_id 
_pdbx_struct_sheet_hbond.range_2_auth_comp_id 
_pdbx_struct_sheet_hbond.range_2_auth_asym_id 
_pdbx_struct_sheet_hbond.range_2_auth_seq_id 
A 1 2 O ILE A 94 ? O ILE A 222 N TYR A 34  ? N TYR A 162 
A 2 3 N LEU A 28 ? N LEU A 156 O HIS A 75  ? O HIS A 203 
A 3 4 O PHE A 68 ? O PHE A 196 N SER A 57  ? N SER A 185 
A 4 5 N ARG A 58 ? N ARG A 186 O ILE A 116 ? O ILE A 244 
# 
_struct_site.id                   AC1 
_struct_site.pdbx_evidence_code   Software 
_struct_site.pdbx_auth_asym_id    A 
_struct_site.pdbx_auth_comp_id    FLC 
_struct_site.pdbx_auth_seq_id     263 
_struct_site.pdbx_auth_ins_code   ? 
_struct_site.pdbx_num_residues    9 
_struct_site.details              'BINDING SITE FOR RESIDUE FLC A 263' 
# 
loop_
_struct_site_gen.id 
_struct_site_gen.site_id 
_struct_site_gen.pdbx_num_res 
_struct_site_gen.label_comp_id 
_struct_site_gen.label_asym_id 
_struct_site_gen.label_seq_id 
_struct_site_gen.pdbx_auth_ins_code 
_struct_site_gen.auth_comp_id 
_struct_site_gen.auth_asym_id 
_struct_site_gen.auth_seq_id 
_struct_site_gen.label_atom_id 
_struct_site_gen.label_alt_id 
_struct_site_gen.symmetry 
_struct_site_gen.details 
1 AC1 9 THR A 36  ? THR A 164 . ? 1_555 ? 
2 AC1 9 LYS A 37  ? LYS A 165 . ? 1_555 ? 
3 AC1 9 ASN A 63  ? ASN A 191 . ? 1_555 ? 
4 AC1 9 HIS A 64  ? HIS A 192 . ? 1_555 ? 
5 AC1 9 ARG A 110 ? ARG A 238 . ? 4_674 ? 
6 AC1 9 HOH C .   ? HOH A 281 . ? 1_555 ? 
7 AC1 9 HOH C .   ? HOH A 305 . ? 1_555 ? 
8 AC1 9 HOH C .   ? HOH A 334 . ? 4_674 ? 
9 AC1 9 HOH C .   ? HOH A 391 . ? 1_555 ? 
# 
_pdbx_entry_details.entry_id                   2FUF 
_pdbx_entry_details.compound_details           ? 
_pdbx_entry_details.source_details             ? 
_pdbx_entry_details.nonpolymer_details         ? 
_pdbx_entry_details.sequence_details           ? 
_pdbx_entry_details.has_ligand_of_interest     ? 
_pdbx_entry_details.has_protein_modification   Y 
# 
loop_
_pdbx_validate_torsion.id 
_pdbx_validate_torsion.PDB_model_num 
_pdbx_validate_torsion.auth_comp_id 
_pdbx_validate_torsion.auth_asym_id 
_pdbx_validate_torsion.auth_seq_id 
_pdbx_validate_torsion.PDB_ins_code 
_pdbx_validate_torsion.label_alt_id 
_pdbx_validate_torsion.phi 
_pdbx_validate_torsion.psi 
1 1 HIS A 192 ? ? -119.11 -167.41 
2 1 ASP A 239 ? B -29.69  125.98  
# 
loop_
_pdbx_struct_mod_residue.id 
_pdbx_struct_mod_residue.label_asym_id 
_pdbx_struct_mod_residue.label_comp_id 
_pdbx_struct_mod_residue.label_seq_id 
_pdbx_struct_mod_residue.auth_asym_id 
_pdbx_struct_mod_residue.auth_comp_id 
_pdbx_struct_mod_residue.auth_seq_id 
_pdbx_struct_mod_residue.PDB_ins_code 
_pdbx_struct_mod_residue.parent_comp_id 
_pdbx_struct_mod_residue.details 
1 A MSE 48  A MSE 176 ? MET SELENOMETHIONINE 
2 A MSE 104 A MSE 232 ? MET SELENOMETHIONINE 
# 
_diffrn_reflns.diffrn_id                   1 
_diffrn_reflns.pdbx_d_res_high             1.450 
_diffrn_reflns.pdbx_d_res_low              50.000 
_diffrn_reflns.pdbx_number_obs             25306 
_diffrn_reflns.pdbx_Rmerge_I_obs           0.070 
_diffrn_reflns.pdbx_Rsym_value             ? 
_diffrn_reflns.pdbx_chi_squared            2.05 
_diffrn_reflns.av_sigmaI_over_netI         12.10 
_diffrn_reflns.pdbx_redundancy             10.90 
_diffrn_reflns.pdbx_percent_possible_obs   98.70 
_diffrn_reflns.number                      275942 
_diffrn_reflns.pdbx_observed_criterion     ? 
_diffrn_reflns.limit_h_max                 ? 
_diffrn_reflns.limit_h_min                 ? 
_diffrn_reflns.limit_k_max                 ? 
_diffrn_reflns.limit_k_min                 ? 
_diffrn_reflns.limit_l_max                 ? 
_diffrn_reflns.limit_l_min                 ? 
# 
loop_
_pdbx_diffrn_reflns_shell.diffrn_id 
_pdbx_diffrn_reflns_shell.d_res_high 
_pdbx_diffrn_reflns_shell.d_res_low 
_pdbx_diffrn_reflns_shell.number_obs 
_pdbx_diffrn_reflns_shell.rejects 
_pdbx_diffrn_reflns_shell.Rmerge_I_obs 
_pdbx_diffrn_reflns_shell.Rsym_value 
_pdbx_diffrn_reflns_shell.chi_squared 
_pdbx_diffrn_reflns_shell.redundancy 
_pdbx_diffrn_reflns_shell.percent_possible_obs 
1 3.12 50.00 2652 ? 0.050 ? 5.181 10.90 99.60 
1 2.48 3.12  2581 ? 0.064 ? 3.604 10.60 99.70 
1 2.17 2.48  2545 ? 0.074 ? 2.912 11.00 99.50 
1 1.97 2.17  2538 ? 0.084 ? 2.179 11.10 99.00 
1 1.83 1.97  2550 ? 0.107 ? 1.569 11.20 99.20 
1 1.72 1.83  2505 ? 0.142 ? 1.202 11.20 98.90 
1 1.63 1.72  2516 ? 0.193 ? 1.024 11.20 98.60 
1 1.56 1.63  2513 ? 0.260 ? 0.927 11.20 98.30 
1 1.50 1.56  2490 ? 0.343 ? 0.835 10.90 97.60 
1 1.45 1.50  2416 ? 0.441 ? 0.790 9.70  96.30 
# 
_pdbx_refine_tls.id               1 
_pdbx_refine_tls.details          ? 
_pdbx_refine_tls.method           refined 
_pdbx_refine_tls.origin_x         -0.1817 
_pdbx_refine_tls.origin_y         0.0435 
_pdbx_refine_tls.origin_z         0.0574 
_pdbx_refine_tls.T[1][1]          -0.0445 
_pdbx_refine_tls.T[2][2]          -0.0383 
_pdbx_refine_tls.T[3][3]          -0.0162 
_pdbx_refine_tls.T[1][2]          -0.0087 
_pdbx_refine_tls.T[1][3]          0.0071 
_pdbx_refine_tls.T[2][3]          -0.0032 
_pdbx_refine_tls.L[1][1]          1.3374 
_pdbx_refine_tls.L[2][2]          0.7988 
_pdbx_refine_tls.L[3][3]          0.8111 
_pdbx_refine_tls.L[1][2]          0.1464 
_pdbx_refine_tls.L[1][3]          0.1609 
_pdbx_refine_tls.L[2][3]          0.0898 
_pdbx_refine_tls.S[1][1]          -0.0018 
_pdbx_refine_tls.S[2][2]          -0.0236 
_pdbx_refine_tls.S[3][3]          0.0254 
_pdbx_refine_tls.S[1][2]          -0.0131 
_pdbx_refine_tls.S[1][3]          -0.0662 
_pdbx_refine_tls.S[2][3]          0.0014 
_pdbx_refine_tls.S[2][1]          0.0490 
_pdbx_refine_tls.S[3][1]          -0.0440 
_pdbx_refine_tls.S[3][2]          0.0563 
_pdbx_refine_tls.pdbx_refine_id   'X-RAY DIFFRACTION' 
# 
_pdbx_refine_tls_group.id                  1 
_pdbx_refine_tls_group.refine_tls_id       1 
_pdbx_refine_tls_group.beg_label_asym_id   A 
_pdbx_refine_tls_group.beg_label_seq_id    3 
_pdbx_refine_tls_group.end_label_asym_id   A 
_pdbx_refine_tls_group.end_label_seq_id    128 
_pdbx_refine_tls_group.selection           ALL 
_pdbx_refine_tls_group.beg_auth_asym_id    A 
_pdbx_refine_tls_group.beg_auth_seq_id     131 
_pdbx_refine_tls_group.end_auth_asym_id    A 
_pdbx_refine_tls_group.end_auth_seq_id     256 
_pdbx_refine_tls_group.pdbx_refine_id      'X-RAY DIFFRACTION' 
_pdbx_refine_tls_group.selection_details   ? 
# 
loop_
_pdbx_phasing_MAD_set_site.id 
_pdbx_phasing_MAD_set_site.atom_type_symbol 
_pdbx_phasing_MAD_set_site.occupancy 
_pdbx_phasing_MAD_set_site.fract_x 
_pdbx_phasing_MAD_set_site.fract_y 
_pdbx_phasing_MAD_set_site.fract_z 
_pdbx_phasing_MAD_set_site.b_iso 
1 Se 1.647 0.594 0.029 0.006 9.544  
2 Se 2.430 0.701 0.819 0.146 23.852 
# 
loop_
_pdbx_phasing_MAD_shell.d_res_low 
_pdbx_phasing_MAD_shell.d_res_high 
_pdbx_phasing_MAD_shell.reflns 
_pdbx_phasing_MAD_shell.fom 
30.00 8.86 251 0.480 
8.86  5.64 430 0.530 
5.64  4.42 536 0.530 
4.42  3.76 628 0.550 
3.76  3.32 713 0.560 
3.32  3.01 783 0.560 
3.01  2.77 837 0.570 
2.77  2.58 916 0.570 
# 
_pdbx_phasing_dm.entry_id          2FUF 
_pdbx_phasing_dm.fom_acentric      0.850 
_pdbx_phasing_dm.fom_centric       0.620 
_pdbx_phasing_dm.fom               0.830 
_pdbx_phasing_dm.reflns_acentric   4596 
_pdbx_phasing_dm.reflns_centric    498 
_pdbx_phasing_dm.reflns            5094 
# 
loop_
_pdbx_phasing_dm_shell.d_res_high 
_pdbx_phasing_dm_shell.d_res_low 
_pdbx_phasing_dm_shell.delta_phi_final 
_pdbx_phasing_dm_shell.delta_phi_initial 
_pdbx_phasing_dm_shell.fom_acentric 
_pdbx_phasing_dm_shell.fom_centric 
_pdbx_phasing_dm_shell.fom 
_pdbx_phasing_dm_shell.reflns_acentric 
_pdbx_phasing_dm_shell.reflns_centric 
_pdbx_phasing_dm_shell.reflns 
7.100 27.387 ? ? 0.920 0.750 0.880 169  55  224  
4.500 7.100  ? ? 0.910 0.690 0.880 599  98  697  
3.600 4.500  ? ? 0.920 0.700 0.900 764  90  854  
3.100 3.600  ? ? 0.880 0.650 0.860 789  75  864  
2.700 3.100  ? ? 0.810 0.510 0.790 1386 116 1502 
2.500 2.700  ? ? 0.750 0.480 0.730 889  64  953  
# 
_phasing.method   SAD 
# 
_phasing_MAD.entry_id          2FUF 
_phasing_MAD.pdbx_d_res_high   2.50 
_phasing_MAD.pdbx_d_res_low    30.00 
_phasing_MAD.pdbx_reflns       5094 
_phasing_MAD.pdbx_fom          0.550 
# 
loop_
_pdbx_unobs_or_zero_occ_residues.id 
_pdbx_unobs_or_zero_occ_residues.PDB_model_num 
_pdbx_unobs_or_zero_occ_residues.polymer_flag 
_pdbx_unobs_or_zero_occ_residues.occupancy_flag 
_pdbx_unobs_or_zero_occ_residues.auth_asym_id 
_pdbx_unobs_or_zero_occ_residues.auth_comp_id 
_pdbx_unobs_or_zero_occ_residues.auth_seq_id 
_pdbx_unobs_or_zero_occ_residues.PDB_ins_code 
_pdbx_unobs_or_zero_occ_residues.label_asym_id 
_pdbx_unobs_or_zero_occ_residues.label_comp_id 
_pdbx_unobs_or_zero_occ_residues.label_seq_id 
1 1 Y 1 A GLY 129 ? A GLY 1   
2 1 Y 1 A SER 130 ? A SER 2   
3 1 Y 1 A PHE 257 ? A PHE 129 
4 1 Y 1 A ASN 258 ? A ASN 130 
5 1 Y 1 A PRO 259 ? A PRO 131 
6 1 Y 1 A GLU 260 ? A GLU 132 
7 1 Y 1 A SER 261 ? A SER 133 
8 1 Y 1 A SER 262 ? A SER 134 
# 
loop_
_chem_comp_atom.comp_id 
_chem_comp_atom.atom_id 
_chem_comp_atom.type_symbol 
_chem_comp_atom.pdbx_aromatic_flag 
_chem_comp_atom.pdbx_stereo_config 
_chem_comp_atom.pdbx_ordinal 
ALA N    N  N N 1   
ALA CA   C  N S 2   
ALA C    C  N N 3   
ALA O    O  N N 4   
ALA CB   C  N N 5   
ALA OXT  O  N N 6   
ALA H    H  N N 7   
ALA H2   H  N N 8   
ALA HA   H  N N 9   
ALA HB1  H  N N 10  
ALA HB2  H  N N 11  
ALA HB3  H  N N 12  
ALA HXT  H  N N 13  
ARG N    N  N N 14  
ARG CA   C  N S 15  
ARG C    C  N N 16  
ARG O    O  N N 17  
ARG CB   C  N N 18  
ARG CG   C  N N 19  
ARG CD   C  N N 20  
ARG NE   N  N N 21  
ARG CZ   C  N N 22  
ARG NH1  N  N N 23  
ARG NH2  N  N N 24  
ARG OXT  O  N N 25  
ARG H    H  N N 26  
ARG H2   H  N N 27  
ARG HA   H  N N 28  
ARG HB2  H  N N 29  
ARG HB3  H  N N 30  
ARG HG2  H  N N 31  
ARG HG3  H  N N 32  
ARG HD2  H  N N 33  
ARG HD3  H  N N 34  
ARG HE   H  N N 35  
ARG HH11 H  N N 36  
ARG HH12 H  N N 37  
ARG HH21 H  N N 38  
ARG HH22 H  N N 39  
ARG HXT  H  N N 40  
ASN N    N  N N 41  
ASN CA   C  N S 42  
ASN C    C  N N 43  
ASN O    O  N N 44  
ASN CB   C  N N 45  
ASN CG   C  N N 46  
ASN OD1  O  N N 47  
ASN ND2  N  N N 48  
ASN OXT  O  N N 49  
ASN H    H  N N 50  
ASN H2   H  N N 51  
ASN HA   H  N N 52  
ASN HB2  H  N N 53  
ASN HB3  H  N N 54  
ASN HD21 H  N N 55  
ASN HD22 H  N N 56  
ASN HXT  H  N N 57  
ASP N    N  N N 58  
ASP CA   C  N S 59  
ASP C    C  N N 60  
ASP O    O  N N 61  
ASP CB   C  N N 62  
ASP CG   C  N N 63  
ASP OD1  O  N N 64  
ASP OD2  O  N N 65  
ASP OXT  O  N N 66  
ASP H    H  N N 67  
ASP H2   H  N N 68  
ASP HA   H  N N 69  
ASP HB2  H  N N 70  
ASP HB3  H  N N 71  
ASP HD2  H  N N 72  
ASP HXT  H  N N 73  
CYS N    N  N N 74  
CYS CA   C  N R 75  
CYS C    C  N N 76  
CYS O    O  N N 77  
CYS CB   C  N N 78  
CYS SG   S  N N 79  
CYS OXT  O  N N 80  
CYS H    H  N N 81  
CYS H2   H  N N 82  
CYS HA   H  N N 83  
CYS HB2  H  N N 84  
CYS HB3  H  N N 85  
CYS HG   H  N N 86  
CYS HXT  H  N N 87  
FLC CAC  C  N N 88  
FLC CA   C  N N 89  
FLC CB   C  N N 90  
FLC CBC  C  N N 91  
FLC CG   C  N N 92  
FLC CGC  C  N N 93  
FLC OA1  O  N N 94  
FLC OA2  O  N N 95  
FLC OB1  O  N N 96  
FLC OB2  O  N N 97  
FLC OG1  O  N N 98  
FLC OG2  O  N N 99  
FLC OHB  O  N N 100 
FLC HA1  H  N N 101 
FLC HA2  H  N N 102 
FLC HG1  H  N N 103 
FLC HG2  H  N N 104 
FLC HOB  H  N N 105 
GLN N    N  N N 106 
GLN CA   C  N S 107 
GLN C    C  N N 108 
GLN O    O  N N 109 
GLN CB   C  N N 110 
GLN CG   C  N N 111 
GLN CD   C  N N 112 
GLN OE1  O  N N 113 
GLN NE2  N  N N 114 
GLN OXT  O  N N 115 
GLN H    H  N N 116 
GLN H2   H  N N 117 
GLN HA   H  N N 118 
GLN HB2  H  N N 119 
GLN HB3  H  N N 120 
GLN HG2  H  N N 121 
GLN HG3  H  N N 122 
GLN HE21 H  N N 123 
GLN HE22 H  N N 124 
GLN HXT  H  N N 125 
GLU N    N  N N 126 
GLU CA   C  N S 127 
GLU C    C  N N 128 
GLU O    O  N N 129 
GLU CB   C  N N 130 
GLU CG   C  N N 131 
GLU CD   C  N N 132 
GLU OE1  O  N N 133 
GLU OE2  O  N N 134 
GLU OXT  O  N N 135 
GLU H    H  N N 136 
GLU H2   H  N N 137 
GLU HA   H  N N 138 
GLU HB2  H  N N 139 
GLU HB3  H  N N 140 
GLU HG2  H  N N 141 
GLU HG3  H  N N 142 
GLU HE2  H  N N 143 
GLU HXT  H  N N 144 
GLY N    N  N N 145 
GLY CA   C  N N 146 
GLY C    C  N N 147 
GLY O    O  N N 148 
GLY OXT  O  N N 149 
GLY H    H  N N 150 
GLY H2   H  N N 151 
GLY HA2  H  N N 152 
GLY HA3  H  N N 153 
GLY HXT  H  N N 154 
HIS N    N  N N 155 
HIS CA   C  N S 156 
HIS C    C  N N 157 
HIS O    O  N N 158 
HIS CB   C  N N 159 
HIS CG   C  Y N 160 
HIS ND1  N  Y N 161 
HIS CD2  C  Y N 162 
HIS CE1  C  Y N 163 
HIS NE2  N  Y N 164 
HIS OXT  O  N N 165 
HIS H    H  N N 166 
HIS H2   H  N N 167 
HIS HA   H  N N 168 
HIS HB2  H  N N 169 
HIS HB3  H  N N 170 
HIS HD1  H  N N 171 
HIS HD2  H  N N 172 
HIS HE1  H  N N 173 
HIS HE2  H  N N 174 
HIS HXT  H  N N 175 
HOH O    O  N N 176 
HOH H1   H  N N 177 
HOH H2   H  N N 178 
ILE N    N  N N 179 
ILE CA   C  N S 180 
ILE C    C  N N 181 
ILE O    O  N N 182 
ILE CB   C  N S 183 
ILE CG1  C  N N 184 
ILE CG2  C  N N 185 
ILE CD1  C  N N 186 
ILE OXT  O  N N 187 
ILE H    H  N N 188 
ILE H2   H  N N 189 
ILE HA   H  N N 190 
ILE HB   H  N N 191 
ILE HG12 H  N N 192 
ILE HG13 H  N N 193 
ILE HG21 H  N N 194 
ILE HG22 H  N N 195 
ILE HG23 H  N N 196 
ILE HD11 H  N N 197 
ILE HD12 H  N N 198 
ILE HD13 H  N N 199 
ILE HXT  H  N N 200 
LEU N    N  N N 201 
LEU CA   C  N S 202 
LEU C    C  N N 203 
LEU O    O  N N 204 
LEU CB   C  N N 205 
LEU CG   C  N N 206 
LEU CD1  C  N N 207 
LEU CD2  C  N N 208 
LEU OXT  O  N N 209 
LEU H    H  N N 210 
LEU H2   H  N N 211 
LEU HA   H  N N 212 
LEU HB2  H  N N 213 
LEU HB3  H  N N 214 
LEU HG   H  N N 215 
LEU HD11 H  N N 216 
LEU HD12 H  N N 217 
LEU HD13 H  N N 218 
LEU HD21 H  N N 219 
LEU HD22 H  N N 220 
LEU HD23 H  N N 221 
LEU HXT  H  N N 222 
LYS N    N  N N 223 
LYS CA   C  N S 224 
LYS C    C  N N 225 
LYS O    O  N N 226 
LYS CB   C  N N 227 
LYS CG   C  N N 228 
LYS CD   C  N N 229 
LYS CE   C  N N 230 
LYS NZ   N  N N 231 
LYS OXT  O  N N 232 
LYS H    H  N N 233 
LYS H2   H  N N 234 
LYS HA   H  N N 235 
LYS HB2  H  N N 236 
LYS HB3  H  N N 237 
LYS HG2  H  N N 238 
LYS HG3  H  N N 239 
LYS HD2  H  N N 240 
LYS HD3  H  N N 241 
LYS HE2  H  N N 242 
LYS HE3  H  N N 243 
LYS HZ1  H  N N 244 
LYS HZ2  H  N N 245 
LYS HZ3  H  N N 246 
LYS HXT  H  N N 247 
MET N    N  N N 248 
MET CA   C  N S 249 
MET C    C  N N 250 
MET O    O  N N 251 
MET CB   C  N N 252 
MET CG   C  N N 253 
MET SD   S  N N 254 
MET CE   C  N N 255 
MET OXT  O  N N 256 
MET H    H  N N 257 
MET H2   H  N N 258 
MET HA   H  N N 259 
MET HB2  H  N N 260 
MET HB3  H  N N 261 
MET HG2  H  N N 262 
MET HG3  H  N N 263 
MET HE1  H  N N 264 
MET HE2  H  N N 265 
MET HE3  H  N N 266 
MET HXT  H  N N 267 
MSE N    N  N N 268 
MSE CA   C  N S 269 
MSE C    C  N N 270 
MSE O    O  N N 271 
MSE OXT  O  N N 272 
MSE CB   C  N N 273 
MSE CG   C  N N 274 
MSE SE   SE N N 275 
MSE CE   C  N N 276 
MSE H    H  N N 277 
MSE H2   H  N N 278 
MSE HA   H  N N 279 
MSE HXT  H  N N 280 
MSE HB2  H  N N 281 
MSE HB3  H  N N 282 
MSE HG2  H  N N 283 
MSE HG3  H  N N 284 
MSE HE1  H  N N 285 
MSE HE2  H  N N 286 
MSE HE3  H  N N 287 
PHE N    N  N N 288 
PHE CA   C  N S 289 
PHE C    C  N N 290 
PHE O    O  N N 291 
PHE CB   C  N N 292 
PHE CG   C  Y N 293 
PHE CD1  C  Y N 294 
PHE CD2  C  Y N 295 
PHE CE1  C  Y N 296 
PHE CE2  C  Y N 297 
PHE CZ   C  Y N 298 
PHE OXT  O  N N 299 
PHE H    H  N N 300 
PHE H2   H  N N 301 
PHE HA   H  N N 302 
PHE HB2  H  N N 303 
PHE HB3  H  N N 304 
PHE HD1  H  N N 305 
PHE HD2  H  N N 306 
PHE HE1  H  N N 307 
PHE HE2  H  N N 308 
PHE HZ   H  N N 309 
PHE HXT  H  N N 310 
PRO N    N  N N 311 
PRO CA   C  N S 312 
PRO C    C  N N 313 
PRO O    O  N N 314 
PRO CB   C  N N 315 
PRO CG   C  N N 316 
PRO CD   C  N N 317 
PRO OXT  O  N N 318 
PRO H    H  N N 319 
PRO HA   H  N N 320 
PRO HB2  H  N N 321 
PRO HB3  H  N N 322 
PRO HG2  H  N N 323 
PRO HG3  H  N N 324 
PRO HD2  H  N N 325 
PRO HD3  H  N N 326 
PRO HXT  H  N N 327 
SER N    N  N N 328 
SER CA   C  N S 329 
SER C    C  N N 330 
SER O    O  N N 331 
SER CB   C  N N 332 
SER OG   O  N N 333 
SER OXT  O  N N 334 
SER H    H  N N 335 
SER H2   H  N N 336 
SER HA   H  N N 337 
SER HB2  H  N N 338 
SER HB3  H  N N 339 
SER HG   H  N N 340 
SER HXT  H  N N 341 
THR N    N  N N 342 
THR CA   C  N S 343 
THR C    C  N N 344 
THR O    O  N N 345 
THR CB   C  N R 346 
THR OG1  O  N N 347 
THR CG2  C  N N 348 
THR OXT  O  N N 349 
THR H    H  N N 350 
THR H2   H  N N 351 
THR HA   H  N N 352 
THR HB   H  N N 353 
THR HG1  H  N N 354 
THR HG21 H  N N 355 
THR HG22 H  N N 356 
THR HG23 H  N N 357 
THR HXT  H  N N 358 
TYR N    N  N N 359 
TYR CA   C  N S 360 
TYR C    C  N N 361 
TYR O    O  N N 362 
TYR CB   C  N N 363 
TYR CG   C  Y N 364 
TYR CD1  C  Y N 365 
TYR CD2  C  Y N 366 
TYR CE1  C  Y N 367 
TYR CE2  C  Y N 368 
TYR CZ   C  Y N 369 
TYR OH   O  N N 370 
TYR OXT  O  N N 371 
TYR H    H  N N 372 
TYR H2   H  N N 373 
TYR HA   H  N N 374 
TYR HB2  H  N N 375 
TYR HB3  H  N N 376 
TYR HD1  H  N N 377 
TYR HD2  H  N N 378 
TYR HE1  H  N N 379 
TYR HE2  H  N N 380 
TYR HH   H  N N 381 
TYR HXT  H  N N 382 
VAL N    N  N N 383 
VAL CA   C  N S 384 
VAL C    C  N N 385 
VAL O    O  N N 386 
VAL CB   C  N N 387 
VAL CG1  C  N N 388 
VAL CG2  C  N N 389 
VAL OXT  O  N N 390 
VAL H    H  N N 391 
VAL H2   H  N N 392 
VAL HA   H  N N 393 
VAL HB   H  N N 394 
VAL HG11 H  N N 395 
VAL HG12 H  N N 396 
VAL HG13 H  N N 397 
VAL HG21 H  N N 398 
VAL HG22 H  N N 399 
VAL HG23 H  N N 400 
VAL HXT  H  N N 401 
# 
loop_
_chem_comp_bond.comp_id 
_chem_comp_bond.atom_id_1 
_chem_comp_bond.atom_id_2 
_chem_comp_bond.value_order 
_chem_comp_bond.pdbx_aromatic_flag 
_chem_comp_bond.pdbx_stereo_config 
_chem_comp_bond.pdbx_ordinal 
ALA N   CA   sing N N 1   
ALA N   H    sing N N 2   
ALA N   H2   sing N N 3   
ALA CA  C    sing N N 4   
ALA CA  CB   sing N N 5   
ALA CA  HA   sing N N 6   
ALA C   O    doub N N 7   
ALA C   OXT  sing N N 8   
ALA CB  HB1  sing N N 9   
ALA CB  HB2  sing N N 10  
ALA CB  HB3  sing N N 11  
ALA OXT HXT  sing N N 12  
ARG N   CA   sing N N 13  
ARG N   H    sing N N 14  
ARG N   H2   sing N N 15  
ARG CA  C    sing N N 16  
ARG CA  CB   sing N N 17  
ARG CA  HA   sing N N 18  
ARG C   O    doub N N 19  
ARG C   OXT  sing N N 20  
ARG CB  CG   sing N N 21  
ARG CB  HB2  sing N N 22  
ARG CB  HB3  sing N N 23  
ARG CG  CD   sing N N 24  
ARG CG  HG2  sing N N 25  
ARG CG  HG3  sing N N 26  
ARG CD  NE   sing N N 27  
ARG CD  HD2  sing N N 28  
ARG CD  HD3  sing N N 29  
ARG NE  CZ   sing N N 30  
ARG NE  HE   sing N N 31  
ARG CZ  NH1  sing N N 32  
ARG CZ  NH2  doub N N 33  
ARG NH1 HH11 sing N N 34  
ARG NH1 HH12 sing N N 35  
ARG NH2 HH21 sing N N 36  
ARG NH2 HH22 sing N N 37  
ARG OXT HXT  sing N N 38  
ASN N   CA   sing N N 39  
ASN N   H    sing N N 40  
ASN N   H2   sing N N 41  
ASN CA  C    sing N N 42  
ASN CA  CB   sing N N 43  
ASN CA  HA   sing N N 44  
ASN C   O    doub N N 45  
ASN C   OXT  sing N N 46  
ASN CB  CG   sing N N 47  
ASN CB  HB2  sing N N 48  
ASN CB  HB3  sing N N 49  
ASN CG  OD1  doub N N 50  
ASN CG  ND2  sing N N 51  
ASN ND2 HD21 sing N N 52  
ASN ND2 HD22 sing N N 53  
ASN OXT HXT  sing N N 54  
ASP N   CA   sing N N 55  
ASP N   H    sing N N 56  
ASP N   H2   sing N N 57  
ASP CA  C    sing N N 58  
ASP CA  CB   sing N N 59  
ASP CA  HA   sing N N 60  
ASP C   O    doub N N 61  
ASP C   OXT  sing N N 62  
ASP CB  CG   sing N N 63  
ASP CB  HB2  sing N N 64  
ASP CB  HB3  sing N N 65  
ASP CG  OD1  doub N N 66  
ASP CG  OD2  sing N N 67  
ASP OD2 HD2  sing N N 68  
ASP OXT HXT  sing N N 69  
CYS N   CA   sing N N 70  
CYS N   H    sing N N 71  
CYS N   H2   sing N N 72  
CYS CA  C    sing N N 73  
CYS CA  CB   sing N N 74  
CYS CA  HA   sing N N 75  
CYS C   O    doub N N 76  
CYS C   OXT  sing N N 77  
CYS CB  SG   sing N N 78  
CYS CB  HB2  sing N N 79  
CYS CB  HB3  sing N N 80  
CYS SG  HG   sing N N 81  
CYS OXT HXT  sing N N 82  
FLC CAC CA   sing N N 83  
FLC CAC OA1  doub N N 84  
FLC CAC OA2  sing N N 85  
FLC CA  CB   sing N N 86  
FLC CA  HA1  sing N N 87  
FLC CA  HA2  sing N N 88  
FLC CB  CBC  sing N N 89  
FLC CB  CG   sing N N 90  
FLC CB  OHB  sing N N 91  
FLC CBC OB1  doub N N 92  
FLC CBC OB2  sing N N 93  
FLC CG  CGC  sing N N 94  
FLC CG  HG1  sing N N 95  
FLC CG  HG2  sing N N 96  
FLC CGC OG1  doub N N 97  
FLC CGC OG2  sing N N 98  
FLC OHB HOB  sing N N 99  
GLN N   CA   sing N N 100 
GLN N   H    sing N N 101 
GLN N   H2   sing N N 102 
GLN CA  C    sing N N 103 
GLN CA  CB   sing N N 104 
GLN CA  HA   sing N N 105 
GLN C   O    doub N N 106 
GLN C   OXT  sing N N 107 
GLN CB  CG   sing N N 108 
GLN CB  HB2  sing N N 109 
GLN CB  HB3  sing N N 110 
GLN CG  CD   sing N N 111 
GLN CG  HG2  sing N N 112 
GLN CG  HG3  sing N N 113 
GLN CD  OE1  doub N N 114 
GLN CD  NE2  sing N N 115 
GLN NE2 HE21 sing N N 116 
GLN NE2 HE22 sing N N 117 
GLN OXT HXT  sing N N 118 
GLU N   CA   sing N N 119 
GLU N   H    sing N N 120 
GLU N   H2   sing N N 121 
GLU CA  C    sing N N 122 
GLU CA  CB   sing N N 123 
GLU CA  HA   sing N N 124 
GLU C   O    doub N N 125 
GLU C   OXT  sing N N 126 
GLU CB  CG   sing N N 127 
GLU CB  HB2  sing N N 128 
GLU CB  HB3  sing N N 129 
GLU CG  CD   sing N N 130 
GLU CG  HG2  sing N N 131 
GLU CG  HG3  sing N N 132 
GLU CD  OE1  doub N N 133 
GLU CD  OE2  sing N N 134 
GLU OE2 HE2  sing N N 135 
GLU OXT HXT  sing N N 136 
GLY N   CA   sing N N 137 
GLY N   H    sing N N 138 
GLY N   H2   sing N N 139 
GLY CA  C    sing N N 140 
GLY CA  HA2  sing N N 141 
GLY CA  HA3  sing N N 142 
GLY C   O    doub N N 143 
GLY C   OXT  sing N N 144 
GLY OXT HXT  sing N N 145 
HIS N   CA   sing N N 146 
HIS N   H    sing N N 147 
HIS N   H2   sing N N 148 
HIS CA  C    sing N N 149 
HIS CA  CB   sing N N 150 
HIS CA  HA   sing N N 151 
HIS C   O    doub N N 152 
HIS C   OXT  sing N N 153 
HIS CB  CG   sing N N 154 
HIS CB  HB2  sing N N 155 
HIS CB  HB3  sing N N 156 
HIS CG  ND1  sing Y N 157 
HIS CG  CD2  doub Y N 158 
HIS ND1 CE1  doub Y N 159 
HIS ND1 HD1  sing N N 160 
HIS CD2 NE2  sing Y N 161 
HIS CD2 HD2  sing N N 162 
HIS CE1 NE2  sing Y N 163 
HIS CE1 HE1  sing N N 164 
HIS NE2 HE2  sing N N 165 
HIS OXT HXT  sing N N 166 
HOH O   H1   sing N N 167 
HOH O   H2   sing N N 168 
ILE N   CA   sing N N 169 
ILE N   H    sing N N 170 
ILE N   H2   sing N N 171 
ILE CA  C    sing N N 172 
ILE CA  CB   sing N N 173 
ILE CA  HA   sing N N 174 
ILE C   O    doub N N 175 
ILE C   OXT  sing N N 176 
ILE CB  CG1  sing N N 177 
ILE CB  CG2  sing N N 178 
ILE CB  HB   sing N N 179 
ILE CG1 CD1  sing N N 180 
ILE CG1 HG12 sing N N 181 
ILE CG1 HG13 sing N N 182 
ILE CG2 HG21 sing N N 183 
ILE CG2 HG22 sing N N 184 
ILE CG2 HG23 sing N N 185 
ILE CD1 HD11 sing N N 186 
ILE CD1 HD12 sing N N 187 
ILE CD1 HD13 sing N N 188 
ILE OXT HXT  sing N N 189 
LEU N   CA   sing N N 190 
LEU N   H    sing N N 191 
LEU N   H2   sing N N 192 
LEU CA  C    sing N N 193 
LEU CA  CB   sing N N 194 
LEU CA  HA   sing N N 195 
LEU C   O    doub N N 196 
LEU C   OXT  sing N N 197 
LEU CB  CG   sing N N 198 
LEU CB  HB2  sing N N 199 
LEU CB  HB3  sing N N 200 
LEU CG  CD1  sing N N 201 
LEU CG  CD2  sing N N 202 
LEU CG  HG   sing N N 203 
LEU CD1 HD11 sing N N 204 
LEU CD1 HD12 sing N N 205 
LEU CD1 HD13 sing N N 206 
LEU CD2 HD21 sing N N 207 
LEU CD2 HD22 sing N N 208 
LEU CD2 HD23 sing N N 209 
LEU OXT HXT  sing N N 210 
LYS N   CA   sing N N 211 
LYS N   H    sing N N 212 
LYS N   H2   sing N N 213 
LYS CA  C    sing N N 214 
LYS CA  CB   sing N N 215 
LYS CA  HA   sing N N 216 
LYS C   O    doub N N 217 
LYS C   OXT  sing N N 218 
LYS CB  CG   sing N N 219 
LYS CB  HB2  sing N N 220 
LYS CB  HB3  sing N N 221 
LYS CG  CD   sing N N 222 
LYS CG  HG2  sing N N 223 
LYS CG  HG3  sing N N 224 
LYS CD  CE   sing N N 225 
LYS CD  HD2  sing N N 226 
LYS CD  HD3  sing N N 227 
LYS CE  NZ   sing N N 228 
LYS CE  HE2  sing N N 229 
LYS CE  HE3  sing N N 230 
LYS NZ  HZ1  sing N N 231 
LYS NZ  HZ2  sing N N 232 
LYS NZ  HZ3  sing N N 233 
LYS OXT HXT  sing N N 234 
MET N   CA   sing N N 235 
MET N   H    sing N N 236 
MET N   H2   sing N N 237 
MET CA  C    sing N N 238 
MET CA  CB   sing N N 239 
MET CA  HA   sing N N 240 
MET C   O    doub N N 241 
MET C   OXT  sing N N 242 
MET CB  CG   sing N N 243 
MET CB  HB2  sing N N 244 
MET CB  HB3  sing N N 245 
MET CG  SD   sing N N 246 
MET CG  HG2  sing N N 247 
MET CG  HG3  sing N N 248 
MET SD  CE   sing N N 249 
MET CE  HE1  sing N N 250 
MET CE  HE2  sing N N 251 
MET CE  HE3  sing N N 252 
MET OXT HXT  sing N N 253 
MSE N   CA   sing N N 254 
MSE N   H    sing N N 255 
MSE N   H2   sing N N 256 
MSE CA  C    sing N N 257 
MSE CA  CB   sing N N 258 
MSE CA  HA   sing N N 259 
MSE C   O    doub N N 260 
MSE C   OXT  sing N N 261 
MSE OXT HXT  sing N N 262 
MSE CB  CG   sing N N 263 
MSE CB  HB2  sing N N 264 
MSE CB  HB3  sing N N 265 
MSE CG  SE   sing N N 266 
MSE CG  HG2  sing N N 267 
MSE CG  HG3  sing N N 268 
MSE SE  CE   sing N N 269 
MSE CE  HE1  sing N N 270 
MSE CE  HE2  sing N N 271 
MSE CE  HE3  sing N N 272 
PHE N   CA   sing N N 273 
PHE N   H    sing N N 274 
PHE N   H2   sing N N 275 
PHE CA  C    sing N N 276 
PHE CA  CB   sing N N 277 
PHE CA  HA   sing N N 278 
PHE C   O    doub N N 279 
PHE C   OXT  sing N N 280 
PHE CB  CG   sing N N 281 
PHE CB  HB2  sing N N 282 
PHE CB  HB3  sing N N 283 
PHE CG  CD1  doub Y N 284 
PHE CG  CD2  sing Y N 285 
PHE CD1 CE1  sing Y N 286 
PHE CD1 HD1  sing N N 287 
PHE CD2 CE2  doub Y N 288 
PHE CD2 HD2  sing N N 289 
PHE CE1 CZ   doub Y N 290 
PHE CE1 HE1  sing N N 291 
PHE CE2 CZ   sing Y N 292 
PHE CE2 HE2  sing N N 293 
PHE CZ  HZ   sing N N 294 
PHE OXT HXT  sing N N 295 
PRO N   CA   sing N N 296 
PRO N   CD   sing N N 297 
PRO N   H    sing N N 298 
PRO CA  C    sing N N 299 
PRO CA  CB   sing N N 300 
PRO CA  HA   sing N N 301 
PRO C   O    doub N N 302 
PRO C   OXT  sing N N 303 
PRO CB  CG   sing N N 304 
PRO CB  HB2  sing N N 305 
PRO CB  HB3  sing N N 306 
PRO CG  CD   sing N N 307 
PRO CG  HG2  sing N N 308 
PRO CG  HG3  sing N N 309 
PRO CD  HD2  sing N N 310 
PRO CD  HD3  sing N N 311 
PRO OXT HXT  sing N N 312 
SER N   CA   sing N N 313 
SER N   H    sing N N 314 
SER N   H2   sing N N 315 
SER CA  C    sing N N 316 
SER CA  CB   sing N N 317 
SER CA  HA   sing N N 318 
SER C   O    doub N N 319 
SER C   OXT  sing N N 320 
SER CB  OG   sing N N 321 
SER CB  HB2  sing N N 322 
SER CB  HB3  sing N N 323 
SER OG  HG   sing N N 324 
SER OXT HXT  sing N N 325 
THR N   CA   sing N N 326 
THR N   H    sing N N 327 
THR N   H2   sing N N 328 
THR CA  C    sing N N 329 
THR CA  CB   sing N N 330 
THR CA  HA   sing N N 331 
THR C   O    doub N N 332 
THR C   OXT  sing N N 333 
THR CB  OG1  sing N N 334 
THR CB  CG2  sing N N 335 
THR CB  HB   sing N N 336 
THR OG1 HG1  sing N N 337 
THR CG2 HG21 sing N N 338 
THR CG2 HG22 sing N N 339 
THR CG2 HG23 sing N N 340 
THR OXT HXT  sing N N 341 
TYR N   CA   sing N N 342 
TYR N   H    sing N N 343 
TYR N   H2   sing N N 344 
TYR CA  C    sing N N 345 
TYR CA  CB   sing N N 346 
TYR CA  HA   sing N N 347 
TYR C   O    doub N N 348 
TYR C   OXT  sing N N 349 
TYR CB  CG   sing N N 350 
TYR CB  HB2  sing N N 351 
TYR CB  HB3  sing N N 352 
TYR CG  CD1  doub Y N 353 
TYR CG  CD2  sing Y N 354 
TYR CD1 CE1  sing Y N 355 
TYR CD1 HD1  sing N N 356 
TYR CD2 CE2  doub Y N 357 
TYR CD2 HD2  sing N N 358 
TYR CE1 CZ   doub Y N 359 
TYR CE1 HE1  sing N N 360 
TYR CE2 CZ   sing Y N 361 
TYR CE2 HE2  sing N N 362 
TYR CZ  OH   sing N N 363 
TYR OH  HH   sing N N 364 
TYR OXT HXT  sing N N 365 
VAL N   CA   sing N N 366 
VAL N   H    sing N N 367 
VAL N   H2   sing N N 368 
VAL CA  C    sing N N 369 
VAL CA  CB   sing N N 370 
VAL CA  HA   sing N N 371 
VAL C   O    doub N N 372 
VAL C   OXT  sing N N 373 
VAL CB  CG1  sing N N 374 
VAL CB  CG2  sing N N 375 
VAL CB  HB   sing N N 376 
VAL CG1 HG11 sing N N 377 
VAL CG1 HG12 sing N N 378 
VAL CG1 HG13 sing N N 379 
VAL CG2 HG21 sing N N 380 
VAL CG2 HG22 sing N N 381 
VAL CG2 HG23 sing N N 382 
VAL OXT HXT  sing N N 383 
# 
_pdbx_initial_refinement_model.id               1 
_pdbx_initial_refinement_model.entity_id_list   ? 
_pdbx_initial_refinement_model.type             'experimental model' 
_pdbx_initial_refinement_model.source_name      PDB 
_pdbx_initial_refinement_model.accession_code   1TBD 
_pdbx_initial_refinement_model.details          ? 
# 
_atom_sites.entry_id                    2FUF 
_atom_sites.fract_transf_matrix[1][1]   -0.01208852 
_atom_sites.fract_transf_matrix[1][2]   -0.00084475 
_atom_sites.fract_transf_matrix[1][3]   0.00660050 
_atom_sites.fract_transf_matrix[2][1]   -0.00315798 
_atom_sites.fract_transf_matrix[2][2]   0.00917109 
_atom_sites.fract_transf_matrix[2][3]   0.00981622 
_atom_sites.fract_transf_matrix[3][1]   -0.01163169 
_atom_sites.fract_transf_matrix[3][2]   0.01653159 
_atom_sites.fract_transf_matrix[3][3]   -0.01918716 
_atom_sites.fract_transf_vector[1]      0.646365 
_atom_sites.fract_transf_vector[2]      0.994271 
_atom_sites.fract_transf_vector[3]      0.020592 
# 
loop_
_atom_type.symbol 
C  
N  
O  
S  
SE 
# 
loop_
_atom_site.group_PDB 
_atom_site.id 
_atom_site.type_symbol 
_atom_site.label_atom_id 
_atom_site.label_alt_id 
_atom_site.label_comp_id 
_atom_site.label_asym_id 
_atom_site.label_entity_id 
_atom_site.label_seq_id 
_atom_site.pdbx_PDB_ins_code 
_atom_site.Cartn_x 
_atom_site.Cartn_y 
_atom_site.Cartn_z 
_atom_site.occupancy 
_atom_site.B_iso_or_equiv 
_atom_site.pdbx_formal_charge 
_atom_site.auth_seq_id 
_atom_site.auth_comp_id 
_atom_site.auth_asym_id 
_atom_site.auth_atom_id 
_atom_site.pdbx_PDB_model_num 
ATOM   1    N  N   . LYS A 1 3   ? 11.022  5.799   18.499  1.00 31.21 ? 131 LYS A N   1 
ATOM   2    C  CA  . LYS A 1 3   ? 11.763  6.995   19.000  1.00 30.73 ? 131 LYS A CA  1 
ATOM   3    C  C   . LYS A 1 3   ? 11.863  8.115   17.949  1.00 30.10 ? 131 LYS A C   1 
ATOM   4    O  O   . LYS A 1 3   ? 11.743  9.297   18.291  1.00 30.59 ? 131 LYS A O   1 
ATOM   5    C  CB  . LYS A 1 3   ? 13.133  6.588   19.580  1.00 31.17 ? 131 LYS A CB  1 
ATOM   6    C  CG  . LYS A 1 3   ? 14.218  7.652   19.527  1.00 31.79 ? 131 LYS A CG  1 
ATOM   7    C  CD  . LYS A 1 3   ? 15.179  7.394   18.371  1.00 33.21 ? 131 LYS A CD  1 
ATOM   8    C  CE  . LYS A 1 3   ? 15.589  8.689   17.670  1.00 34.01 ? 131 LYS A CE  1 
ATOM   9    N  NZ  . LYS A 1 3   ? 16.173  9.732   18.572  1.00 34.70 ? 131 LYS A NZ  1 
ATOM   10   N  N   . VAL A 1 4   ? 12.093  7.751   16.687  1.00 28.98 ? 132 VAL A N   1 
ATOM   11   C  CA  . VAL A 1 4   ? 11.978  8.711   15.584  1.00 27.66 ? 132 VAL A CA  1 
ATOM   12   C  C   . VAL A 1 4   ? 10.495  9.005   15.385  1.00 26.59 ? 132 VAL A C   1 
ATOM   13   O  O   . VAL A 1 4   ? 9.654   8.113   15.532  1.00 26.34 ? 132 VAL A O   1 
ATOM   14   C  CB  . VAL A 1 4   ? 12.602  8.181   14.255  1.00 27.84 ? 132 VAL A CB  1 
ATOM   15   C  CG1 . VAL A 1 4   ? 12.311  9.114   13.080  1.00 28.01 ? 132 VAL A CG1 1 
ATOM   16   C  CG2 . VAL A 1 4   ? 14.089  8.025   14.395  1.00 27.69 ? 132 VAL A CG2 1 
ATOM   17   N  N   . GLU A 1 5   ? 10.178  10.257  15.063  1.00 25.30 ? 133 GLU A N   1 
ATOM   18   C  CA  . GLU A 1 5   ? 8.813   10.642  14.737  1.00 24.28 ? 133 GLU A CA  1 
ATOM   19   C  C   . GLU A 1 5   ? 8.308   9.789   13.574  1.00 22.70 ? 133 GLU A C   1 
ATOM   20   O  O   . GLU A 1 5   ? 9.014   9.605   12.576  1.00 22.42 ? 133 GLU A O   1 
ATOM   21   C  CB  . GLU A 1 5   ? 8.762   12.120  14.357  1.00 24.20 ? 133 GLU A CB  1 
ATOM   22   C  CG  . GLU A 1 5   ? 7.358   12.697  14.271  1.00 26.51 ? 133 GLU A CG  1 
ATOM   23   C  CD  . GLU A 1 5   ? 7.365   14.170  13.908  1.00 26.56 ? 133 GLU A CD  1 
ATOM   24   O  OE1 . GLU A 1 5   ? 7.604   14.495  12.718  1.00 30.82 ? 133 GLU A OE1 1 
ATOM   25   O  OE2 . GLU A 1 5   ? 7.123   15.001  14.809  1.00 30.72 ? 133 GLU A OE2 1 
ATOM   26   N  N   . ASP A 1 6   ? 7.094   9.266   13.717  1.00 21.21 ? 134 ASP A N   1 
ATOM   27   C  CA  . ASP A 1 6   ? 6.460   8.491   12.648  1.00 20.58 ? 134 ASP A CA  1 
ATOM   28   C  C   . ASP A 1 6   ? 6.334   9.328   11.376  1.00 19.70 ? 134 ASP A C   1 
ATOM   29   O  O   . ASP A 1 6   ? 6.176   10.551  11.452  1.00 19.58 ? 134 ASP A O   1 
ATOM   30   C  CB  . ASP A 1 6   ? 5.073   8.017   13.083  1.00 20.72 ? 134 ASP A CB  1 
ATOM   31   C  CG  . ASP A 1 6   ? 5.121   6.922   14.138  1.00 22.71 ? 134 ASP A CG  1 
ATOM   32   O  OD1 . ASP A 1 6   ? 6.135   6.191   14.231  1.00 24.01 ? 134 ASP A OD1 1 
ATOM   33   O  OD2 . ASP A 1 6   ? 4.160   6.714   14.909  1.00 24.73 ? 134 ASP A OD2 1 
ATOM   34   N  N   . PRO A 1 7   ? 6.412   8.690   10.203  1.00 18.57 ? 135 PRO A N   1 
ATOM   35   C  CA  . PRO A 1 7   ? 6.155   9.395   8.949   1.00 18.30 ? 135 PRO A CA  1 
ATOM   36   C  C   . PRO A 1 7   ? 4.768   10.030  8.952   1.00 18.05 ? 135 PRO A C   1 
ATOM   37   O  O   . PRO A 1 7   ? 3.831   9.449   9.510   1.00 18.33 ? 135 PRO A O   1 
ATOM   38   C  CB  . PRO A 1 7   ? 6.191   8.275   7.907   1.00 18.51 ? 135 PRO A CB  1 
ATOM   39   C  CG  . PRO A 1 7   ? 7.063   7.230   8.501   1.00 18.35 ? 135 PRO A CG  1 
ATOM   40   C  CD  . PRO A 1 7   ? 6.768   7.273   9.974   1.00 18.57 ? 135 PRO A CD  1 
ATOM   41   N  N   A LYS A 1 8   ? 4.654   11.211  8.345   0.50 18.00 ? 136 LYS A N   1 
ATOM   42   N  N   B LYS A 1 8   ? 4.638   11.205  8.343   0.50 18.02 ? 136 LYS A N   1 
ATOM   43   C  CA  A LYS A 1 8   ? 3.367   11.898  8.182   0.50 17.87 ? 136 LYS A CA  1 
ATOM   44   C  CA  B LYS A 1 8   ? 3.326   11.845  8.190   0.50 17.90 ? 136 LYS A CA  1 
ATOM   45   C  C   A LYS A 1 8   ? 2.809   11.757  6.766   0.50 17.32 ? 136 LYS A C   1 
ATOM   46   C  C   B LYS A 1 8   ? 2.746   11.601  6.798   0.50 17.35 ? 136 LYS A C   1 
ATOM   47   O  O   A LYS A 1 8   ? 1.694   12.202  6.487   0.50 17.38 ? 136 LYS A O   1 
ATOM   48   O  O   B LYS A 1 8   ? 1.553   11.801  6.565   0.50 17.53 ? 136 LYS A O   1 
ATOM   49   C  CB  A LYS A 1 8   ? 3.490   13.380  8.548   0.50 18.22 ? 136 LYS A CB  1 
ATOM   50   C  CB  B LYS A 1 8   ? 3.405   13.352  8.481   0.50 18.21 ? 136 LYS A CB  1 
ATOM   51   C  CG  A LYS A 1 8   ? 3.617   13.650  10.044  0.50 18.74 ? 136 LYS A CG  1 
ATOM   52   C  CG  B LYS A 1 8   ? 4.047   13.733  9.829   0.50 18.92 ? 136 LYS A CG  1 
ATOM   53   C  CD  A LYS A 1 8   ? 3.344   15.111  10.381  0.50 20.59 ? 136 LYS A CD  1 
ATOM   54   C  CD  B LYS A 1 8   ? 3.388   13.034  11.022  0.50 20.73 ? 136 LYS A CD  1 
ATOM   55   C  CE  A LYS A 1 8   ? 3.518   15.381  11.867  0.50 22.49 ? 136 LYS A CE  1 
ATOM   56   C  CE  B LYS A 1 8   ? 4.247   13.155  12.273  0.50 21.81 ? 136 LYS A CE  1 
ATOM   57   N  NZ  A LYS A 1 8   ? 4.955   15.461  12.259  0.50 23.39 ? 136 LYS A NZ  1 
ATOM   58   N  NZ  B LYS A 1 8   ? 4.167   11.940  13.140  0.50 21.33 ? 136 LYS A NZ  1 
ATOM   59   N  N   . ASP A 1 9   ? 3.600   11.155  5.878   1.00 16.77 ? 137 ASP A N   1 
ATOM   60   C  CA  . ASP A 1 9   ? 3.188   10.864  4.511   1.00 15.41 ? 137 ASP A CA  1 
ATOM   61   C  C   . ASP A 1 9   ? 4.078   9.758   3.960   1.00 14.79 ? 137 ASP A C   1 
ATOM   62   O  O   . ASP A 1 9   ? 5.063   9.362   4.592   1.00 14.91 ? 137 ASP A O   1 
ATOM   63   C  CB  . ASP A 1 9   ? 3.317   12.115  3.634   1.00 15.62 ? 137 ASP A CB  1 
ATOM   64   C  CG  . ASP A 1 9   ? 2.320   12.140  2.485   1.00 15.90 ? 137 ASP A CG  1 
ATOM   65   O  OD1 . ASP A 1 9   ? 1.773   11.078  2.083   1.00 16.51 ? 137 ASP A OD1 1 
ATOM   66   O  OD2 . ASP A 1 9   ? 2.030   13.225  1.927   1.00 18.87 ? 137 ASP A OD2 1 
ATOM   67   N  N   . PHE A 1 10  ? 3.735   9.275   2.771   1.00 14.02 ? 138 PHE A N   1 
ATOM   68   C  CA  . PHE A 1 10  ? 4.608   8.383   2.024   1.00 13.66 ? 138 PHE A CA  1 
ATOM   69   C  C   . PHE A 1 10  ? 5.953   9.070   1.733   1.00 13.97 ? 138 PHE A C   1 
ATOM   70   O  O   . PHE A 1 10  ? 6.027   10.299  1.732   1.00 14.58 ? 138 PHE A O   1 
ATOM   71   C  CB  . PHE A 1 10  ? 3.926   7.972   0.721   1.00 13.59 ? 138 PHE A CB  1 
ATOM   72   C  CG  . PHE A 1 10  ? 2.874   6.922   0.908   1.00 12.86 ? 138 PHE A CG  1 
ATOM   73   C  CD1 . PHE A 1 10  ? 1.588   7.257   1.329   1.00 13.36 ? 138 PHE A CD1 1 
ATOM   74   C  CD2 . PHE A 1 10  ? 3.171   5.583   0.662   1.00 14.16 ? 138 PHE A CD2 1 
ATOM   75   C  CE1 . PHE A 1 10  ? 0.617   6.263   1.503   1.00 14.41 ? 138 PHE A CE1 1 
ATOM   76   C  CE2 . PHE A 1 10  ? 2.194   4.590   0.831   1.00 14.28 ? 138 PHE A CE2 1 
ATOM   77   C  CZ  . PHE A 1 10  ? 0.930   4.937   1.252   1.00 14.91 ? 138 PHE A CZ  1 
ATOM   78   N  N   . PRO A 1 11  ? 7.002   8.288   1.479   1.00 14.23 ? 139 PRO A N   1 
ATOM   79   C  CA  . PRO A 1 11  ? 8.291   8.851   1.067   1.00 14.93 ? 139 PRO A CA  1 
ATOM   80   C  C   . PRO A 1 11  ? 8.110   9.794   -0.106  1.00 15.61 ? 139 PRO A C   1 
ATOM   81   O  O   . PRO A 1 11  ? 7.321   9.519   -1.011  1.00 14.92 ? 139 PRO A O   1 
ATOM   82   C  CB  . PRO A 1 11  ? 9.091   7.620   0.648   1.00 15.17 ? 139 PRO A CB  1 
ATOM   83   C  CG  . PRO A 1 11  ? 8.501   6.499   1.461   1.00 15.49 ? 139 PRO A CG  1 
ATOM   84   C  CD  . PRO A 1 11  ? 7.042   6.815   1.563   1.00 14.47 ? 139 PRO A CD  1 
ATOM   85   N  N   A SER A 1 12  ? 8.847   10.899  -0.078  0.50 15.77 ? 140 SER A N   1 
ATOM   86   N  N   B SER A 1 12  ? 8.857   10.893  -0.086  0.50 15.98 ? 140 SER A N   1 
ATOM   87   C  CA  A SER A 1 12  ? 8.698   11.982  -1.044  0.50 16.28 ? 140 SER A CA  1 
ATOM   88   C  CA  B SER A 1 12  ? 8.693   11.980  -1.047  0.50 16.75 ? 140 SER A CA  1 
ATOM   89   C  C   A SER A 1 12  ? 8.775   11.523  -2.493  0.50 16.42 ? 140 SER A C   1 
ATOM   90   C  C   B SER A 1 12  ? 8.790   11.535  -2.499  0.50 16.67 ? 140 SER A C   1 
ATOM   91   O  O   A SER A 1 12  ? 8.055   12.041  -3.348  0.50 16.74 ? 140 SER A O   1 
ATOM   92   O  O   B SER A 1 12  ? 8.096   12.077  -3.361  0.50 17.00 ? 140 SER A O   1 
ATOM   93   C  CB  A SER A 1 12  ? 9.748   13.064  -0.783  0.50 16.31 ? 140 SER A CB  1 
ATOM   94   C  CB  B SER A 1 12  ? 9.713   13.088  -0.767  0.50 16.85 ? 140 SER A CB  1 
ATOM   95   O  OG  A SER A 1 12  ? 11.051  12.512  -0.806  0.50 16.45 ? 140 SER A OG  1 
ATOM   96   O  OG  B SER A 1 12  ? 9.571   13.576  0.554   0.50 18.85 ? 140 SER A OG  1 
ATOM   97   N  N   . GLU A 1 13  ? 9.631   10.542  -2.765  1.00 16.55 ? 141 GLU A N   1 
ATOM   98   C  CA  . GLU A 1 13  ? 9.832   10.061  -4.133  1.00 17.22 ? 141 GLU A CA  1 
ATOM   99   C  C   . GLU A 1 13  ? 8.628   9.302   -4.722  1.00 15.90 ? 141 GLU A C   1 
ATOM   100  O  O   . GLU A 1 13  ? 8.579   9.071   -5.926  1.00 16.07 ? 141 GLU A O   1 
ATOM   101  C  CB  . GLU A 1 13  ? 11.111  9.227   -4.244  1.00 18.55 ? 141 GLU A CB  1 
ATOM   102  C  CG  . GLU A 1 13  ? 11.145  8.000   -3.333  1.00 20.70 ? 141 GLU A CG  1 
ATOM   103  C  CD  . GLU A 1 13  ? 11.802  8.269   -1.980  1.00 23.06 ? 141 GLU A CD  1 
ATOM   104  O  OE1 . GLU A 1 13  ? 11.396  9.209   -1.266  1.00 24.47 ? 141 GLU A OE1 1 
ATOM   105  O  OE2 . GLU A 1 13  ? 12.740  7.529   -1.617  1.00 26.32 ? 141 GLU A OE2 1 
ATOM   106  N  N   . LEU A 1 14  ? 7.667   8.923   -3.876  1.00 14.43 ? 142 LEU A N   1 
ATOM   107  C  CA  . LEU A 1 14  ? 6.483   8.175   -4.324  1.00 13.21 ? 142 LEU A CA  1 
ATOM   108  C  C   . LEU A 1 14  ? 5.249   9.049   -4.463  1.00 12.33 ? 142 LEU A C   1 
ATOM   109  O  O   . LEU A 1 14  ? 4.232   8.604   -4.980  1.00 12.40 ? 142 LEU A O   1 
ATOM   110  C  CB  . LEU A 1 14  ? 6.174   7.013   -3.367  1.00 13.49 ? 142 LEU A CB  1 
ATOM   111  C  CG  . LEU A 1 14  ? 7.302   5.981   -3.204  1.00 14.12 ? 142 LEU A CG  1 
ATOM   112  C  CD1 . LEU A 1 14  ? 6.817   4.933   -2.233  1.00 14.60 ? 142 LEU A CD1 1 
ATOM   113  C  CD2 . LEU A 1 14  ? 7.706   5.329   -4.523  1.00 15.90 ? 142 LEU A CD2 1 
ATOM   114  N  N   . LEU A 1 15  ? 5.334   10.296  -4.010  1.00 12.30 ? 143 LEU A N   1 
ATOM   115  C  CA  . LEU A 1 15  ? 4.134   11.115  -3.898  1.00 12.40 ? 143 LEU A CA  1 
ATOM   116  C  C   . LEU A 1 15  ? 3.428   11.376  -5.219  1.00 11.97 ? 143 LEU A C   1 
ATOM   117  O  O   . LEU A 1 15  ? 2.200   11.427  -5.254  1.00 11.98 ? 143 LEU A O   1 
ATOM   118  C  CB  . LEU A 1 15  ? 4.412   12.438  -3.177  1.00 13.16 ? 143 LEU A CB  1 
ATOM   119  C  CG  . LEU A 1 15  ? 4.882   12.308  -1.718  1.00 14.07 ? 143 LEU A CG  1 
ATOM   120  C  CD1 . LEU A 1 15  ? 5.225   13.686  -1.172  1.00 15.10 ? 143 LEU A CD1 1 
ATOM   121  C  CD2 . LEU A 1 15  ? 3.847   11.637  -0.816  1.00 16.14 ? 143 LEU A CD2 1 
ATOM   122  N  N   . SER A 1 16  ? 4.184   11.488  -6.312  1.00 11.40 ? 144 SER A N   1 
ATOM   123  C  CA  . SER A 1 16  ? 3.576   11.767  -7.619  1.00 11.14 ? 144 SER A CA  1 
ATOM   124  C  C   . SER A 1 16  ? 2.619   10.671  -8.069  1.00 11.62 ? 144 SER A C   1 
ATOM   125  O  O   . SER A 1 16  ? 1.737   10.917  -8.900  1.00 12.13 ? 144 SER A O   1 
ATOM   126  C  CB  . SER A 1 16  ? 4.630   11.907  -8.718  1.00 11.57 ? 144 SER A CB  1 
ATOM   127  O  OG  . SER A 1 16  ? 5.550   12.944  -8.454  1.00 10.92 ? 144 SER A OG  1 
ATOM   128  N  N   . PHE A 1 17  ? 2.806   9.457   -7.540  1.00 11.26 ? 145 PHE A N   1 
ATOM   129  C  CA  . PHE A 1 17  ? 2.034   8.316   -8.021  1.00 11.75 ? 145 PHE A CA  1 
ATOM   130  C  C   . PHE A 1 17  ? 0.697   8.182   -7.327  1.00 11.92 ? 145 PHE A C   1 
ATOM   131  O  O   . PHE A 1 17  ? -0.126  7.358   -7.747  1.00 11.85 ? 145 PHE A O   1 
ATOM   132  C  CB  . PHE A 1 17  ? 2.809   7.011   -7.808  1.00 11.91 ? 145 PHE A CB  1 
ATOM   133  C  CG  . PHE A 1 17  ? 4.186   7.003   -8.408  1.00 11.54 ? 145 PHE A CG  1 
ATOM   134  C  CD1 . PHE A 1 17  ? 4.404   7.452   -9.703  1.00 11.64 ? 145 PHE A CD1 1 
ATOM   135  C  CD2 . PHE A 1 17  ? 5.260   6.500   -7.676  1.00 12.72 ? 145 PHE A CD2 1 
ATOM   136  C  CE1 . PHE A 1 17  ? 5.674   7.421   -10.271 1.00 13.17 ? 145 PHE A CE1 1 
ATOM   137  C  CE2 . PHE A 1 17  ? 6.543   6.464   -8.231  1.00 14.09 ? 145 PHE A CE2 1 
ATOM   138  C  CZ  . PHE A 1 17  ? 6.746   6.929   -9.530  1.00 12.70 ? 145 PHE A CZ  1 
ATOM   139  N  N   . LEU A 1 18  ? 0.498   8.967   -6.269  1.00 12.35 ? 146 LEU A N   1 
ATOM   140  C  CA  . LEU A 1 18  ? -0.632  8.806   -5.357  1.00 12.65 ? 146 LEU A CA  1 
ATOM   141  C  C   . LEU A 1 18  ? -1.684  9.885   -5.516  1.00 13.29 ? 146 LEU A C   1 
ATOM   142  O  O   . LEU A 1 18  ? -1.390  11.008  -5.936  1.00 13.74 ? 146 LEU A O   1 
ATOM   143  C  CB  . LEU A 1 18  ? -0.126  8.829   -3.914  1.00 12.98 ? 146 LEU A CB  1 
ATOM   144  C  CG  . LEU A 1 18  ? 0.965   7.816   -3.588  1.00 13.27 ? 146 LEU A CG  1 
ATOM   145  C  CD1 . LEU A 1 18  ? 1.448   8.017   -2.177  1.00 15.26 ? 146 LEU A CD1 1 
ATOM   146  C  CD2 . LEU A 1 18  ? 0.466   6.379   -3.806  1.00 16.23 ? 146 LEU A CD2 1 
ATOM   147  N  N   . SER A 1 19  ? -2.924  9.530   -5.184  1.00 13.56 ? 147 SER A N   1 
ATOM   148  C  CA  . SER A 1 19  ? -3.949  10.533  -4.965  1.00 14.00 ? 147 SER A CA  1 
ATOM   149  C  C   . SER A 1 19  ? -3.889  11.013  -3.526  1.00 14.32 ? 147 SER A C   1 
ATOM   150  O  O   . SER A 1 19  ? -3.852  10.215  -2.586  1.00 14.68 ? 147 SER A O   1 
ATOM   151  C  CB  . SER A 1 19  ? -5.335  9.971   -5.245  1.00 14.44 ? 147 SER A CB  1 
ATOM   152  O  OG  . SER A 1 19  ? -6.309  10.942  -4.884  1.00 16.47 ? 147 SER A OG  1 
ATOM   153  N  N   . HIS A 1 20  ? -3.902  12.321  -3.348  1.00 15.17 ? 148 HIS A N   1 
ATOM   154  C  CA  . HIS A 1 20  ? -3.828  12.880  -2.007  1.00 15.34 ? 148 HIS A CA  1 
ATOM   155  C  C   . HIS A 1 20  ? -5.178  13.320  -1.473  1.00 15.98 ? 148 HIS A C   1 
ATOM   156  O  O   . HIS A 1 20  ? -5.273  13.811  -0.343  1.00 16.59 ? 148 HIS A O   1 
ATOM   157  C  CB  . HIS A 1 20  ? -2.767  13.972  -1.977  1.00 15.43 ? 148 HIS A CB  1 
ATOM   158  C  CG  . HIS A 1 20  ? -1.419  13.421  -2.266  1.00 15.20 ? 148 HIS A CG  1 
ATOM   159  N  ND1 . HIS A 1 20  ? -0.830  13.478  -3.508  1.00 17.45 ? 148 HIS A ND1 1 
ATOM   160  C  CD2 . HIS A 1 20  ? -0.605  12.669  -1.496  1.00 13.41 ? 148 HIS A CD2 1 
ATOM   161  C  CE1 . HIS A 1 20  ? 0.328   12.842  -3.468  1.00 13.83 ? 148 HIS A CE1 1 
ATOM   162  N  NE2 . HIS A 1 20  ? 0.480   12.329  -2.262  1.00 17.48 ? 148 HIS A NE2 1 
ATOM   163  N  N   . ALA A 1 21  ? -6.218  13.105  -2.276  1.00 16.31 ? 149 ALA A N   1 
ATOM   164  C  CA  . ALA A 1 21  ? -7.581  13.475  -1.903  1.00 17.07 ? 149 ALA A CA  1 
ATOM   165  C  C   . ALA A 1 21  ? -8.201  12.369  -1.048  1.00 16.89 ? 149 ALA A C   1 
ATOM   166  O  O   . ALA A 1 21  ? -9.094  11.645  -1.492  1.00 17.04 ? 149 ALA A O   1 
ATOM   167  C  CB  . ALA A 1 21  ? -8.409  13.723  -3.142  1.00 17.44 ? 149 ALA A CB  1 
ATOM   168  N  N   . VAL A 1 22  ? -7.711  12.242  0.183   1.00 17.24 ? 150 VAL A N   1 
ATOM   169  C  CA  . VAL A 1 22  ? -8.102  11.135  1.071   1.00 18.07 ? 150 VAL A CA  1 
ATOM   170  C  C   . VAL A 1 22  ? -9.593  11.126  1.459   1.00 18.36 ? 150 VAL A C   1 
ATOM   171  O  O   . VAL A 1 22  ? -10.128 10.078  1.822   1.00 18.79 ? 150 VAL A O   1 
ATOM   172  C  CB  . VAL A 1 22  ? -7.203  11.076  2.346   1.00 18.10 ? 150 VAL A CB  1 
ATOM   173  C  CG1 . VAL A 1 22  ? -5.768  10.682  1.985   1.00 19.42 ? 150 VAL A CG1 1 
ATOM   174  C  CG2 . VAL A 1 22  ? -7.244  12.401  3.089   1.00 19.23 ? 150 VAL A CG2 1 
ATOM   175  N  N   . PHE A 1 23  ? -10.258 12.280  1.367   1.00 18.42 ? 151 PHE A N   1 
ATOM   176  C  CA  . PHE A 1 23  ? -11.678 12.377  1.700   1.00 18.70 ? 151 PHE A CA  1 
ATOM   177  C  C   . PHE A 1 23  ? -12.609 12.194  0.498   1.00 18.72 ? 151 PHE A C   1 
ATOM   178  O  O   . PHE A 1 23  ? -13.832 12.273  0.625   1.00 19.00 ? 151 PHE A O   1 
ATOM   179  C  CB  . PHE A 1 23  ? -11.979 13.722  2.370   1.00 19.18 ? 151 PHE A CB  1 
ATOM   180  C  CG  . PHE A 1 23  ? -11.380 13.874  3.739   1.00 20.25 ? 151 PHE A CG  1 
ATOM   181  C  CD1 . PHE A 1 23  ? -11.184 12.772  4.565   1.00 20.70 ? 151 PHE A CD1 1 
ATOM   182  C  CD2 . PHE A 1 23  ? -11.047 15.132  4.217   1.00 22.74 ? 151 PHE A CD2 1 
ATOM   183  C  CE1 . PHE A 1 23  ? -10.646 12.923  5.838   1.00 23.24 ? 151 PHE A CE1 1 
ATOM   184  C  CE2 . PHE A 1 23  ? -10.505 15.293  5.493   1.00 23.92 ? 151 PHE A CE2 1 
ATOM   185  C  CZ  . PHE A 1 23  ? -10.303 14.190  6.299   1.00 21.30 ? 151 PHE A CZ  1 
ATOM   186  N  N   . SER A 1 24  ? -12.029 11.957  -0.670  1.00 18.17 ? 152 SER A N   1 
ATOM   187  C  CA  . SER A 1 24  ? -12.804 11.883  -1.899  1.00 18.43 ? 152 SER A CA  1 
ATOM   188  C  C   . SER A 1 24  ? -13.844 10.771  -1.871  1.00 18.08 ? 152 SER A C   1 
ATOM   189  O  O   . SER A 1 24  ? -13.618 9.699   -1.300  1.00 18.67 ? 152 SER A O   1 
ATOM   190  C  CB  . SER A 1 24  ? -11.877 11.669  -3.086  1.00 18.66 ? 152 SER A CB  1 
ATOM   191  O  OG  . SER A 1 24  ? -12.627 11.704  -4.287  1.00 19.38 ? 152 SER A OG  1 
ATOM   192  N  N   . ASN A 1 25  ? -14.982 11.030  -2.508  1.00 17.91 ? 153 ASN A N   1 
ATOM   193  C  CA  . ASN A 1 25  ? -15.987 10.000  -2.740  1.00 18.41 ? 153 ASN A CA  1 
ATOM   194  C  C   . ASN A 1 25  ? -15.662 9.148   -3.951  1.00 18.37 ? 153 ASN A C   1 
ATOM   195  O  O   . ASN A 1 25  ? -16.348 8.157   -4.213  1.00 18.97 ? 153 ASN A O   1 
ATOM   196  C  CB  . ASN A 1 25  ? -17.371 10.623  -2.918  1.00 18.48 ? 153 ASN A CB  1 
ATOM   197  C  CG  . ASN A 1 25  ? -17.972 11.063  -1.612  1.00 19.78 ? 153 ASN A CG  1 
ATOM   198  O  OD1 . ASN A 1 25  ? -17.512 10.667  -0.541  1.00 21.72 ? 153 ASN A OD1 1 
ATOM   199  N  ND2 . ASN A 1 25  ? -19.004 11.891  -1.685  1.00 20.40 ? 153 ASN A ND2 1 
ATOM   200  N  N   . ARG A 1 26  ? -14.631 9.544   -4.696  1.00 18.62 ? 154 ARG A N   1 
ATOM   201  C  CA  . ARG A 1 26  ? -14.212 8.790   -5.878  1.00 19.85 ? 154 ARG A CA  1 
ATOM   202  C  C   . ARG A 1 26  ? -13.754 7.398   -5.474  1.00 18.76 ? 154 ARG A C   1 
ATOM   203  O  O   . ARG A 1 26  ? -13.118 7.211   -4.440  1.00 19.36 ? 154 ARG A O   1 
ATOM   204  C  CB  . ARG A 1 26  ? -13.080 9.499   -6.610  1.00 20.07 ? 154 ARG A CB  1 
ATOM   205  C  CG  . ARG A 1 26  ? -13.511 10.713  -7.417  1.00 23.35 ? 154 ARG A CG  1 
ATOM   206  C  CD  . ARG A 1 26  ? -12.427 11.217  -8.361  1.00 23.69 ? 154 ARG A CD  1 
ATOM   207  N  NE  . ARG A 1 26  ? -12.461 12.671  -8.504  1.00 30.85 ? 154 ARG A NE  1 
ATOM   208  C  CZ  . ARG A 1 26  ? -11.719 13.517  -7.792  1.00 33.24 ? 154 ARG A CZ  1 
ATOM   209  N  NH1 . ARG A 1 26  ? -10.865 13.066  -6.872  1.00 35.43 ? 154 ARG A NH1 1 
ATOM   210  N  NH2 . ARG A 1 26  ? -11.831 14.823  -8.000  1.00 34.60 ? 154 ARG A NH2 1 
ATOM   211  N  N   . THR A 1 27  ? -14.096 6.414   -6.289  1.00 17.37 ? 155 THR A N   1 
ATOM   212  C  CA  . THR A 1 27  ? -13.649 5.061   -6.002  1.00 16.23 ? 155 THR A CA  1 
ATOM   213  C  C   . THR A 1 27  ? -12.486 4.711   -6.912  1.00 15.64 ? 155 THR A C   1 
ATOM   214  O  O   . THR A 1 27  ? -12.409 5.182   -8.059  1.00 16.75 ? 155 THR A O   1 
ATOM   215  C  CB  . THR A 1 27  ? -14.787 4.055   -6.171  1.00 16.33 ? 155 THR A CB  1 
ATOM   216  O  OG1 . THR A 1 27  ? -15.240 4.082   -7.528  1.00 16.76 ? 155 THR A OG1 1 
ATOM   217  C  CG2 . THR A 1 27  ? -16.015 4.443   -5.327  1.00 16.39 ? 155 THR A CG2 1 
ATOM   218  N  N   . LEU A 1 28  ? -11.572 3.914   -6.367  0.50 13.40 ? 156 LEU A N   1 
ATOM   219  C  CA  A LEU A 1 28  ? -10.367 3.494   -7.064  0.50 13.30 ? 156 LEU A CA  1 
ATOM   220  C  CA  B LEU A 1 28  ? -10.370 3.488   -7.073  0.50 13.40 ? 156 LEU A CA  1 
ATOM   221  C  C   . LEU A 1 28  ? -10.205 1.986   -6.912  0.50 11.79 ? 156 LEU A C   1 
ATOM   222  O  O   . LEU A 1 28  ? -10.915 1.352   -6.134  0.50 8.43  ? 156 LEU A O   1 
ATOM   223  C  CB  A LEU A 1 28  ? -9.147  4.216   -6.478  0.50 14.02 ? 156 LEU A CB  1 
ATOM   224  C  CB  B LEU A 1 28  ? -9.123  4.194   -6.514  0.50 14.26 ? 156 LEU A CB  1 
ATOM   225  C  CG  A LEU A 1 28  ? -9.059  5.732   -6.682  0.50 15.94 ? 156 LEU A CG  1 
ATOM   226  C  CG  B LEU A 1 28  ? -8.962  5.719   -6.522  0.50 16.52 ? 156 LEU A CG  1 
ATOM   227  C  CD1 A LEU A 1 28  ? -8.012  6.338   -5.760  0.50 16.37 ? 156 LEU A CD1 1 
ATOM   228  C  CD1 B LEU A 1 28  ? -9.437  6.366   -7.831  0.50 17.86 ? 156 LEU A CD1 1 
ATOM   229  C  CD2 A LEU A 1 28  ? -8.757  6.084   -8.139  0.50 17.11 ? 156 LEU A CD2 1 
ATOM   230  C  CD2 B LEU A 1 28  ? -9.657  6.335   -5.331  0.50 18.59 ? 156 LEU A CD2 1 
ATOM   231  N  N   . ALA A 1 29  ? -9.255  1.418   -7.644  1.00 12.12 ? 157 ALA A N   1 
ATOM   232  C  CA  . ALA A 1 29  ? -8.993  -0.010  -7.562  1.00 11.75 ? 157 ALA A CA  1 
ATOM   233  C  C   . ALA A 1 29  ? -7.514  -0.298  -7.332  1.00 11.77 ? 157 ALA A C   1 
ATOM   234  O  O   . ALA A 1 29  ? -7.050  -1.409  -7.581  1.00 11.98 ? 157 ALA A O   1 
ATOM   235  C  CB  . ALA A 1 29  ? -9.499  -0.729  -8.819  1.00 12.09 ? 157 ALA A CB  1 
ATOM   236  N  N   . CYS A 1 30  ? -6.771  0.694   -6.848  1.00 11.78 ? 158 CYS A N   1 
ATOM   237  C  CA  . CYS A 1 30  ? -5.368  0.490   -6.491  1.00 11.60 ? 158 CYS A CA  1 
ATOM   238  C  C   . CYS A 1 30  ? -5.047  1.377   -5.307  1.00 11.50 ? 158 CYS A C   1 
ATOM   239  O  O   . CYS A 1 30  ? -5.403  2.559   -5.302  1.00 12.10 ? 158 CYS A O   1 
ATOM   240  C  CB  . CYS A 1 30  ? -4.446  0.790   -7.677  1.00 11.89 ? 158 CYS A CB  1 
ATOM   241  S  SG  . CYS A 1 30  ? -2.703  0.401   -7.403  1.00 13.10 ? 158 CYS A SG  1 
ATOM   242  N  N   . PHE A 1 31  ? -4.378  0.798   -4.312  1.00 11.35 ? 159 PHE A N   1 
ATOM   243  C  CA  . PHE A 1 31  ? -4.143  1.469   -3.027  1.00 11.62 ? 159 PHE A CA  1 
ATOM   244  C  C   . PHE A 1 31  ? -2.787  1.144   -2.474  1.00 11.79 ? 159 PHE A C   1 
ATOM   245  O  O   . PHE A 1 31  ? -2.193  0.124   -2.817  1.00 11.59 ? 159 PHE A O   1 
ATOM   246  C  CB  . PHE A 1 31  ? -5.184  1.039   -1.983  1.00 12.08 ? 159 PHE A CB  1 
ATOM   247  C  CG  . PHE A 1 31  ? -6.595  1.226   -2.447  1.00 12.16 ? 159 PHE A CG  1 
ATOM   248  C  CD1 . PHE A 1 31  ? -7.253  0.195   -3.138  1.00 11.94 ? 159 PHE A CD1 1 
ATOM   249  C  CD2 . PHE A 1 31  ? -7.262  2.432   -2.228  1.00 12.21 ? 159 PHE A CD2 1 
ATOM   250  C  CE1 . PHE A 1 31  ? -8.549  0.372   -3.588  1.00 12.56 ? 159 PHE A CE1 1 
ATOM   251  C  CE2 . PHE A 1 31  ? -8.566  2.611   -2.699  1.00 13.27 ? 159 PHE A CE2 1 
ATOM   252  C  CZ  . PHE A 1 31  ? -9.201  1.577   -3.375  1.00 12.23 ? 159 PHE A CZ  1 
ATOM   253  N  N   . ALA A 1 32  ? -2.309  2.029   -1.612  1.00 11.53 ? 160 ALA A N   1 
ATOM   254  C  CA  . ALA A 1 32  ? -1.078  1.816   -0.895  1.00 11.94 ? 160 ALA A CA  1 
ATOM   255  C  C   . ALA A 1 32  ? -1.263  2.219   0.554   1.00 11.80 ? 160 ALA A C   1 
ATOM   256  O  O   . ALA A 1 32  ? -2.021  3.155   0.864   1.00 12.04 ? 160 ALA A O   1 
ATOM   257  C  CB  . ALA A 1 32  ? 0.088   2.587   -1.530  1.00 12.58 ? 160 ALA A CB  1 
ATOM   258  N  N   . ILE A 1 33  ? -0.585  1.482   1.436   1.00 11.32 ? 161 ILE A N   1 
ATOM   259  C  CA  . ILE A 1 33  ? -0.611  1.756   2.873   1.00 12.13 ? 161 ILE A CA  1 
ATOM   260  C  C   . ILE A 1 33  ? 0.811   1.826   3.388   1.00 12.26 ? 161 ILE A C   1 
ATOM   261  O  O   . ILE A 1 33  ? 1.615   0.946   3.090   1.00 13.23 ? 161 ILE A O   1 
ATOM   262  C  CB  . ILE A 1 33  ? -1.377  0.647   3.608   1.00 11.88 ? 161 ILE A CB  1 
ATOM   263  C  CG1 . ILE A 1 33  ? -2.849  0.669   3.188   1.00 12.97 ? 161 ILE A CG1 1 
ATOM   264  C  CG2 . ILE A 1 33  ? -1.223  0.803   5.120   1.00 13.37 ? 161 ILE A CG2 1 
ATOM   265  C  CD1 . ILE A 1 33  ? -3.671  -0.494  3.772   1.00 13.06 ? 161 ILE A CD1 1 
ATOM   266  N  N   . TYR A 1 34  ? 1.118   2.883   4.142   1.00 12.39 ? 162 TYR A N   1 
ATOM   267  C  CA  . TYR A 1 34  ? 2.407   3.017   4.824   1.00 12.44 ? 162 TYR A CA  1 
ATOM   268  C  C   . TYR A 1 34  ? 2.154   2.804   6.302   1.00 12.85 ? 162 TYR A C   1 
ATOM   269  O  O   . TYR A 1 34  ? 1.328   3.503   6.896   1.00 12.94 ? 162 TYR A O   1 
ATOM   270  C  CB  . TYR A 1 34  ? 2.946   4.426   4.624   1.00 13.09 ? 162 TYR A CB  1 
ATOM   271  C  CG  . TYR A 1 34  ? 4.438   4.622   4.789   1.00 12.62 ? 162 TYR A CG  1 
ATOM   272  C  CD1 . TYR A 1 34  ? 5.338   3.544   4.796   1.00 13.53 ? 162 TYR A CD1 1 
ATOM   273  C  CD2 . TYR A 1 34  ? 4.952   5.913   4.885   1.00 13.03 ? 162 TYR A CD2 1 
ATOM   274  C  CE1 . TYR A 1 34  ? 6.730   3.768   4.893   1.00 13.50 ? 162 TYR A CE1 1 
ATOM   275  C  CE2 . TYR A 1 34  ? 6.326   6.135   4.996   1.00 13.14 ? 162 TYR A CE2 1 
ATOM   276  C  CZ  . TYR A 1 34  ? 7.204   5.064   4.983   1.00 13.51 ? 162 TYR A CZ  1 
ATOM   277  O  OH  . TYR A 1 34  ? 8.565   5.306   5.078   1.00 14.65 ? 162 TYR A OH  1 
ATOM   278  N  N   . THR A 1 35  ? 2.836   1.823   6.886   1.00 13.25 ? 163 THR A N   1 
ATOM   279  C  CA  . THR A 1 35  ? 2.656   1.526   8.305   1.00 13.51 ? 163 THR A CA  1 
ATOM   280  C  C   . THR A 1 35  ? 3.860   0.751   8.836   1.00 13.65 ? 163 THR A C   1 
ATOM   281  O  O   . THR A 1 35  ? 4.868   0.634   8.134   1.00 13.65 ? 163 THR A O   1 
ATOM   282  C  CB  . THR A 1 35  ? 1.299   0.799   8.530   1.00 13.59 ? 163 THR A CB  1 
ATOM   283  O  OG1 . THR A 1 35  ? 1.021   0.731   9.936   1.00 14.37 ? 163 THR A OG1 1 
ATOM   284  C  CG2 . THR A 1 35  ? 1.323   -0.662  8.026   1.00 14.59 ? 163 THR A CG2 1 
ATOM   285  N  N   . THR A 1 36  ? 3.784   0.245   10.069  1.00 14.33 ? 164 THR A N   1 
ATOM   286  C  CA  . THR A 1 36  ? 4.943   -0.425  10.656  1.00 15.23 ? 164 THR A CA  1 
ATOM   287  C  C   . THR A 1 36  ? 5.129   -1.802  10.049  1.00 16.09 ? 164 THR A C   1 
ATOM   288  O  O   . THR A 1 36  ? 4.217   -2.335  9.403   1.00 16.47 ? 164 THR A O   1 
ATOM   289  C  CB  . THR A 1 36  ? 4.821   -0.544  12.179  1.00 14.89 ? 164 THR A CB  1 
ATOM   290  O  OG1 . THR A 1 36  ? 3.648   -1.308  12.494  1.00 16.50 ? 164 THR A OG1 1 
ATOM   291  C  CG2 . THR A 1 36  ? 4.582   0.829   12.818  1.00 15.49 ? 164 THR A CG2 1 
ATOM   292  N  N   . LYS A 1 37  ? 6.316   -2.363  10.253  1.00 17.03 ? 165 LYS A N   1 
ATOM   293  C  CA  A LYS A 1 37  ? 6.645   -3.672  9.701   0.50 17.79 ? 165 LYS A CA  1 
ATOM   294  C  CA  B LYS A 1 37  ? 6.657   -3.681  9.719   0.50 17.90 ? 165 LYS A CA  1 
ATOM   295  C  C   . LYS A 1 37  ? 5.687   -4.736  10.238  1.00 18.19 ? 165 LYS A C   1 
ATOM   296  O  O   . LYS A 1 37  ? 5.124   -5.514  9.469   1.00 18.38 ? 165 LYS A O   1 
ATOM   297  C  CB  A LYS A 1 37  ? 8.120   -4.020  9.964   0.50 17.59 ? 165 LYS A CB  1 
ATOM   298  C  CB  B LYS A 1 37  ? 8.103   -4.049  10.077  0.50 17.67 ? 165 LYS A CB  1 
ATOM   299  C  CG  A LYS A 1 37  ? 9.109   -3.017  9.332   0.50 18.36 ? 165 LYS A CG  1 
ATOM   300  C  CG  B LYS A 1 37  ? 9.158   -3.134  9.450   0.50 18.66 ? 165 LYS A CG  1 
ATOM   301  C  CD  A LYS A 1 37  ? 10.573  -3.478  9.387   0.50 18.48 ? 165 LYS A CD  1 
ATOM   302  C  CD  B LYS A 1 37  ? 10.573  -3.517  9.868   0.50 18.94 ? 165 LYS A CD  1 
ATOM   303  C  CE  A LYS A 1 37  ? 11.157  -3.421  10.800  0.50 18.90 ? 165 LYS A CE  1 
ATOM   304  C  CE  B LYS A 1 37  ? 10.889  -3.058  11.284  0.50 19.97 ? 165 LYS A CE  1 
ATOM   305  N  NZ  A LYS A 1 37  ? 11.111  -2.056  11.403  0.50 18.90 ? 165 LYS A NZ  1 
ATOM   306  N  NZ  B LYS A 1 37  ? 12.285  -3.379  11.667  0.50 20.03 ? 165 LYS A NZ  1 
ATOM   307  N  N   . GLU A 1 38  ? 5.471   -4.740  11.549  1.00 18.75 ? 166 GLU A N   1 
ATOM   308  C  CA  . GLU A 1 38  ? 4.553   -5.692  12.166  1.00 19.94 ? 166 GLU A CA  1 
ATOM   309  C  C   . GLU A 1 38  ? 3.109   -5.566  11.661  1.00 19.30 ? 166 GLU A C   1 
ATOM   310  O  O   . GLU A 1 38  ? 2.464   -6.571  11.354  1.00 19.68 ? 166 GLU A O   1 
ATOM   311  C  CB  . GLU A 1 38  ? 4.619   -5.587  13.693  1.00 20.68 ? 166 GLU A CB  1 
ATOM   312  C  CG  . GLU A 1 38  ? 5.714   -6.444  14.319  1.00 25.04 ? 166 GLU A CG  1 
ATOM   313  C  CD  . GLU A 1 38  ? 7.055   -5.735  14.438  1.00 29.34 ? 166 GLU A CD  1 
ATOM   314  O  OE1 . GLU A 1 38  ? 7.180   -4.819  15.286  1.00 31.44 ? 166 GLU A OE1 1 
ATOM   315  O  OE2 . GLU A 1 38  ? 7.999   -6.101  13.696  1.00 31.79 ? 166 GLU A OE2 1 
ATOM   316  N  N   . LYS A 1 39  ? 2.608   -4.337  11.551  1.00 18.70 ? 167 LYS A N   1 
ATOM   317  C  CA  . LYS A 1 39  ? 1.214   -4.131  11.149  1.00 18.03 ? 167 LYS A CA  1 
ATOM   318  C  C   . LYS A 1 39  ? 0.989   -4.433  9.669   1.00 17.11 ? 167 LYS A C   1 
ATOM   319  O  O   . LYS A 1 39  ? -0.075  -4.937  9.289   1.00 16.97 ? 167 LYS A O   1 
ATOM   320  C  CB  . LYS A 1 39  ? 0.732   -2.717  11.494  1.00 18.55 ? 167 LYS A CB  1 
ATOM   321  C  CG  . LYS A 1 39  ? 0.667   -2.414  12.990  1.00 20.44 ? 167 LYS A CG  1 
ATOM   322  C  CD  . LYS A 1 39  ? -0.373  -3.257  13.710  1.00 24.43 ? 167 LYS A CD  1 
ATOM   323  C  CE  . LYS A 1 39  ? -0.269  -3.047  15.215  1.00 26.81 ? 167 LYS A CE  1 
ATOM   324  N  NZ  . LYS A 1 39  ? -1.513  -3.459  15.912  1.00 29.11 ? 167 LYS A NZ  1 
ATOM   325  N  N   . ALA A 1 40  ? 1.983   -4.133  8.835   1.00 16.34 ? 168 ALA A N   1 
ATOM   326  C  CA  . ALA A 1 40  ? 1.867   -4.428  7.412   1.00 16.08 ? 168 ALA A CA  1 
ATOM   327  C  C   . ALA A 1 40  ? 1.843   -5.928  7.155   1.00 16.14 ? 168 ALA A C   1 
ATOM   328  O  O   . ALA A 1 40  ? 1.124   -6.388  6.264   1.00 15.44 ? 168 ALA A O   1 
ATOM   329  C  CB  . ALA A 1 40  ? 2.989   -3.767  6.628   1.00 15.39 ? 168 ALA A CB  1 
ATOM   330  N  N   . ALA A 1 41  ? 2.618   -6.692  7.930   1.00 16.29 ? 169 ALA A N   1 
ATOM   331  C  CA  . ALA A 1 41  ? 2.625   -8.152  7.787   1.00 16.73 ? 169 ALA A CA  1 
ATOM   332  C  C   . ALA A 1 41  ? 1.232   -8.717  8.047   1.00 17.26 ? 169 ALA A C   1 
ATOM   333  O  O   . ALA A 1 41  ? 0.753   -9.585  7.311   1.00 17.25 ? 169 ALA A O   1 
ATOM   334  C  CB  . ALA A 1 41  ? 3.643   -8.781  8.728   1.00 17.01 ? 169 ALA A CB  1 
ATOM   335  N  N   . LEU A 1 42  ? 0.583   -8.199  9.084   1.00 17.53 ? 170 LEU A N   1 
ATOM   336  C  CA  . LEU A 1 42  ? -0.769  -8.620  9.428   1.00 18.06 ? 170 LEU A CA  1 
ATOM   337  C  C   . LEU A 1 42  ? -1.782  -8.179  8.368   1.00 17.20 ? 170 LEU A C   1 
ATOM   338  O  O   . LEU A 1 42  ? -2.597  -8.975  7.887   1.00 17.13 ? 170 LEU A O   1 
ATOM   339  C  CB  . LEU A 1 42  ? -1.146  -8.057  10.804  1.00 18.87 ? 170 LEU A CB  1 
ATOM   340  C  CG  . LEU A 1 42  ? -2.584  -8.165  11.324  1.00 20.71 ? 170 LEU A CG  1 
ATOM   341  C  CD1 . LEU A 1 42  ? -3.082  -9.602  11.345  1.00 22.41 ? 170 LEU A CD1 1 
ATOM   342  C  CD2 . LEU A 1 42  ? -2.665  -7.554  12.723  1.00 20.73 ? 170 LEU A CD2 1 
ATOM   343  N  N   . LEU A 1 43  ? -1.719  -6.909  7.987   1.00 16.13 ? 171 LEU A N   1 
ATOM   344  C  CA  . LEU A 1 43  ? -2.655  -6.368  7.004   1.00 15.66 ? 171 LEU A CA  1 
ATOM   345  C  C   . LEU A 1 43  ? -2.543  -7.016  5.622   1.00 15.66 ? 171 LEU A C   1 
ATOM   346  O  O   . LEU A 1 43  ? -3.535  -7.117  4.908   1.00 16.08 ? 171 LEU A O   1 
ATOM   347  C  CB  . LEU A 1 43  ? -2.492  -4.851  6.889   1.00 16.10 ? 171 LEU A CB  1 
ATOM   348  C  CG  . LEU A 1 43  ? -3.086  -4.003  8.015   1.00 16.70 ? 171 LEU A CG  1 
ATOM   349  C  CD1 . LEU A 1 43  ? -2.764  -2.548  7.761   1.00 18.26 ? 171 LEU A CD1 1 
ATOM   350  C  CD2 . LEU A 1 43  ? -4.594  -4.174  8.124   1.00 18.00 ? 171 LEU A CD2 1 
ATOM   351  N  N   . TYR A 1 44  ? -1.346  -7.470  5.260   1.00 15.13 ? 172 TYR A N   1 
ATOM   352  C  CA  . TYR A 1 44  ? -1.148  -8.184  3.998   1.00 15.05 ? 172 TYR A CA  1 
ATOM   353  C  C   . TYR A 1 44  ? -2.156  -9.314  3.871   1.00 14.92 ? 172 TYR A C   1 
ATOM   354  O  O   . TYR A 1 44  ? -2.879  -9.416  2.881   1.00 14.56 ? 172 TYR A O   1 
ATOM   355  C  CB  . TYR A 1 44  ? 0.281   -8.726  3.927   1.00 14.90 ? 172 TYR A CB  1 
ATOM   356  C  CG  . TYR A 1 44  ? 0.622   -9.503  2.675   1.00 14.39 ? 172 TYR A CG  1 
ATOM   357  C  CD1 . TYR A 1 44  ? 1.127   -8.862  1.541   1.00 14.13 ? 172 TYR A CD1 1 
ATOM   358  C  CD2 . TYR A 1 44  ? 0.490   -10.893 2.647   1.00 15.84 ? 172 TYR A CD2 1 
ATOM   359  C  CE1 . TYR A 1 44  ? 1.461   -9.586  0.404   1.00 12.95 ? 172 TYR A CE1 1 
ATOM   360  C  CE2 . TYR A 1 44  ? 0.821   -11.621 1.512   1.00 16.10 ? 172 TYR A CE2 1 
ATOM   361  C  CZ  . TYR A 1 44  ? 1.301   -10.957 0.396   1.00 14.37 ? 172 TYR A CZ  1 
ATOM   362  O  OH  . TYR A 1 44  ? 1.632   -11.676 -0.729  1.00 15.68 ? 172 TYR A OH  1 
ATOM   363  N  N   . LYS A 1 45  ? -2.218  -10.155 4.901   1.00 14.73 ? 173 LYS A N   1 
ATOM   364  C  CA  . LYS A 1 45  ? -3.127  -11.294 4.903   1.00 14.87 ? 173 LYS A CA  1 
ATOM   365  C  C   . LYS A 1 45  ? -4.595  -10.875 4.987   1.00 14.18 ? 173 LYS A C   1 
ATOM   366  O  O   . LYS A 1 45  ? -5.439  -11.398 4.253   1.00 14.88 ? 173 LYS A O   1 
ATOM   367  C  CB  . LYS A 1 45  ? -2.790  -12.233 6.063   1.00 15.37 ? 173 LYS A CB  1 
ATOM   368  C  CG  . LYS A 1 45  ? -1.389  -12.804 5.997   1.00 18.81 ? 173 LYS A CG  1 
ATOM   369  C  CD  . LYS A 1 45  ? -1.153  -13.753 7.162   1.00 21.88 ? 173 LYS A CD  1 
ATOM   370  C  CE  . LYS A 1 45  ? 0.045   -14.650 6.910   1.00 25.09 ? 173 LYS A CE  1 
ATOM   371  N  NZ  . LYS A 1 45  ? 1.278   -13.883 6.599   1.00 26.57 ? 173 LYS A NZ  1 
ATOM   372  N  N   . LYS A 1 46  ? -4.894  -9.926  5.869   1.00 14.75 ? 174 LYS A N   1 
ATOM   373  C  CA  . LYS A 1 46  ? -6.273  -9.512  6.093   1.00 14.51 ? 174 LYS A CA  1 
ATOM   374  C  C   . LYS A 1 46  ? -6.866  -8.792  4.881   1.00 14.37 ? 174 LYS A C   1 
ATOM   375  O  O   . LYS A 1 46  ? -8.001  -9.057  4.497   1.00 14.06 ? 174 LYS A O   1 
ATOM   376  C  CB  . LYS A 1 46  ? -6.374  -8.606  7.327   1.00 15.67 ? 174 LYS A CB  1 
ATOM   377  C  CG  . LYS A 1 46  ? -6.035  -9.279  8.657   1.00 17.50 ? 174 LYS A CG  1 
ATOM   378  C  CD  . LYS A 1 46  ? -7.051  -10.343 9.033   1.00 22.48 ? 174 LYS A CD  1 
ATOM   379  C  CE  . LYS A 1 46  ? -6.774  -10.913 10.419  1.00 25.66 ? 174 LYS A CE  1 
ATOM   380  N  NZ  . LYS A 1 46  ? -7.879  -11.819 10.842  1.00 28.37 ? 174 LYS A NZ  1 
ATOM   381  N  N   . ILE A 1 47  ? -6.102  -7.881  4.287   1.00 14.13 ? 175 ILE A N   1 
ATOM   382  C  CA  . ILE A 1 47  ? -6.555  -7.165  3.095   1.00 14.46 ? 175 ILE A CA  1 
ATOM   383  C  C   . ILE A 1 47  ? -6.710  -8.103  1.899   1.00 14.24 ? 175 ILE A C   1 
ATOM   384  O  O   . ILE A 1 47  ? -7.679  -8.005  1.147   1.00 13.50 ? 175 ILE A O   1 
ATOM   385  C  CB  . ILE A 1 47  ? -5.595  -5.998  2.789   1.00 14.36 ? 175 ILE A CB  1 
ATOM   386  C  CG1 . ILE A 1 47  ? -5.777  -4.930  3.872   1.00 17.27 ? 175 ILE A CG1 1 
ATOM   387  C  CG2 . ILE A 1 47  ? -5.859  -5.408  1.399   1.00 15.95 ? 175 ILE A CG2 1 
ATOM   388  C  CD1 . ILE A 1 47  ? -4.849  -3.773  3.763   1.00 19.03 ? 175 ILE A CD1 1 
HETATM 389  N  N   . MSE A 1 48  ? -5.780  -9.044  1.756   1.00 14.20 ? 176 MSE A N   1 
HETATM 390  C  CA  . MSE A 1 48  ? -5.869  -10.008 0.668   1.00 15.65 ? 176 MSE A CA  1 
HETATM 391  C  C   . MSE A 1 48  ? -7.244  -10.667 0.659   1.00 15.47 ? 176 MSE A C   1 
HETATM 392  O  O   . MSE A 1 48  ? -7.895  -10.751 -0.380  1.00 15.73 ? 176 MSE A O   1 
HETATM 393  C  CB  . MSE A 1 48  ? -4.789  -11.073 0.816   1.00 15.05 ? 176 MSE A CB  1 
HETATM 394  C  CG  . MSE A 1 48  ? -4.875  -12.174 -0.230  1.00 15.40 ? 176 MSE A CG  1 
HETATM 395  SE SE  . MSE A 1 48  ? -3.619  -13.625 0.076   1.00 20.83 ? 176 MSE A SE  1 
HETATM 396  C  CE  . MSE A 1 48  ? -2.173  -12.819 -0.659  1.00 20.70 ? 176 MSE A CE  1 
ATOM   397  N  N   . GLU A 1 49  ? -7.677  -11.122 1.826   1.00 15.91 ? 177 GLU A N   1 
ATOM   398  C  CA  . GLU A 1 49  ? -8.960  -11.800 1.935   1.00 16.74 ? 177 GLU A CA  1 
ATOM   399  C  C   . GLU A 1 49  ? -10.148 -10.836 1.898   1.00 16.47 ? 177 GLU A C   1 
ATOM   400  O  O   . GLU A 1 49  ? -11.135 -11.079 1.199   1.00 16.78 ? 177 GLU A O   1 
ATOM   401  C  CB  . GLU A 1 49  ? -9.000  -12.666 3.195   1.00 17.57 ? 177 GLU A CB  1 
ATOM   402  C  CG  . GLU A 1 49  ? -10.350 -13.335 3.422   1.00 21.38 ? 177 GLU A CG  1 
ATOM   403  C  CD  . GLU A 1 49  ? -10.259 -14.616 4.221   1.00 26.94 ? 177 GLU A CD  1 
ATOM   404  O  OE1 . GLU A 1 49  ? -9.464  -14.677 5.184   1.00 30.24 ? 177 GLU A OE1 1 
ATOM   405  O  OE2 . GLU A 1 49  ? -11.000 -15.566 3.887   1.00 29.76 ? 177 GLU A OE2 1 
ATOM   406  N  N   . LYS A 1 50  ? -10.068 -9.749  2.660   1.00 15.77 ? 178 LYS A N   1 
ATOM   407  C  CA  . LYS A 1 50  ? -11.189 -8.815  2.770   1.00 15.93 ? 178 LYS A CA  1 
ATOM   408  C  C   . LYS A 1 50  ? -11.596 -8.239  1.412   1.00 15.42 ? 178 LYS A C   1 
ATOM   409  O  O   . LYS A 1 50  ? -12.786 -8.165  1.073   1.00 15.80 ? 178 LYS A O   1 
ATOM   410  C  CB  . LYS A 1 50  ? -10.851 -7.675  3.742   1.00 16.10 ? 178 LYS A CB  1 
ATOM   411  C  CG  . LYS A 1 50  ? -11.877 -6.536  3.782   1.00 17.03 ? 178 LYS A CG  1 
ATOM   412  C  CD  . LYS A 1 50  ? -13.186 -6.966  4.425   1.00 19.41 ? 178 LYS A CD  1 
ATOM   413  C  CE  . LYS A 1 50  ? -14.148 -5.792  4.491   1.00 21.48 ? 178 LYS A CE  1 
ATOM   414  N  NZ  . LYS A 1 50  ? -15.447 -6.223  5.070   1.00 24.38 ? 178 LYS A NZ  1 
ATOM   415  N  N   . TYR A 1 51  ? -10.595 -7.845  0.633   1.00 15.01 ? 179 TYR A N   1 
ATOM   416  C  CA  . TYR A 1 51  ? -10.845 -7.158  -0.625  1.00 14.85 ? 179 TYR A CA  1 
ATOM   417  C  C   . TYR A 1 51  ? -10.643 -8.028  -1.848  1.00 14.58 ? 179 TYR A C   1 
ATOM   418  O  O   . TYR A 1 51  ? -10.657 -7.517  -2.975  1.00 15.53 ? 179 TYR A O   1 
ATOM   419  C  CB  . TYR A 1 51  ? -10.025 -5.859  -0.700  1.00 15.40 ? 179 TYR A CB  1 
ATOM   420  C  CG  . TYR A 1 51  ? -10.532 -4.859  0.302   1.00 16.19 ? 179 TYR A CG  1 
ATOM   421  C  CD1 . TYR A 1 51  ? -9.808  -4.574  1.455   1.00 17.12 ? 179 TYR A CD1 1 
ATOM   422  C  CD2 . TYR A 1 51  ? -11.769 -4.243  0.122   1.00 17.20 ? 179 TYR A CD2 1 
ATOM   423  C  CE1 . TYR A 1 51  ? -10.295 -3.678  2.395   1.00 17.62 ? 179 TYR A CE1 1 
ATOM   424  C  CE2 . TYR A 1 51  ? -12.270 -3.351  1.061   1.00 17.69 ? 179 TYR A CE2 1 
ATOM   425  C  CZ  . TYR A 1 51  ? -11.527 -3.075  2.187   1.00 17.98 ? 179 TYR A CZ  1 
ATOM   426  O  OH  . TYR A 1 51  ? -12.031 -2.180  3.100   1.00 19.60 ? 179 TYR A OH  1 
ATOM   427  N  N   A SER A 1 52  ? -10.472 -9.332  -1.615  0.50 14.14 ? 180 SER A N   1 
ATOM   428  N  N   B SER A 1 52  ? -10.452 -9.332  -1.633  0.50 14.22 ? 180 SER A N   1 
ATOM   429  C  CA  A SER A 1 52  ? -10.276 -10.322 -2.673  0.50 13.76 ? 180 SER A CA  1 
ATOM   430  C  CA  B SER A 1 52  ? -10.310 -10.301 -2.725  0.50 13.97 ? 180 SER A CA  1 
ATOM   431  C  C   A SER A 1 52  ? -9.330  -9.772  -3.731  0.50 13.32 ? 180 SER A C   1 
ATOM   432  C  C   B SER A 1 52  ? -9.297  -9.825  -3.763  0.50 13.41 ? 180 SER A C   1 
ATOM   433  O  O   A SER A 1 52  ? -9.674  -9.674  -4.907  0.50 13.24 ? 180 SER A O   1 
ATOM   434  O  O   B SER A 1 52  ? -9.560  -9.847  -4.964  0.50 13.50 ? 180 SER A O   1 
ATOM   435  C  CB  A SER A 1 52  ? -11.623 -10.712 -3.283  0.50 14.29 ? 180 SER A CB  1 
ATOM   436  C  CB  B SER A 1 52  ? -11.670 -10.538 -3.385  0.50 14.39 ? 180 SER A CB  1 
ATOM   437  O  OG  A SER A 1 52  ? -11.510 -11.882 -4.073  0.50 14.76 ? 180 SER A OG  1 
ATOM   438  O  OG  B SER A 1 52  ? -12.643 -10.914 -2.428  0.50 15.99 ? 180 SER A OG  1 
ATOM   439  N  N   . VAL A 1 53  ? -8.136  -9.388  -3.293  1.00 13.00 ? 181 VAL A N   1 
ATOM   440  C  CA  . VAL A 1 53  ? -7.241  -8.611  -4.130  1.00 12.60 ? 181 VAL A CA  1 
ATOM   441  C  C   . VAL A 1 53  ? -6.858  -9.308  -5.422  1.00 13.16 ? 181 VAL A C   1 
ATOM   442  O  O   . VAL A 1 53  ? -6.670  -10.534 -5.460  1.00 13.33 ? 181 VAL A O   1 
ATOM   443  C  CB  . VAL A 1 53  ? -5.976  -8.159  -3.364  1.00 12.14 ? 181 VAL A CB  1 
ATOM   444  C  CG1 . VAL A 1 53  ? -6.345  -7.290  -2.160  1.00 13.24 ? 181 VAL A CG1 1 
ATOM   445  C  CG2 . VAL A 1 53  ? -5.137  -9.357  -2.952  1.00 13.15 ? 181 VAL A CG2 1 
ATOM   446  N  N   . THR A 1 54  ? -6.761  -8.525  -6.490  1.00 12.87 ? 182 THR A N   1 
ATOM   447  C  CA  . THR A 1 54  ? -6.166  -8.979  -7.740  1.00 13.26 ? 182 THR A CA  1 
ATOM   448  C  C   . THR A 1 54  ? -4.680  -9.282  -7.528  1.00 12.70 ? 182 THR A C   1 
ATOM   449  O  O   . THR A 1 54  ? -4.106  -10.189 -8.123  1.00 13.61 ? 182 THR A O   1 
ATOM   450  C  CB  . THR A 1 54  ? -6.327  -7.859  -8.793  1.00 14.65 ? 182 THR A CB  1 
ATOM   451  O  OG1 . THR A 1 54  ? -7.718  -7.697  -9.092  1.00 17.50 ? 182 THR A OG1 1 
ATOM   452  C  CG2 . THR A 1 54  ? -5.689  -8.254  -10.124 1.00 17.03 ? 182 THR A CG2 1 
ATOM   453  N  N   . PHE A 1 55  ? -4.055  -8.475  -6.681  1.00 11.32 ? 183 PHE A N   1 
ATOM   454  C  CA  . PHE A 1 55  ? -2.625  -8.548  -6.426  1.00 11.70 ? 183 PHE A CA  1 
ATOM   455  C  C   . PHE A 1 55  ? -2.320  -7.769  -5.166  1.00 11.33 ? 183 PHE A C   1 
ATOM   456  O  O   . PHE A 1 55  ? -2.920  -6.723  -4.923  1.00 11.50 ? 183 PHE A O   1 
ATOM   457  C  CB  . PHE A 1 55  ? -1.843  -7.901  -7.566  1.00 11.39 ? 183 PHE A CB  1 
ATOM   458  C  CG  . PHE A 1 55  ? -0.355  -7.870  -7.330  1.00 11.61 ? 183 PHE A CG  1 
ATOM   459  C  CD1 . PHE A 1 55  ? 0.414   -9.024  -7.457  1.00 11.71 ? 183 PHE A CD1 1 
ATOM   460  C  CD2 . PHE A 1 55  ? 0.269   -6.685  -6.946  1.00 12.55 ? 183 PHE A CD2 1 
ATOM   461  C  CE1 . PHE A 1 55  ? 1.788   -8.996  -7.214  1.00 12.02 ? 183 PHE A CE1 1 
ATOM   462  C  CE2 . PHE A 1 55  ? 1.637   -6.650  -6.706  1.00 12.97 ? 183 PHE A CE2 1 
ATOM   463  C  CZ  . PHE A 1 55  ? 2.399   -7.799  -6.848  1.00 12.62 ? 183 PHE A CZ  1 
ATOM   464  N  N   . ILE A 1 56  ? -1.379  -8.268  -4.375  1.00 12.19 ? 184 ILE A N   1 
ATOM   465  C  CA  . ILE A 1 56  ? -0.893  -7.517  -3.222  1.00 12.28 ? 184 ILE A CA  1 
ATOM   466  C  C   . ILE A 1 56  ? 0.588   -7.761  -3.032  1.00 12.20 ? 184 ILE A C   1 
ATOM   467  O  O   . ILE A 1 56  ? 1.068   -8.868  -3.246  1.00 12.50 ? 184 ILE A O   1 
ATOM   468  C  CB  . ILE A 1 56  ? -1.727  -7.829  -1.938  1.00 12.38 ? 184 ILE A CB  1 
ATOM   469  C  CG1 . ILE A 1 56  ? -1.286  -6.950  -0.770  1.00 12.86 ? 184 ILE A CG1 1 
ATOM   470  C  CG2 . ILE A 1 56  ? -1.700  -9.321  -1.572  1.00 13.32 ? 184 ILE A CG2 1 
ATOM   471  C  CD1 . ILE A 1 56  ? -2.314  -6.864  0.360   1.00 13.61 ? 184 ILE A CD1 1 
ATOM   472  N  N   . SER A 1 57  ? 1.309   -6.713  -2.643  1.00 11.97 ? 185 SER A N   1 
ATOM   473  C  CA  . SER A 1 57  ? 2.730   -6.838  -2.346  1.00 12.13 ? 185 SER A CA  1 
ATOM   474  C  C   . SER A 1 57  ? 3.087   -6.041  -1.098  1.00 11.83 ? 185 SER A C   1 
ATOM   475  O  O   . SER A 1 57  ? 2.427   -5.039  -0.791  1.00 12.39 ? 185 SER A O   1 
ATOM   476  C  CB  . SER A 1 57  ? 3.574   -6.407  -3.546  1.00 12.80 ? 185 SER A CB  1 
ATOM   477  O  OG  . SER A 1 57  ? 3.217   -5.116  -4.023  1.00 12.28 ? 185 SER A OG  1 
ATOM   478  N  N   . ARG A 1 58  ? 4.121   -6.491  -0.385  1.00 12.43 ? 186 ARG A N   1 
ATOM   479  C  CA  . ARG A 1 58  ? 4.601   -5.826  0.817   1.00 12.47 ? 186 ARG A CA  1 
ATOM   480  C  C   . ARG A 1 58  ? 6.078   -5.491  0.610   1.00 12.61 ? 186 ARG A C   1 
ATOM   481  O  O   . ARG A 1 58  ? 6.830   -6.331  0.118   1.00 13.07 ? 186 ARG A O   1 
ATOM   482  C  CB  . ARG A 1 58  ? 4.414   -6.744  2.024   1.00 12.91 ? 186 ARG A CB  1 
ATOM   483  C  CG  . ARG A 1 58  ? 4.798   -6.123  3.348   1.00 13.64 ? 186 ARG A CG  1 
ATOM   484  C  CD  . ARG A 1 58  ? 4.240   -6.852  4.551   1.00 14.38 ? 186 ARG A CD  1 
ATOM   485  N  NE  . ARG A 1 58  ? 4.741   -8.217  4.702   1.00 16.02 ? 186 ARG A NE  1 
ATOM   486  C  CZ  . ARG A 1 58  ? 5.744   -8.565  5.507   1.00 16.84 ? 186 ARG A CZ  1 
ATOM   487  N  NH1 . ARG A 1 58  ? 6.388   -7.650  6.223   1.00 17.28 ? 186 ARG A NH1 1 
ATOM   488  N  NH2 . ARG A 1 58  ? 6.105   -9.841  5.595   1.00 18.27 ? 186 ARG A NH2 1 
ATOM   489  N  N   . HIS A 1 59  ? 6.480   -4.278  0.992   1.00 12.27 ? 187 HIS A N   1 
ATOM   490  C  CA  . HIS A 1 59  ? 7.784   -3.724  0.616   1.00 12.38 ? 187 HIS A CA  1 
ATOM   491  C  C   . HIS A 1 59  ? 8.484   -3.079  1.790   1.00 12.57 ? 187 HIS A C   1 
ATOM   492  O  O   . HIS A 1 59  ? 7.838   -2.458  2.637   1.00 12.69 ? 187 HIS A O   1 
ATOM   493  C  CB  . HIS A 1 59  ? 7.593   -2.646  -0.457  1.00 12.88 ? 187 HIS A CB  1 
ATOM   494  C  CG  . HIS A 1 59  ? 6.864   -3.132  -1.668  1.00 12.68 ? 187 HIS A CG  1 
ATOM   495  N  ND1 . HIS A 1 59  ? 7.511   -3.566  -2.808  1.00 12.57 ? 187 HIS A ND1 1 
ATOM   496  C  CD2 . HIS A 1 59  ? 5.537   -3.281  -1.908  1.00 12.72 ? 187 HIS A CD2 1 
ATOM   497  C  CE1 . HIS A 1 59  ? 6.613   -3.950  -3.699  1.00 13.18 ? 187 HIS A CE1 1 
ATOM   498  N  NE2 . HIS A 1 59  ? 5.408   -3.787  -3.180  1.00 12.97 ? 187 HIS A NE2 1 
ATOM   499  N  N   . ASN A 1 60  ? 9.812   -3.216  1.818   1.00 12.35 ? 188 ASN A N   1 
ATOM   500  C  CA  . ASN A 1 60  ? 10.636  -2.442  2.742   1.00 12.65 ? 188 ASN A CA  1 
ATOM   501  C  C   . ASN A 1 60  ? 10.640  -0.977  2.333   1.00 12.48 ? 188 ASN A C   1 
ATOM   502  O  O   . ASN A 1 60  ? 10.800  -0.655  1.156   1.00 12.72 ? 188 ASN A O   1 
ATOM   503  C  CB  . ASN A 1 60  ? 12.085  -2.938  2.724   1.00 13.03 ? 188 ASN A CB  1 
ATOM   504  C  CG  . ASN A 1 60  ? 12.249  -4.318  3.331   1.00 15.07 ? 188 ASN A CG  1 
ATOM   505  O  OD1 . ASN A 1 60  ? 11.978  -4.532  4.516   1.00 16.86 ? 188 ASN A OD1 1 
ATOM   506  N  ND2 . ASN A 1 60  ? 12.716  -5.263  2.518   1.00 16.30 ? 188 ASN A ND2 1 
ATOM   507  N  N   . SER A 1 61  ? 10.477  -0.098  3.314   1.00 12.23 ? 189 SER A N   1 
ATOM   508  C  CA  . SER A 1 61  ? 10.540  1.341   3.073   1.00 12.23 ? 189 SER A CA  1 
ATOM   509  C  C   . SER A 1 61  ? 11.028  2.066   4.310   1.00 12.30 ? 189 SER A C   1 
ATOM   510  O  O   . SER A 1 61  ? 10.257  2.304   5.252   1.00 12.54 ? 189 SER A O   1 
ATOM   511  C  CB  . SER A 1 61  ? 9.155   1.885   2.687   1.00 12.83 ? 189 SER A CB  1 
ATOM   512  O  OG  . SER A 1 61  ? 9.131   3.302   2.688   1.00 13.81 ? 189 SER A OG  1 
ATOM   513  N  N   . TYR A 1 62  ? 12.319  2.390   4.323   1.00 11.64 ? 190 TYR A N   1 
ATOM   514  C  CA  . TYR A 1 62  ? 12.881  3.228   5.384   1.00 11.84 ? 190 TYR A CA  1 
ATOM   515  C  C   . TYR A 1 62  ? 12.597  2.694   6.795   1.00 12.37 ? 190 TYR A C   1 
ATOM   516  O  O   . TYR A 1 62  ? 12.216  3.448   7.704   1.00 13.30 ? 190 TYR A O   1 
ATOM   517  C  CB  . TYR A 1 62  ? 12.406  4.674   5.204   1.00 12.05 ? 190 TYR A CB  1 
ATOM   518  C  CG  . TYR A 1 62  ? 12.946  5.322   3.949   1.00 12.46 ? 190 TYR A CG  1 
ATOM   519  C  CD1 . TYR A 1 62  ? 12.168  5.408   2.797   1.00 13.89 ? 190 TYR A CD1 1 
ATOM   520  C  CD2 . TYR A 1 62  ? 14.231  5.862   3.916   1.00 13.33 ? 190 TYR A CD2 1 
ATOM   521  C  CE1 . TYR A 1 62  ? 12.654  6.011   1.637   1.00 13.83 ? 190 TYR A CE1 1 
ATOM   522  C  CE2 . TYR A 1 62  ? 14.725  6.465   2.759   1.00 12.96 ? 190 TYR A CE2 1 
ATOM   523  C  CZ  . TYR A 1 62  ? 13.934  6.541   1.626   1.00 13.07 ? 190 TYR A CZ  1 
ATOM   524  O  OH  . TYR A 1 62  ? 14.440  7.147   0.493   1.00 14.94 ? 190 TYR A OH  1 
ATOM   525  N  N   . ASN A 1 63  ? 12.814  1.392   6.976   1.00 12.30 ? 191 ASN A N   1 
ATOM   526  C  CA  . ASN A 1 63  ? 12.575  0.699   8.257   1.00 14.06 ? 191 ASN A CA  1 
ATOM   527  C  C   . ASN A 1 63  ? 11.097  0.515   8.612   1.00 14.80 ? 191 ASN A C   1 
ATOM   528  O  O   . ASN A 1 63  ? 10.770  0.088   9.717   1.00 14.52 ? 191 ASN A O   1 
ATOM   529  C  CB  . ASN A 1 63  ? 13.336  1.371   9.415   1.00 14.66 ? 191 ASN A CB  1 
ATOM   530  C  CG  . ASN A 1 63  ? 13.466  0.466   10.621  1.00 16.21 ? 191 ASN A CG  1 
ATOM   531  O  OD1 . ASN A 1 63  ? 13.683  -0.740  10.485  1.00 17.84 ? 191 ASN A OD1 1 
ATOM   532  N  ND2 . ASN A 1 63  ? 13.322  1.042   11.819  1.00 18.58 ? 191 ASN A ND2 1 
ATOM   533  N  N   . HIS A 1 64  ? 10.219  0.865   7.677   1.00 14.53 ? 192 HIS A N   1 
ATOM   534  C  CA  . HIS A 1 64  ? 8.781   0.589   7.795   1.00 14.72 ? 192 HIS A CA  1 
ATOM   535  C  C   . HIS A 1 64  ? 8.401   -0.303  6.632   1.00 14.54 ? 192 HIS A C   1 
ATOM   536  O  O   . HIS A 1 64  ? 9.272   -0.843  5.948   1.00 14.49 ? 192 HIS A O   1 
ATOM   537  C  CB  . HIS A 1 64  ? 7.961   1.881   7.738   1.00 15.62 ? 192 HIS A CB  1 
ATOM   538  C  CG  . HIS A 1 64  ? 8.540   3.000   8.539   1.00 17.26 ? 192 HIS A CG  1 
ATOM   539  N  ND1 . HIS A 1 64  ? 8.530   3.003   9.916   1.00 19.48 ? 192 HIS A ND1 1 
ATOM   540  C  CD2 . HIS A 1 64  ? 9.152   4.145   8.158   1.00 19.15 ? 192 HIS A CD2 1 
ATOM   541  C  CE1 . HIS A 1 64  ? 9.117   4.106   10.351  1.00 18.15 ? 192 HIS A CE1 1 
ATOM   542  N  NE2 . HIS A 1 64  ? 9.504   4.815   9.305   1.00 20.31 ? 192 HIS A NE2 1 
ATOM   543  N  N   . ASN A 1 65  ? 7.101   -0.462  6.403   1.00 13.34 ? 193 ASN A N   1 
ATOM   544  C  CA  . ASN A 1 65  ? 6.634   -1.218  5.247   1.00 13.01 ? 193 ASN A CA  1 
ATOM   545  C  C   . ASN A 1 65  ? 5.578   -0.459  4.452   1.00 12.29 ? 193 ASN A C   1 
ATOM   546  O  O   . ASN A 1 65  ? 4.797   0.320   5.012   1.00 12.66 ? 193 ASN A O   1 
ATOM   547  C  CB  . ASN A 1 65  ? 5.970   -2.523  5.677   1.00 13.32 ? 193 ASN A CB  1 
ATOM   548  C  CG  . ASN A 1 65  ? 6.940   -3.627  5.997   1.00 14.69 ? 193 ASN A CG  1 
ATOM   549  O  OD1 . ASN A 1 65  ? 8.168   -3.440  6.100   1.00 17.42 ? 193 ASN A OD1 1 
ATOM   550  N  ND2 . ASN A 1 65  ? 6.388   -4.807  6.152   1.00 14.06 ? 193 ASN A ND2 1 
ATOM   551  N  N   . ILE A 1 66  ? 5.571   -0.703  3.144   1.00 11.93 ? 194 ILE A N   1 
ATOM   552  C  CA  . ILE A 1 66  ? 4.467   -0.272  2.285   1.00 12.14 ? 194 ILE A CA  1 
ATOM   553  C  C   . ILE A 1 66  ? 3.732   -1.498  1.736   1.00 12.18 ? 194 ILE A C   1 
ATOM   554  O  O   . ILE A 1 66  ? 4.367   -2.447  1.261   1.00 12.61 ? 194 ILE A O   1 
ATOM   555  C  CB  . ILE A 1 66  ? 4.980   0.655   1.154   1.00 12.20 ? 194 ILE A CB  1 
ATOM   556  C  CG1 . ILE A 1 66  ? 5.439   1.991   1.744   1.00 12.60 ? 194 ILE A CG1 1 
ATOM   557  C  CG2 . ILE A 1 66  ? 3.897   0.864   0.066   1.00 12.94 ? 194 ILE A CG2 1 
ATOM   558  C  CD1 . ILE A 1 66  ? 6.205   2.890   0.763   1.00 12.92 ? 194 ILE A CD1 1 
ATOM   559  N  N   . LEU A 1 67  ? 2.401   -1.471  1.835   1.00 12.51 ? 195 LEU A N   1 
ATOM   560  C  CA  . LEU A 1 67  ? 1.546   -2.420  1.145   1.00 12.57 ? 195 LEU A CA  1 
ATOM   561  C  C   . LEU A 1 67  ? 1.018   -1.762  -0.111  1.00 12.41 ? 195 LEU A C   1 
ATOM   562  O  O   . LEU A 1 67  ? 0.638   -0.594  -0.083  1.00 13.62 ? 195 LEU A O   1 
ATOM   563  C  CB  . LEU A 1 67  ? 0.360   -2.794  2.025   1.00 13.44 ? 195 LEU A CB  1 
ATOM   564  C  CG  . LEU A 1 67  ? 0.668   -3.635  3.254   1.00 15.21 ? 195 LEU A CG  1 
ATOM   565  C  CD1 . LEU A 1 67  ? -0.575  -3.749  4.119   1.00 17.56 ? 195 LEU A CD1 1 
ATOM   566  C  CD2 . LEU A 1 67  ? 1.138   -5.021  2.828   1.00 16.83 ? 195 LEU A CD2 1 
ATOM   567  N  N   . PHE A 1 68  ? 0.961   -2.530  -1.193  1.00 12.07 ? 196 PHE A N   1 
ATOM   568  C  CA  . PHE A 1 68  ? 0.455   -2.081  -2.480  1.00 12.02 ? 196 PHE A CA  1 
ATOM   569  C  C   . PHE A 1 68  ? -0.529  -3.142  -2.939  1.00 11.98 ? 196 PHE A C   1 
ATOM   570  O  O   . PHE A 1 68  ? -0.211  -4.334  -2.908  1.00 12.38 ? 196 PHE A O   1 
ATOM   571  C  CB  . PHE A 1 68  ? 1.623   -1.997  -3.481  1.00 12.19 ? 196 PHE A CB  1 
ATOM   572  C  CG  . PHE A 1 68  ? 1.199   -1.776  -4.905  1.00 12.47 ? 196 PHE A CG  1 
ATOM   573  C  CD1 . PHE A 1 68  ? 1.018   -0.486  -5.394  1.00 12.76 ? 196 PHE A CD1 1 
ATOM   574  C  CD2 . PHE A 1 68  ? 0.984   -2.857  -5.768  1.00 13.09 ? 196 PHE A CD2 1 
ATOM   575  C  CE1 . PHE A 1 68  ? 0.630   -0.271  -6.705  1.00 13.32 ? 196 PHE A CE1 1 
ATOM   576  C  CE2 . PHE A 1 68  ? 0.583   -2.639  -7.093  1.00 13.69 ? 196 PHE A CE2 1 
ATOM   577  C  CZ  . PHE A 1 68  ? 0.410   -1.343  -7.556  1.00 14.03 ? 196 PHE A CZ  1 
ATOM   578  N  N   . PHE A 1 69  ? -1.722  -2.746  -3.361  1.00 11.25 ? 197 PHE A N   1 
ATOM   579  C  CA  . PHE A 1 69  ? -2.679  -3.741  -3.840  1.00 11.71 ? 197 PHE A CA  1 
ATOM   580  C  C   . PHE A 1 69  ? -3.644  -3.221  -4.882  1.00 11.89 ? 197 PHE A C   1 
ATOM   581  O  O   . PHE A 1 69  ? -3.949  -2.032  -4.927  1.00 12.17 ? 197 PHE A O   1 
ATOM   582  C  CB  . PHE A 1 69  ? -3.414  -4.448  -2.672  1.00 12.17 ? 197 PHE A CB  1 
ATOM   583  C  CG  . PHE A 1 69  ? -4.044  -3.521  -1.664  1.00 12.01 ? 197 PHE A CG  1 
ATOM   584  C  CD1 . PHE A 1 69  ? -5.420  -3.260  -1.693  1.00 14.09 ? 197 PHE A CD1 1 
ATOM   585  C  CD2 . PHE A 1 69  ? -3.268  -2.957  -0.654  1.00 13.14 ? 197 PHE A CD2 1 
ATOM   586  C  CE1 . PHE A 1 69  ? -5.991  -2.401  -0.726  1.00 15.04 ? 197 PHE A CE1 1 
ATOM   587  C  CE2 . PHE A 1 69  ? -3.835  -2.108  0.295   1.00 15.40 ? 197 PHE A CE2 1 
ATOM   588  C  CZ  . PHE A 1 69  ? -5.194  -1.847  0.260   1.00 15.25 ? 197 PHE A CZ  1 
ATOM   589  N  N   . LEU A 1 70  ? -4.083  -4.147  -5.730  1.00 11.84 ? 198 LEU A N   1 
ATOM   590  C  CA  . LEU A 1 70  ? -5.095  -3.921  -6.752  1.00 12.28 ? 198 LEU A CA  1 
ATOM   591  C  C   . LEU A 1 70  ? -6.331  -4.693  -6.346  1.00 11.89 ? 198 LEU A C   1 
ATOM   592  O  O   . LEU A 1 70  ? -6.220  -5.834  -5.861  1.00 12.32 ? 198 LEU A O   1 
ATOM   593  C  CB  . LEU A 1 70  ? -4.619  -4.462  -8.104  1.00 13.56 ? 198 LEU A CB  1 
ATOM   594  C  CG  . LEU A 1 70  ? -3.440  -3.771  -8.789  1.00 15.24 ? 198 LEU A CG  1 
ATOM   595  C  CD1 . LEU A 1 70  ? -2.895  -4.698  -9.868  1.00 18.16 ? 198 LEU A CD1 1 
ATOM   596  C  CD2 . LEU A 1 70  ? -3.872  -2.474  -9.387  1.00 17.39 ? 198 LEU A CD2 1 
ATOM   597  N  N   . THR A 1 71  ? -7.506  -4.106  -6.554  1.00 12.05 ? 199 THR A N   1 
ATOM   598  C  CA  . THR A 1 71  ? -8.754  -4.772  -6.178  1.00 12.46 ? 199 THR A CA  1 
ATOM   599  C  C   . THR A 1 71  ? -9.654  -4.987  -7.401  1.00 12.84 ? 199 THR A C   1 
ATOM   600  O  O   . THR A 1 71  ? -9.620  -4.198  -8.342  1.00 13.05 ? 199 THR A O   1 
ATOM   601  C  CB  . THR A 1 71  ? -9.526  -3.950  -5.118  1.00 12.57 ? 199 THR A CB  1 
ATOM   602  O  OG1 . THR A 1 71  ? -9.712  -2.607  -5.591  1.00 12.59 ? 199 THR A OG1 1 
ATOM   603  C  CG2 . THR A 1 71  ? -8.732  -3.797  -3.813  1.00 13.18 ? 199 THR A CG2 1 
ATOM   604  N  N   . PRO A 1 72  ? -10.449 -6.054  -7.402  1.00 13.24 ? 200 PRO A N   1 
ATOM   605  C  CA  . PRO A 1 72  ? -11.328 -6.350  -8.532  1.00 13.54 ? 200 PRO A CA  1 
ATOM   606  C  C   . PRO A 1 72  ? -12.586 -5.485  -8.565  1.00 14.13 ? 200 PRO A C   1 
ATOM   607  O  O   . PRO A 1 72  ? -13.247 -5.380  -9.602  1.00 15.30 ? 200 PRO A O   1 
ATOM   608  C  CB  . PRO A 1 72  ? -11.686 -7.822  -8.320  1.00 13.64 ? 200 PRO A CB  1 
ATOM   609  C  CG  . PRO A 1 72  ? -11.599 -8.025  -6.842  1.00 13.30 ? 200 PRO A CG  1 
ATOM   610  C  CD  . PRO A 1 72  ? -10.482 -7.107  -6.370  1.00 13.59 ? 200 PRO A CD  1 
ATOM   611  N  N   . HIS A 1 73  ? -12.903 -4.877  -7.428  1.00 14.13 ? 201 HIS A N   1 
ATOM   612  C  CA  . HIS A 1 73  ? -14.004 -3.922  -7.337  1.00 14.71 ? 201 HIS A CA  1 
ATOM   613  C  C   . HIS A 1 73  ? -13.430 -2.599  -6.867  1.00 14.43 ? 201 HIS A C   1 
ATOM   614  O  O   . HIS A 1 73  ? -12.340 -2.564  -6.306  1.00 14.09 ? 201 HIS A O   1 
ATOM   615  C  CB  . HIS A 1 73  ? -15.086 -4.415  -6.368  1.00 15.20 ? 201 HIS A CB  1 
ATOM   616  C  CG  . HIS A 1 73  ? -15.654 -5.747  -6.739  1.00 18.91 ? 201 HIS A CG  1 
ATOM   617  N  ND1 . HIS A 1 73  ? -16.413 -5.938  -7.872  1.00 22.02 ? 201 HIS A ND1 1 
ATOM   618  C  CD2 . HIS A 1 73  ? -15.545 -6.959  -6.146  1.00 21.83 ? 201 HIS A CD2 1 
ATOM   619  C  CE1 . HIS A 1 73  ? -16.765 -7.209  -7.953  1.00 22.40 ? 201 HIS A CE1 1 
ATOM   620  N  NE2 . HIS A 1 73  ? -16.252 -7.849  -6.917  1.00 22.33 ? 201 HIS A NE2 1 
ATOM   621  N  N   . ARG A 1 74  ? -14.160 -1.516  -7.095  1.00 14.47 ? 202 ARG A N   1 
ATOM   622  C  CA  . ARG A 1 74  ? -13.689 -0.194  -6.693  1.00 15.44 ? 202 ARG A CA  1 
ATOM   623  C  C   . ARG A 1 74  ? -14.140 0.153   -5.287  1.00 14.41 ? 202 ARG A C   1 
ATOM   624  O  O   . ARG A 1 74  ? -15.214 -0.253  -4.829  1.00 15.48 ? 202 ARG A O   1 
ATOM   625  C  CB  . ARG A 1 74  ? -14.143 0.876   -7.683  1.00 15.63 ? 202 ARG A CB  1 
ATOM   626  C  CG  . ARG A 1 74  ? -13.729 0.598   -9.112  1.00 18.13 ? 202 ARG A CG  1 
ATOM   627  C  CD  . ARG A 1 74  ? -14.257 1.619   -10.101 1.00 19.07 ? 202 ARG A CD  1 
ATOM   628  N  NE  . ARG A 1 74  ? -13.480 2.852   -10.036 1.00 25.71 ? 202 ARG A NE  1 
ATOM   629  C  CZ  . ARG A 1 74  ? -12.279 3.013   -10.601 1.00 28.01 ? 202 ARG A CZ  1 
ATOM   630  N  NH1 . ARG A 1 74  ? -11.710 2.016   -11.276 1.00 30.38 ? 202 ARG A NH1 1 
ATOM   631  N  NH2 . ARG A 1 74  ? -11.642 4.174   -10.494 1.00 30.38 ? 202 ARG A NH2 1 
ATOM   632  N  N   . HIS A 1 75  ? -13.281 0.902   -4.602  1.00 13.15 ? 203 HIS A N   1 
ATOM   633  C  CA  . HIS A 1 75  ? -13.525 1.311   -3.223  1.00 13.11 ? 203 HIS A CA  1 
ATOM   634  C  C   . HIS A 1 75  ? -13.063 2.733   -3.011  1.00 12.60 ? 203 HIS A C   1 
ATOM   635  O  O   . HIS A 1 75  ? -12.143 3.203   -3.672  1.00 12.67 ? 203 HIS A O   1 
ATOM   636  C  CB  . HIS A 1 75  ? -12.752 0.415   -2.250  1.00 13.72 ? 203 HIS A CB  1 
ATOM   637  C  CG  . HIS A 1 75  ? -13.006 -1.042  -2.449  1.00 13.53 ? 203 HIS A CG  1 
ATOM   638  N  ND1 . HIS A 1 75  ? -14.060 -1.704  -1.854  1.00 14.96 ? 203 HIS A ND1 1 
ATOM   639  C  CD2 . HIS A 1 75  ? -12.345 -1.965  -3.188  1.00 14.38 ? 203 HIS A CD2 1 
ATOM   640  C  CE1 . HIS A 1 75  ? -14.038 -2.973  -2.225  1.00 14.75 ? 203 HIS A CE1 1 
ATOM   641  N  NE2 . HIS A 1 75  ? -13.008 -3.157  -3.033  1.00 14.93 ? 203 HIS A NE2 1 
ATOM   642  N  N   . ARG A 1 76  ? -13.696 3.413   -2.063  1.00 12.79 ? 204 ARG A N   1 
ATOM   643  C  CA  . ARG A 1 76  ? -13.158 4.690   -1.586  1.00 12.72 ? 204 ARG A CA  1 
ATOM   644  C  C   . ARG A 1 76  ? -11.923 4.451   -0.717  1.00 12.59 ? 204 ARG A C   1 
ATOM   645  O  O   . ARG A 1 76  ? -11.842 3.474   0.025   1.00 13.06 ? 204 ARG A O   1 
ATOM   646  C  CB  . ARG A 1 76  ? -14.203 5.457   -0.781  1.00 13.42 ? 204 ARG A CB  1 
ATOM   647  C  CG  . ARG A 1 76  ? -15.392 5.937   -1.588  1.00 13.34 ? 204 ARG A CG  1 
ATOM   648  C  CD  . ARG A 1 76  ? -16.480 6.532   -0.697  1.00 13.38 ? 204 ARG A CD  1 
ATOM   649  N  NE  . ARG A 1 76  ? -16.933 5.520   0.256   1.00 15.97 ? 204 ARG A NE  1 
ATOM   650  C  CZ  . ARG A 1 76  ? -17.925 4.665   0.018   1.00 17.10 ? 204 ARG A CZ  1 
ATOM   651  N  NH1 . ARG A 1 76  ? -18.606 4.733   -1.127  1.00 16.00 ? 204 ARG A NH1 1 
ATOM   652  N  NH2 . ARG A 1 76  ? -18.246 3.760   0.931   1.00 19.09 ? 204 ARG A NH2 1 
ATOM   653  N  N   . VAL A 1 77  ? -10.947 5.350   -0.809  1.00 12.71 ? 205 VAL A N   1 
ATOM   654  C  CA  . VAL A 1 77  ? -9.756  5.274   0.027   1.00 13.92 ? 205 VAL A CA  1 
ATOM   655  C  C   . VAL A 1 77  ? -10.117 5.225   1.518   1.00 13.25 ? 205 VAL A C   1 
ATOM   656  O  O   . VAL A 1 77  ? -9.513  4.484   2.289   1.00 12.99 ? 205 VAL A O   1 
ATOM   657  C  CB  . VAL A 1 77  ? -8.815  6.466   -0.296  1.00 14.00 ? 205 VAL A CB  1 
ATOM   658  C  CG1 . VAL A 1 77  ? -7.635  6.528   0.643   1.00 15.77 ? 205 VAL A CG1 1 
ATOM   659  C  CG2 . VAL A 1 77  ? -8.342  6.381   -1.757  1.00 16.99 ? 205 VAL A CG2 1 
ATOM   660  N  N   . SER A 1 78  ? -11.128 5.998   1.914   1.00 13.07 ? 206 SER A N   1 
ATOM   661  C  CA  . SER A 1 78  ? -11.533 6.029   3.317   1.00 13.73 ? 206 SER A CA  1 
ATOM   662  C  C   . SER A 1 78  ? -12.057 4.682   3.791   1.00 13.61 ? 206 SER A C   1 
ATOM   663  O  O   . SER A 1 78  ? -11.894 4.332   4.959   1.00 13.97 ? 206 SER A O   1 
ATOM   664  C  CB  . SER A 1 78  ? -12.576 7.117   3.559   1.00 14.27 ? 206 SER A CB  1 
ATOM   665  O  OG  . SER A 1 78  ? -13.653 7.007   2.650   1.00 15.81 ? 206 SER A OG  1 
ATOM   666  N  N   . ALA A 1 79  ? -12.661 3.916   2.887   1.00 13.50 ? 207 ALA A N   1 
ATOM   667  C  CA  . ALA A 1 79  ? -13.160 2.603   3.256   1.00 14.20 ? 207 ALA A CA  1 
ATOM   668  C  C   . ALA A 1 79  ? -12.000 1.671   3.597   1.00 14.23 ? 207 ALA A C   1 
ATOM   669  O  O   . ALA A 1 79  ? -12.057 0.914   4.564   1.00 14.80 ? 207 ALA A O   1 
ATOM   670  C  CB  . ALA A 1 79  ? -14.016 2.032   2.154   1.00 14.96 ? 207 ALA A CB  1 
ATOM   671  N  N   . ILE A 1 80  ? -10.934 1.741   2.809   1.00 14.41 ? 208 ILE A N   1 
ATOM   672  C  CA  . ILE A 1 80  ? -9.738  0.961   3.106   1.00 15.05 ? 208 ILE A CA  1 
ATOM   673  C  C   . ILE A 1 80  ? -9.122  1.395   4.437   1.00 14.93 ? 208 ILE A C   1 
ATOM   674  O  O   . ILE A 1 80  ? -8.740  0.573   5.276   1.00 14.76 ? 208 ILE A O   1 
ATOM   675  C  CB  . ILE A 1 80  ? -8.703  1.137   1.981   1.00 15.36 ? 208 ILE A CB  1 
ATOM   676  C  CG1 . ILE A 1 80  ? -9.294  0.816   0.591   1.00 18.33 ? 208 ILE A CG1 1 
ATOM   677  C  CG2 . ILE A 1 80  ? -7.420  0.363   2.318   1.00 16.29 ? 208 ILE A CG2 1 
ATOM   678  C  CD1 . ILE A 1 80  ? -9.936  -0.534  0.414   1.00 20.23 ? 208 ILE A CD1 1 
ATOM   679  N  N   . ASN A 1 81  ? -9.024  2.706   4.627   1.00 14.46 ? 209 ASN A N   1 
ATOM   680  C  CA  . ASN A 1 81  ? -8.527  3.255   5.872   1.00 15.35 ? 209 ASN A CA  1 
ATOM   681  C  C   . ASN A 1 81  ? -9.354  2.763   7.068   1.00 15.25 ? 209 ASN A C   1 
ATOM   682  O  O   . ASN A 1 81  ? -8.801  2.349   8.095   1.00 16.10 ? 209 ASN A O   1 
ATOM   683  C  CB  . ASN A 1 81  ? -8.540  4.785   5.785   1.00 15.12 ? 209 ASN A CB  1 
ATOM   684  C  CG  . ASN A 1 81  ? -7.868  5.454   6.966   1.00 17.30 ? 209 ASN A CG  1 
ATOM   685  O  OD1 . ASN A 1 81  ? -6.711  5.195   7.278   1.00 19.74 ? 209 ASN A OD1 1 
ATOM   686  N  ND2 . ASN A 1 81  ? -8.591  6.362   7.609   1.00 18.54 ? 209 ASN A ND2 1 
ATOM   687  N  N   . ASN A 1 82  ? -10.681 2.790   6.939   1.00 14.84 ? 210 ASN A N   1 
ATOM   688  C  CA  . ASN A 1 82  ? -11.564 2.337   8.027   1.00 15.47 ? 210 ASN A CA  1 
ATOM   689  C  C   . ASN A 1 82  ? -11.375 0.867   8.356   1.00 16.21 ? 210 ASN A C   1 
ATOM   690  O  O   . ASN A 1 82  ? -11.488 0.463   9.517   1.00 16.78 ? 210 ASN A O   1 
ATOM   691  C  CB  . ASN A 1 82  ? -13.034 2.553   7.676   1.00 15.59 ? 210 ASN A CB  1 
ATOM   692  C  CG  . ASN A 1 82  ? -13.421 4.007   7.626   1.00 13.97 ? 210 ASN A CG  1 
ATOM   693  O  OD1 . ASN A 1 82  ? -12.725 4.861   8.157   1.00 14.56 ? 210 ASN A OD1 1 
ATOM   694  N  ND2 . ASN A 1 82  ? -14.539 4.291   6.967   1.00 13.69 ? 210 ASN A ND2 1 
ATOM   695  N  N   . TYR A 1 83  ? -11.113 0.060   7.331   1.00 16.11 ? 211 TYR A N   1 
ATOM   696  C  CA  . TYR A 1 83  ? -10.923 -1.364  7.553   1.00 17.07 ? 211 TYR A CA  1 
ATOM   697  C  C   . TYR A 1 83  ? -9.648  -1.617  8.345   1.00 17.63 ? 211 TYR A C   1 
ATOM   698  O  O   . TYR A 1 83  ? -9.661  -2.380  9.321   1.00 18.11 ? 211 TYR A O   1 
ATOM   699  C  CB  . TYR A 1 83  ? -10.898 -2.149  6.241   1.00 17.03 ? 211 TYR A CB  1 
ATOM   700  C  CG  . TYR A 1 83  ? -10.612 -3.624  6.470   1.00 16.38 ? 211 TYR A CG  1 
ATOM   701  C  CD1 . TYR A 1 83  ? -11.554 -4.447  7.088   1.00 17.28 ? 211 TYR A CD1 1 
ATOM   702  C  CD2 . TYR A 1 83  ? -9.386  -4.183  6.093   1.00 15.98 ? 211 TYR A CD2 1 
ATOM   703  C  CE1 . TYR A 1 83  ? -11.293 -5.791  7.316   1.00 17.01 ? 211 TYR A CE1 1 
ATOM   704  C  CE2 . TYR A 1 83  ? -9.121  -5.527  6.316   1.00 16.58 ? 211 TYR A CE2 1 
ATOM   705  C  CZ  . TYR A 1 83  ? -10.079 -6.318  6.926   1.00 16.99 ? 211 TYR A CZ  1 
ATOM   706  O  OH  . TYR A 1 83  ? -9.811  -7.653  7.147   1.00 18.26 ? 211 TYR A OH  1 
ATOM   707  N  N   . ALA A 1 84  ? -8.552  -0.986  7.934   1.00 18.94 ? 212 ALA A N   1 
ATOM   708  C  CA  . ALA A 1 84  ? -7.306  -1.118  8.685   1.00 20.62 ? 212 ALA A CA  1 
ATOM   709  C  C   . ALA A 1 84  ? -7.577  -0.801  10.168  1.00 21.91 ? 212 ALA A C   1 
ATOM   710  O  O   . ALA A 1 84  ? -7.210  -1.572  11.062  1.00 22.57 ? 212 ALA A O   1 
ATOM   711  C  CB  . ALA A 1 84  ? -6.243  -0.220  8.112   1.00 20.64 ? 212 ALA A CB  1 
ATOM   712  N  N   . GLN A 1 85  ? -8.290  0.295   10.416  1.00 23.14 ? 213 GLN A N   1 
ATOM   713  C  CA  . GLN A 1 85  ? -8.554  0.745   11.795  1.00 24.61 ? 213 GLN A CA  1 
ATOM   714  C  C   . GLN A 1 85  ? -9.548  -0.098  12.597  1.00 25.45 ? 213 GLN A C   1 
ATOM   715  O  O   . GLN A 1 85  ? -9.531  -0.074  13.836  1.00 25.22 ? 213 GLN A O   1 
ATOM   716  C  CB  . GLN A 1 85  ? -8.968  2.215   11.798  1.00 24.86 ? 213 GLN A CB  1 
ATOM   717  C  CG  . GLN A 1 85  ? -7.831  3.125   11.377  1.00 26.21 ? 213 GLN A CG  1 
ATOM   718  C  CD  . GLN A 1 85  ? -8.257  4.560   11.226  1.00 28.30 ? 213 GLN A CD  1 
ATOM   719  O  OE1 . GLN A 1 85  ? -9.063  5.060   12.009  1.00 30.33 ? 213 GLN A OE1 1 
ATOM   720  N  NE2 . GLN A 1 85  ? -7.712  5.233   10.225  1.00 28.90 ? 213 GLN A NE2 1 
ATOM   721  N  N   . LYS A 1 86  ? -10.416 -0.833  11.907  1.00 26.09 ? 214 LYS A N   1 
ATOM   722  C  CA  . LYS A 1 86  ? -11.313 -1.772  12.575  1.00 27.40 ? 214 LYS A CA  1 
ATOM   723  C  C   . LYS A 1 86  ? -10.506 -2.901  13.216  1.00 27.80 ? 214 LYS A C   1 
ATOM   724  O  O   . LYS A 1 86  ? -10.819 -3.355  14.320  1.00 27.89 ? 214 LYS A O   1 
ATOM   725  C  CB  . LYS A 1 86  ? -12.341 -2.334  11.584  1.00 27.29 ? 214 LYS A CB  1 
ATOM   726  C  CG  . LYS A 1 86  ? -13.358 -3.299  12.200  1.00 28.37 ? 214 LYS A CG  1 
ATOM   727  C  CD  . LYS A 1 86  ? -14.468 -3.668  11.229  1.00 28.39 ? 214 LYS A CD  1 
ATOM   728  C  CE  . LYS A 1 86  ? -13.948 -4.486  10.056  1.00 30.12 ? 214 LYS A CE  1 
ATOM   729  N  NZ  . LYS A 1 86  ? -15.070 -5.022  9.241   1.00 31.39 ? 214 LYS A NZ  1 
ATOM   730  N  N   . LEU A 1 87  ? -9.454  -3.335  12.526  1.00 28.52 ? 215 LEU A N   1 
ATOM   731  C  CA  . LEU A 1 87  ? -8.676  -4.495  12.952  1.00 29.33 ? 215 LEU A CA  1 
ATOM   732  C  C   . LEU A 1 87  ? -7.680  -4.182  14.061  1.00 30.08 ? 215 LEU A C   1 
ATOM   733  O  O   . LEU A 1 87  ? -7.566  -4.941  15.033  1.00 30.46 ? 215 LEU A O   1 
ATOM   734  C  CB  . LEU A 1 87  ? -7.930  -5.103  11.763  1.00 29.26 ? 215 LEU A CB  1 
ATOM   735  C  CG  . LEU A 1 87  ? -8.716  -5.508  10.519  1.00 29.32 ? 215 LEU A CG  1 
ATOM   736  C  CD1 . LEU A 1 87  ? -7.727  -5.919  9.450   1.00 29.22 ? 215 LEU A CD1 1 
ATOM   737  C  CD2 . LEU A 1 87  ? -9.726  -6.629  10.807  1.00 29.35 ? 215 LEU A CD2 1 
ATOM   738  N  N   . CYS A 1 88  ? -6.964  -3.069  13.914  1.00 30.88 ? 216 CYS A N   1 
ATOM   739  C  CA  . CYS A 1 88  ? -5.825  -2.770  14.776  1.00 31.82 ? 216 CYS A CA  1 
ATOM   740  C  C   . CYS A 1 88  ? -5.784  -1.323  15.225  1.00 31.57 ? 216 CYS A C   1 
ATOM   741  O  O   . CYS A 1 88  ? -6.403  -0.449  14.616  1.00 31.80 ? 216 CYS A O   1 
ATOM   742  C  CB  . CYS A 1 88  ? -4.508  -3.054  14.043  1.00 31.78 ? 216 CYS A CB  1 
ATOM   743  S  SG  . CYS A 1 88  ? -4.455  -4.566  13.073  1.00 35.62 ? 216 CYS A SG  1 
ATOM   744  N  N   . THR A 1 89  ? -5.044  -1.092  16.306  1.00 31.41 ? 217 THR A N   1 
ATOM   745  C  CA  . THR A 1 89  ? -4.508  0.221   16.616  1.00 31.02 ? 217 THR A CA  1 
ATOM   746  C  C   . THR A 1 89  ? -3.152  0.296   15.919  1.00 30.62 ? 217 THR A C   1 
ATOM   747  O  O   . THR A 1 89  ? -2.476  -0.727  15.748  1.00 31.08 ? 217 THR A O   1 
ATOM   748  C  CB  . THR A 1 89  ? -4.352  0.391   18.142  1.00 31.20 ? 217 THR A CB  1 
ATOM   749  O  OG1 . THR A 1 89  ? -5.632  0.251   18.772  1.00 31.98 ? 217 THR A OG1 1 
ATOM   750  C  CG2 . THR A 1 89  ? -3.949  1.819   18.498  1.00 31.61 ? 217 THR A CG2 1 
ATOM   751  N  N   . PHE A 1 90  ? -2.767  1.496   15.496  1.00 29.46 ? 218 PHE A N   1 
ATOM   752  C  CA  . PHE A 1 90  ? -1.504  1.703   14.794  1.00 28.38 ? 218 PHE A CA  1 
ATOM   753  C  C   . PHE A 1 90  ? -0.740  2.846   15.443  1.00 27.57 ? 218 PHE A C   1 
ATOM   754  O  O   . PHE A 1 90  ? -1.351  3.791   15.955  1.00 28.02 ? 218 PHE A O   1 
ATOM   755  C  CB  . PHE A 1 90  ? -1.758  2.052   13.318  1.00 28.52 ? 218 PHE A CB  1 
ATOM   756  C  CG  . PHE A 1 90  ? -2.509  0.997   12.555  1.00 28.15 ? 218 PHE A CG  1 
ATOM   757  C  CD1 . PHE A 1 90  ? -3.899  0.957   12.586  1.00 28.67 ? 218 PHE A CD1 1 
ATOM   758  C  CD2 . PHE A 1 90  ? -1.829  0.061   11.787  1.00 27.65 ? 218 PHE A CD2 1 
ATOM   759  C  CE1 . PHE A 1 90  ? -4.596  -0.013  11.881  1.00 28.90 ? 218 PHE A CE1 1 
ATOM   760  C  CE2 . PHE A 1 90  ? -2.520  -0.913  11.071  1.00 28.49 ? 218 PHE A CE2 1 
ATOM   761  C  CZ  . PHE A 1 90  ? -3.904  -0.951  11.119  1.00 28.50 ? 218 PHE A CZ  1 
ATOM   762  N  N   . SER A 1 91  ? 0.589   2.773   15.420  1.00 26.16 ? 219 SER A N   1 
ATOM   763  C  CA  . SER A 1 91  ? 1.387   3.933   15.803  1.00 25.01 ? 219 SER A CA  1 
ATOM   764  C  C   . SER A 1 91  ? 1.275   4.955   14.680  1.00 23.63 ? 219 SER A C   1 
ATOM   765  O  O   . SER A 1 91  ? 1.128   6.155   14.933  1.00 23.93 ? 219 SER A O   1 
ATOM   766  C  CB  . SER A 1 91  ? 2.846   3.561   16.083  1.00 25.36 ? 219 SER A CB  1 
ATOM   767  O  OG  . SER A 1 91  ? 3.518   3.188   14.899  1.00 26.90 ? 219 SER A OG  1 
ATOM   768  N  N   . PHE A 1 92  ? 1.329   4.464   13.441  1.00 21.09 ? 220 PHE A N   1 
ATOM   769  C  CA  . PHE A 1 92  ? 0.991   5.284   12.282  1.00 19.12 ? 220 PHE A CA  1 
ATOM   770  C  C   . PHE A 1 92  ? 0.411   4.440   11.152  1.00 18.14 ? 220 PHE A C   1 
ATOM   771  O  O   . PHE A 1 92  ? 0.721   3.253   11.015  1.00 17.29 ? 220 PHE A O   1 
ATOM   772  C  CB  . PHE A 1 92  ? 2.183   6.138   11.822  1.00 18.77 ? 220 PHE A CB  1 
ATOM   773  C  CG  . PHE A 1 92  ? 3.133   5.437   10.881  1.00 18.04 ? 220 PHE A CG  1 
ATOM   774  C  CD1 . PHE A 1 92  ? 3.068   5.684   9.513   1.00 15.91 ? 220 PHE A CD1 1 
ATOM   775  C  CD2 . PHE A 1 92  ? 4.100   4.550   11.357  1.00 18.01 ? 220 PHE A CD2 1 
ATOM   776  C  CE1 . PHE A 1 92  ? 3.940   5.051   8.632   1.00 16.21 ? 220 PHE A CE1 1 
ATOM   777  C  CE2 . PHE A 1 92  ? 4.974   3.922   10.478  1.00 17.17 ? 220 PHE A CE2 1 
ATOM   778  C  CZ  . PHE A 1 92  ? 4.893   4.180   9.116   1.00 15.59 ? 220 PHE A CZ  1 
ATOM   779  N  N   . LEU A 1 93  ? -0.443  5.078   10.360  1.00 17.54 ? 221 LEU A N   1 
ATOM   780  C  CA  . LEU A 1 93  ? -1.100  4.436   9.228   1.00 17.40 ? 221 LEU A CA  1 
ATOM   781  C  C   . LEU A 1 93  ? -1.451  5.507   8.205   1.00 16.73 ? 221 LEU A C   1 
ATOM   782  O  O   . LEU A 1 93  ? -2.214  6.423   8.503   1.00 17.03 ? 221 LEU A O   1 
ATOM   783  C  CB  . LEU A 1 93  ? -2.379  3.733   9.693   1.00 17.99 ? 221 LEU A CB  1 
ATOM   784  C  CG  . LEU A 1 93  ? -3.291  3.092   8.646   1.00 19.65 ? 221 LEU A CG  1 
ATOM   785  C  CD1 . LEU A 1 93  ? -2.727  1.746   8.258   1.00 20.92 ? 221 LEU A CD1 1 
ATOM   786  C  CD2 . LEU A 1 93  ? -4.695  2.938   9.229   1.00 21.69 ? 221 LEU A CD2 1 
ATOM   787  N  N   . ILE A 1 94  ? -0.906  5.380   6.997   1.00 15.52 ? 222 ILE A N   1 
ATOM   788  C  CA  . ILE A 1 94  ? -1.243  6.296   5.912   1.00 14.85 ? 222 ILE A CA  1 
ATOM   789  C  C   . ILE A 1 94  ? -1.779  5.465   4.757   1.00 14.00 ? 222 ILE A C   1 
ATOM   790  O  O   . ILE A 1 94  ? -1.097  4.580   4.268   1.00 13.79 ? 222 ILE A O   1 
ATOM   791  C  CB  . ILE A 1 94  ? 0.002   7.123   5.490   1.00 15.17 ? 222 ILE A CB  1 
ATOM   792  C  CG1 . ILE A 1 94  ? 0.614   7.799   6.726   1.00 17.48 ? 222 ILE A CG1 1 
ATOM   793  C  CG2 . ILE A 1 94  ? -0.377  8.198   4.466   1.00 16.08 ? 222 ILE A CG2 1 
ATOM   794  C  CD1 . ILE A 1 94  ? 2.072   8.153   6.595   1.00 21.31 ? 222 ILE A CD1 1 
ATOM   795  N  N   A CYS A 1 95  ? -2.987  5.790   4.317   0.50 14.04 ? 223 CYS A N   1 
ATOM   796  N  N   B CYS A 1 95  ? -3.033  5.711   4.372   0.50 13.54 ? 223 CYS A N   1 
ATOM   797  C  CA  A CYS A 1 95  ? -3.653  5.031   3.281   0.50 13.64 ? 223 CYS A CA  1 
ATOM   798  C  CA  B CYS A 1 95  ? -3.675  4.995   3.262   0.50 13.17 ? 223 CYS A CA  1 
ATOM   799  C  C   A CYS A 1 95  ? -4.036  5.967   2.149   0.50 13.05 ? 223 CYS A C   1 
ATOM   800  C  C   B CYS A 1 95  ? -4.000  5.982   2.157   0.50 12.73 ? 223 CYS A C   1 
ATOM   801  O  O   A CYS A 1 95  ? -4.784  6.918   2.363   0.50 12.89 ? 223 CYS A O   1 
ATOM   802  O  O   B CYS A 1 95  ? -4.680  6.980   2.396   0.50 12.56 ? 223 CYS A O   1 
ATOM   803  C  CB  A CYS A 1 95  ? -4.900  4.381   3.863   0.50 14.11 ? 223 CYS A CB  1 
ATOM   804  C  CB  B CYS A 1 95  ? -4.978  4.315   3.705   0.50 13.39 ? 223 CYS A CB  1 
ATOM   805  S  SG  A CYS A 1 95  ? -5.759  3.324   2.705   0.50 15.17 ? 223 CYS A SG  1 
ATOM   806  S  SG  B CYS A 1 95  ? -4.840  3.183   5.104   0.50 13.81 ? 223 CYS A SG  1 
ATOM   807  N  N   . LYS A 1 96  ? -3.510  5.708   0.952   1.00 12.36 ? 224 LYS A N   1 
ATOM   808  C  CA  . LYS A 1 96  ? -3.816  6.540   -0.207  1.00 12.47 ? 224 LYS A CA  1 
ATOM   809  C  C   . LYS A 1 96  ? -4.126  5.717   -1.432  1.00 12.13 ? 224 LYS A C   1 
ATOM   810  O  O   . LYS A 1 96  ? -3.582  4.626   -1.605  1.00 12.49 ? 224 LYS A O   1 
ATOM   811  C  CB  . LYS A 1 96  ? -2.669  7.517   -0.500  1.00 12.71 ? 224 LYS A CB  1 
ATOM   812  C  CG  . LYS A 1 96  ? -2.556  8.609   0.582   1.00 13.46 ? 224 LYS A CG  1 
ATOM   813  C  CD  . LYS A 1 96  ? -1.518  9.676   0.302   1.00 13.25 ? 224 LYS A CD  1 
ATOM   814  C  CE  . LYS A 1 96  ? -1.719  10.792  1.307   1.00 14.17 ? 224 LYS A CE  1 
ATOM   815  N  NZ  . LYS A 1 96  ? -0.691  11.849  1.193   1.00 15.26 ? 224 LYS A NZ  1 
ATOM   816  N  N   . GLY A 1 97  ? -4.989  6.262   -2.284  1.00 12.15 ? 225 GLY A N   1 
ATOM   817  C  CA  . GLY A 1 97  ? -5.200  5.717   -3.615  1.00 11.99 ? 225 GLY A CA  1 
ATOM   818  C  C   . GLY A 1 97  ? -3.978  5.898   -4.492  1.00 11.46 ? 225 GLY A C   1 
ATOM   819  O  O   . GLY A 1 97  ? -3.199  6.841   -4.329  1.00 11.91 ? 225 GLY A O   1 
ATOM   820  N  N   . VAL A 1 98  ? -3.821  4.985   -5.438  1.00 11.16 ? 226 VAL A N   1 
ATOM   821  C  CA  . VAL A 1 98  ? -2.680  5.029   -6.349  1.00 11.60 ? 226 VAL A CA  1 
ATOM   822  C  C   . VAL A 1 98  ? -3.186  5.347   -7.748  1.00 11.79 ? 226 VAL A C   1 
ATOM   823  O  O   . VAL A 1 98  ? -4.022  4.616   -8.289  1.00 12.32 ? 226 VAL A O   1 
ATOM   824  C  CB  . VAL A 1 98  ? -1.938  3.679   -6.370  1.00 11.21 ? 226 VAL A CB  1 
ATOM   825  C  CG1 . VAL A 1 98  ? -0.815  3.679   -7.418  1.00 12.52 ? 226 VAL A CG1 1 
ATOM   826  C  CG2 . VAL A 1 98  ? -1.407  3.328   -4.991  1.00 12.94 ? 226 VAL A CG2 1 
ATOM   827  N  N   . ASN A 1 99  ? -2.696  6.458   -8.305  1.00 12.22 ? 227 ASN A N   1 
ATOM   828  C  CA  . ASN A 1 99  ? -3.058  6.890   -9.660  1.00 13.33 ? 227 ASN A CA  1 
ATOM   829  C  C   . ASN A 1 99  ? -2.226  6.201   -10.727 1.00 13.71 ? 227 ASN A C   1 
ATOM   830  O  O   . ASN A 1 99  ? -2.713  5.954   -11.820 1.00 14.71 ? 227 ASN A O   1 
ATOM   831  C  CB  . ASN A 1 99  ? -2.877  8.404   -9.814  1.00 13.87 ? 227 ASN A CB  1 
ATOM   832  C  CG  . ASN A 1 99  ? -3.917  9.208   -9.059  1.00 15.44 ? 227 ASN A CG  1 
ATOM   833  O  OD1 . ASN A 1 99  ? -5.063  8.786   -8.922  1.00 17.30 ? 227 ASN A OD1 1 
ATOM   834  N  ND2 . ASN A 1 99  ? -3.524  10.384  -8.581  1.00 17.15 ? 227 ASN A ND2 1 
ATOM   835  N  N   . LYS A 1 100 ? -0.972  5.919   -10.398 1.00 12.76 ? 228 LYS A N   1 
ATOM   836  C  CA  . LYS A 1 100 ? -0.031  5.351   -11.362 1.00 13.09 ? 228 LYS A CA  1 
ATOM   837  C  C   . LYS A 1 100 ? 0.390   3.979   -10.873 1.00 12.82 ? 228 LYS A C   1 
ATOM   838  O  O   . LYS A 1 100 ? 1.388   3.834   -10.184 1.00 12.94 ? 228 LYS A O   1 
ATOM   839  C  CB  . LYS A 1 100 ? 1.187   6.272   -11.554 1.00 13.27 ? 228 LYS A CB  1 
ATOM   840  C  CG  . LYS A 1 100 ? 0.873   7.704   -12.007 1.00 14.95 ? 228 LYS A CG  1 
ATOM   841  C  CD  . LYS A 1 100 ? 0.226   7.713   -13.376 1.00 17.68 ? 228 LYS A CD  1 
ATOM   842  C  CE  . LYS A 1 100 ? 0.059   9.126   -13.896 1.00 21.26 ? 228 LYS A CE  1 
ATOM   843  N  NZ  . LYS A 1 100 ? -0.427  9.111   -15.302 1.00 24.76 ? 228 LYS A NZ  1 
ATOM   844  N  N   . GLU A 1 101 ? -0.408  2.979   -11.231 1.00 12.82 ? 229 GLU A N   1 
ATOM   845  C  CA  . GLU A 1 101 ? -0.273  1.639   -10.669 1.00 12.86 ? 229 GLU A CA  1 
ATOM   846  C  C   . GLU A 1 101 ? 1.076   0.997   -11.006 1.00 12.69 ? 229 GLU A C   1 
ATOM   847  O  O   . GLU A 1 101 ? 1.819   0.550   -10.129 1.00 12.83 ? 229 GLU A O   1 
ATOM   848  C  CB  . GLU A 1 101 ? -1.423  0.734   -11.162 1.00 13.08 ? 229 GLU A CB  1 
ATOM   849  C  CG  . GLU A 1 101 ? -2.825  1.275   -10.918 1.00 14.85 ? 229 GLU A CG  1 
ATOM   850  C  CD  . GLU A 1 101 ? -3.394  2.092   -12.066 1.00 16.68 ? 229 GLU A CD  1 
ATOM   851  O  OE1 . GLU A 1 101 ? -2.623  2.647   -12.891 1.00 16.63 ? 229 GLU A OE1 1 
ATOM   852  O  OE2 . GLU A 1 101 ? -4.645  2.193   -12.139 1.00 19.40 ? 229 GLU A OE2 1 
ATOM   853  N  N   . TYR A 1 102 ? 1.376   0.927   -12.297 1.00 12.58 ? 230 TYR A N   1 
ATOM   854  C  CA  . TYR A 1 102 ? 2.615   0.319   -12.749 1.00 13.52 ? 230 TYR A CA  1 
ATOM   855  C  C   . TYR A 1 102 ? 3.844   1.066   -12.235 1.00 13.10 ? 230 TYR A C   1 
ATOM   856  O  O   . TYR A 1 102 ? 4.793   0.446   -11.773 1.00 13.46 ? 230 TYR A O   1 
ATOM   857  C  CB  . TYR A 1 102 ? 2.623   0.214   -14.278 1.00 14.95 ? 230 TYR A CB  1 
ATOM   858  C  CG  . TYR A 1 102 ? 3.946   -0.221  -14.865 1.00 17.83 ? 230 TYR A CG  1 
ATOM   859  C  CD1 . TYR A 1 102 ? 4.373   -1.547  -14.785 1.00 20.35 ? 230 TYR A CD1 1 
ATOM   860  C  CD2 . TYR A 1 102 ? 4.776   0.705   -15.485 1.00 19.46 ? 230 TYR A CD2 1 
ATOM   861  C  CE1 . TYR A 1 102 ? 5.605   -1.941  -15.337 1.00 20.86 ? 230 TYR A CE1 1 
ATOM   862  C  CE2 . TYR A 1 102 ? 5.995   0.330   -16.026 1.00 21.68 ? 230 TYR A CE2 1 
ATOM   863  C  CZ  . TYR A 1 102 ? 6.405   -0.988  -15.942 1.00 20.09 ? 230 TYR A CZ  1 
ATOM   864  O  OH  . TYR A 1 102 ? 7.624   -1.326  -16.500 1.00 21.67 ? 230 TYR A OH  1 
ATOM   865  N  N   . LEU A 1 103 ? 3.828   2.391   -12.304 1.00 12.74 ? 231 LEU A N   1 
ATOM   866  C  CA  . LEU A 1 103 ? 5.004   3.142   -11.857 1.00 12.53 ? 231 LEU A CA  1 
ATOM   867  C  C   . LEU A 1 103 ? 5.208   3.013   -10.353 1.00 12.07 ? 231 LEU A C   1 
ATOM   868  O  O   . LEU A 1 103 ? 6.340   2.922   -9.883  1.00 12.95 ? 231 LEU A O   1 
ATOM   869  C  CB  . LEU A 1 103 ? 4.921   4.608   -12.265 1.00 13.54 ? 231 LEU A CB  1 
ATOM   870  C  CG  . LEU A 1 103 ? 4.924   4.902   -13.769 1.00 14.51 ? 231 LEU A CG  1 
ATOM   871  C  CD1 . LEU A 1 103 ? 4.734   6.400   -13.997 1.00 17.52 ? 231 LEU A CD1 1 
ATOM   872  C  CD2 . LEU A 1 103 ? 6.205   4.406   -14.447 1.00 17.11 ? 231 LEU A CD2 1 
HETATM 873  N  N   . MSE A 1 104 ? 4.114   2.994   -9.594  1.00 11.98 ? 232 MSE A N   1 
HETATM 874  C  CA  . MSE A 1 104 ? 4.226   2.800   -8.149  1.00 12.22 ? 232 MSE A CA  1 
HETATM 875  C  C   . MSE A 1 104 ? 4.819   1.426   -7.821  1.00 12.43 ? 232 MSE A C   1 
HETATM 876  O  O   . MSE A 1 104 ? 5.788   1.303   -7.069  1.00 12.45 ? 232 MSE A O   1 
HETATM 877  C  CB  . MSE A 1 104 ? 2.847   2.943   -7.484  1.00 12.91 ? 232 MSE A CB  1 
HETATM 878  C  CG  . MSE A 1 104 ? 2.826   2.721   -5.974  1.00 12.64 ? 232 MSE A CG  1 
HETATM 879  SE SE  . MSE A 1 104 ? 3.762   4.145   -5.022  1.00 19.41 ? 232 MSE A SE  1 
HETATM 880  C  CE  . MSE A 1 104 ? 3.124   3.737   -3.207  1.00 13.29 ? 232 MSE A CE  1 
ATOM   881  N  N   . TYR A 1 105 ? 4.250   0.373   -8.404  1.00 12.39 ? 233 TYR A N   1 
ATOM   882  C  CA  . TYR A 1 105 ? 4.768   -0.959  -8.129  1.00 12.55 ? 233 TYR A CA  1 
ATOM   883  C  C   . TYR A 1 105 ? 6.246   -1.067  -8.520  1.00 13.33 ? 233 TYR A C   1 
ATOM   884  O  O   . TYR A 1 105 ? 7.073   -1.574  -7.748  1.00 13.33 ? 233 TYR A O   1 
ATOM   885  C  CB  . TYR A 1 105 ? 3.941   -2.052  -8.834  1.00 12.95 ? 233 TYR A CB  1 
ATOM   886  C  CG  . TYR A 1 105 ? 4.599   -3.401  -8.668  1.00 12.67 ? 233 TYR A CG  1 
ATOM   887  C  CD1 . TYR A 1 105 ? 4.493   -4.107  -7.456  1.00 13.04 ? 233 TYR A CD1 1 
ATOM   888  C  CD2 . TYR A 1 105 ? 5.392   -3.947  -9.690  1.00 13.33 ? 233 TYR A CD2 1 
ATOM   889  C  CE1 . TYR A 1 105 ? 5.144   -5.337  -7.282  1.00 13.28 ? 233 TYR A CE1 1 
ATOM   890  C  CE2 . TYR A 1 105 ? 6.030   -5.161  -9.519  1.00 13.66 ? 233 TYR A CE2 1 
ATOM   891  C  CZ  . TYR A 1 105 ? 5.898   -5.852  -8.323  1.00 13.64 ? 233 TYR A CZ  1 
ATOM   892  O  OH  . TYR A 1 105 ? 6.556   -7.057  -8.162  1.00 14.39 ? 233 TYR A OH  1 
ATOM   893  N  N   A SER A 1 106 ? 6.570   -0.577  -9.711  0.50 12.95 ? 234 SER A N   1 
ATOM   894  N  N   B SER A 1 106 ? 6.575   -0.597  -9.718  0.50 12.82 ? 234 SER A N   1 
ATOM   895  C  CA  A SER A 1 106 ? 7.943   -0.623  -10.209 0.50 13.59 ? 234 SER A CA  1 
ATOM   896  C  CA  B SER A 1 106 ? 7.962   -0.657  -10.169 0.50 13.30 ? 234 SER A CA  1 
ATOM   897  C  C   A SER A 1 106 ? 8.929   0.074   -9.267  0.50 13.31 ? 234 SER A C   1 
ATOM   898  C  C   B SER A 1 106 ? 8.890   0.023   -9.164  0.50 13.04 ? 234 SER A C   1 
ATOM   899  O  O   A SER A 1 106 ? 9.999   -0.463  -8.981  0.50 13.66 ? 234 SER A O   1 
ATOM   900  O  O   B SER A 1 106 ? 9.876   -0.577  -8.732  0.50 13.08 ? 234 SER A O   1 
ATOM   901  C  CB  A SER A 1 106 ? 8.018   -0.040  -11.619 0.50 13.80 ? 234 SER A CB  1 
ATOM   902  C  CB  B SER A 1 106 ? 8.133   -0.043  -11.555 0.50 13.58 ? 234 SER A CB  1 
ATOM   903  O  OG  A SER A 1 106 ? 7.271   -0.838  -12.516 0.50 15.74 ? 234 SER A OG  1 
ATOM   904  O  OG  B SER A 1 106 ? 9.499   -0.100  -11.932 0.50 14.85 ? 234 SER A OG  1 
ATOM   905  N  N   . ALA A 1 107 ? 8.565   1.254   -8.768  1.00 12.95 ? 235 ALA A N   1 
ATOM   906  C  CA  . ALA A 1 107 ? 9.428   1.986   -7.819  1.00 13.03 ? 235 ALA A CA  1 
ATOM   907  C  C   . ALA A 1 107 ? 9.605   1.198   -6.517  1.00 13.00 ? 235 ALA A C   1 
ATOM   908  O  O   . ALA A 1 107 ? 10.690  1.171   -5.929  1.00 13.35 ? 235 ALA A O   1 
ATOM   909  C  CB  . ALA A 1 107 ? 8.865   3.359   -7.529  1.00 13.13 ? 235 ALA A CB  1 
ATOM   910  N  N   . LEU A 1 108 ? 8.537   0.541   -6.076  1.00 12.83 ? 236 LEU A N   1 
ATOM   911  C  CA  . LEU A 1 108 ? 8.581   -0.243  -4.854  1.00 12.91 ? 236 LEU A CA  1 
ATOM   912  C  C   . LEU A 1 108 ? 9.435   -1.505  -4.943  1.00 12.84 ? 236 LEU A C   1 
ATOM   913  O  O   . LEU A 1 108 ? 9.707   -2.122  -3.919  1.00 13.42 ? 236 LEU A O   1 
ATOM   914  C  CB  . LEU A 1 108 ? 7.170   -0.597  -4.382  1.00 12.57 ? 236 LEU A CB  1 
ATOM   915  C  CG  . LEU A 1 108 ? 6.307   0.560   -3.875  1.00 12.69 ? 236 LEU A CG  1 
ATOM   916  C  CD1 . LEU A 1 108 ? 4.858   0.092   -3.746  1.00 12.74 ? 236 LEU A CD1 1 
ATOM   917  C  CD2 . LEU A 1 108 ? 6.839   1.101   -2.551  1.00 13.69 ? 236 LEU A CD2 1 
ATOM   918  N  N   . THR A 1 109 ? 9.852   -1.886  -6.152  1.00 13.53 ? 237 THR A N   1 
ATOM   919  C  CA  . THR A 1 109 ? 10.713  -3.062  -6.314  1.00 14.53 ? 237 THR A CA  1 
ATOM   920  C  C   . THR A 1 109 ? 12.186  -2.705  -6.392  1.00 14.86 ? 237 THR A C   1 
ATOM   921  O  O   . THR A 1 109 ? 13.019  -3.608  -6.420  1.00 15.79 ? 237 THR A O   1 
ATOM   922  C  CB  . THR A 1 109 ? 10.378  -3.893  -7.576  1.00 14.62 ? 237 THR A CB  1 
ATOM   923  O  OG1 . THR A 1 109 ? 10.683  -3.137  -8.758  1.00 17.03 ? 237 THR A OG1 1 
ATOM   924  C  CG2 . THR A 1 109 ? 8.886   -4.262  -7.654  1.00 15.07 ? 237 THR A CG2 1 
ATOM   925  N  N   . ARG A 1 110 ? 12.492  -1.409  -6.465  1.00 14.45 ? 238 ARG A N   1 
ATOM   926  C  CA  . ARG A 1 110 ? 13.854  -0.942  -6.711  1.00 15.00 ? 238 ARG A CA  1 
ATOM   927  C  C   . ARG A 1 110 ? 14.327  -0.010  -5.609  1.00 13.99 ? 238 ARG A C   1 
ATOM   928  O  O   . ARG A 1 110 ? 13.524  0.679   -4.988  1.00 13.49 ? 238 ARG A O   1 
ATOM   929  C  CB  . ARG A 1 110 ? 13.920  -0.223  -8.060  1.00 15.46 ? 238 ARG A CB  1 
ATOM   930  C  CG  . ARG A 1 110 ? 13.647  -1.135  -9.248  1.00 18.03 ? 238 ARG A CG  1 
ATOM   931  C  CD  . ARG A 1 110 ? 13.633  -0.430  -10.592 1.00 18.41 ? 238 ARG A CD  1 
ATOM   932  N  NE  . ARG A 1 110 ? 14.903  0.231   -10.892 1.00 22.85 ? 238 ARG A NE  1 
ATOM   933  C  CZ  . ARG A 1 110 ? 15.989  -0.378  -11.371 1.00 24.68 ? 238 ARG A CZ  1 
ATOM   934  N  NH1 . ARG A 1 110 ? 15.987  -1.687  -11.611 1.00 25.91 ? 238 ARG A NH1 1 
ATOM   935  N  NH2 . ARG A 1 110 ? 17.091  0.326   -11.608 1.00 26.33 ? 238 ARG A NH2 1 
ATOM   936  N  N   A ASP A 1 111 ? 15.643  0.027   -5.396  0.50 13.73 ? 239 ASP A N   1 
ATOM   937  N  N   B ASP A 1 111 ? 15.632  -0.020  -5.358  0.50 13.99 ? 239 ASP A N   1 
ATOM   938  C  CA  A ASP A 1 111 ? 16.237  0.906   -4.395  0.50 13.20 ? 239 ASP A CA  1 
ATOM   939  C  CA  B ASP A 1 111 ? 16.314  0.942   -4.494  0.50 13.69 ? 239 ASP A CA  1 
ATOM   940  C  C   A ASP A 1 111 ? 15.594  2.286   -4.481  0.50 13.14 ? 239 ASP A C   1 
ATOM   941  C  C   B ASP A 1 111 ? 15.597  2.309   -4.504  0.50 13.40 ? 239 ASP A C   1 
ATOM   942  O  O   A ASP A 1 111 ? 15.478  2.837   -5.580  0.50 13.32 ? 239 ASP A O   1 
ATOM   943  O  O   B ASP A 1 111 ? 15.419  2.876   -5.584  0.50 13.63 ? 239 ASP A O   1 
ATOM   944  C  CB  A ASP A 1 111 ? 17.746  1.038   -4.617  0.50 13.15 ? 239 ASP A CB  1 
ATOM   945  C  CB  B ASP A 1 111 ? 17.739  1.059   -5.058  0.50 13.77 ? 239 ASP A CB  1 
ATOM   946  C  CG  A ASP A 1 111 ? 18.482  -0.284  -4.503  0.50 13.58 ? 239 ASP A CG  1 
ATOM   947  C  CG  B ASP A 1 111 ? 18.621  2.043   -4.319  0.50 15.18 ? 239 ASP A CG  1 
ATOM   948  O  OD1 A ASP A 1 111 ? 17.971  -1.224  -3.854  0.50 14.40 ? 239 ASP A OD1 1 
ATOM   949  O  OD1 B ASP A 1 111 ? 18.185  2.709   -3.362  0.50 17.63 ? 239 ASP A OD1 1 
ATOM   950  O  OD2 A ASP A 1 111 ? 19.600  -0.464  -5.028  0.50 14.69 ? 239 ASP A OD2 1 
ATOM   951  O  OD2 B ASP A 1 111 ? 19.805  2.211   -4.660  0.50 16.39 ? 239 ASP A OD2 1 
ATOM   952  N  N   . PRO A 1 112 ? 15.216  2.878   -3.348  1.00 13.16 ? 240 PRO A N   1 
ATOM   953  C  CA  . PRO A 1 112 ? 15.503  2.362   -1.992  1.00 13.45 ? 240 PRO A CA  1 
ATOM   954  C  C   . PRO A 1 112 ? 14.502  1.361   -1.407  1.00 13.59 ? 240 PRO A C   1 
ATOM   955  O  O   . PRO A 1 112 ? 14.570  1.036   -0.208  1.00 14.42 ? 240 PRO A O   1 
ATOM   956  C  CB  . PRO A 1 112 ? 15.487  3.646   -1.161  1.00 13.47 ? 240 PRO A CB  1 
ATOM   957  C  CG  . PRO A 1 112 ? 14.397  4.480   -1.824  1.00 13.66 ? 240 PRO A CG  1 
ATOM   958  C  CD  . PRO A 1 112 ? 14.510  4.172   -3.293  1.00 13.87 ? 240 PRO A CD  1 
ATOM   959  N  N   . PHE A 1 113 ? 13.596  0.862   -2.241  1.00 13.08 ? 241 PHE A N   1 
ATOM   960  C  CA  . PHE A 1 113 ? 12.562  -0.062  -1.815  1.00 13.24 ? 241 PHE A CA  1 
ATOM   961  C  C   . PHE A 1 113 ? 12.896  -1.475  -2.242  1.00 13.87 ? 241 PHE A C   1 
ATOM   962  O  O   . PHE A 1 113 ? 13.743  -1.682  -3.104  1.00 14.59 ? 241 PHE A O   1 
ATOM   963  C  CB  . PHE A 1 113 ? 11.233  0.401   -2.403  1.00 13.12 ? 241 PHE A CB  1 
ATOM   964  C  CG  . PHE A 1 113 ? 10.921  1.838   -2.084  1.00 11.81 ? 241 PHE A CG  1 
ATOM   965  C  CD1 . PHE A 1 113 ? 11.051  2.833   -3.054  1.00 13.24 ? 241 PHE A CD1 1 
ATOM   966  C  CD2 . PHE A 1 113 ? 10.549  2.207   -0.787  1.00 13.18 ? 241 PHE A CD2 1 
ATOM   967  C  CE1 . PHE A 1 113 ? 10.797  4.181   -2.746  1.00 13.65 ? 241 PHE A CE1 1 
ATOM   968  C  CE2 . PHE A 1 113 ? 10.300  3.553   -0.467  1.00 13.73 ? 241 PHE A CE2 1 
ATOM   969  C  CZ  . PHE A 1 113 ? 10.412  4.538   -1.449  1.00 13.81 ? 241 PHE A CZ  1 
ATOM   970  N  N   . SER A 1 114 ? 12.242  -2.452  -1.628  1.00 13.92 ? 242 SER A N   1 
ATOM   971  C  CA  . SER A 1 114 ? 12.433  -3.838  -2.027  1.00 14.45 ? 242 SER A CA  1 
ATOM   972  C  C   . SER A 1 114 ? 11.211  -4.635  -1.646  1.00 14.32 ? 242 SER A C   1 
ATOM   973  O  O   . SER A 1 114 ? 10.525  -4.304  -0.671  1.00 14.42 ? 242 SER A O   1 
ATOM   974  C  CB  . SER A 1 114 ? 13.686  -4.439  -1.369  1.00 15.10 ? 242 SER A CB  1 
ATOM   975  O  OG  . SER A 1 114 ? 13.773  -4.088  0.004   1.00 17.46 ? 242 SER A OG  1 
ATOM   976  N  N   . VAL A 1 115 ? 10.946  -5.678  -2.424  1.00 14.67 ? 243 VAL A N   1 
ATOM   977  C  CA  . VAL A 1 115 ? 9.843   -6.600  -2.160  1.00 14.87 ? 243 VAL A CA  1 
ATOM   978  C  C   . VAL A 1 115 ? 10.170  -7.544  -1.000  1.00 15.19 ? 243 VAL A C   1 
ATOM   979  O  O   . VAL A 1 115 ? 11.241  -8.160  -0.967  1.00 15.80 ? 243 VAL A O   1 
ATOM   980  C  CB  . VAL A 1 115 ? 9.496   -7.439  -3.425  1.00 15.01 ? 243 VAL A CB  1 
ATOM   981  C  CG1 . VAL A 1 115 ? 8.413   -8.482  -3.122  1.00 15.77 ? 243 VAL A CG1 1 
ATOM   982  C  CG2 . VAL A 1 115 ? 9.051   -6.538  -4.568  1.00 16.43 ? 243 VAL A CG2 1 
ATOM   983  N  N   . ILE A 1 116 ? 9.236   -7.655  -0.064  1.00 14.39 ? 244 ILE A N   1 
ATOM   984  C  CA  . ILE A 1 116 ? 9.317   -8.639  1.017   1.00 14.77 ? 244 ILE A CA  1 
ATOM   985  C  C   . ILE A 1 116 ? 8.554   -9.893  0.602   1.00 14.82 ? 244 ILE A C   1 
ATOM   986  O  O   . ILE A 1 116 ? 9.091   -11.007 0.601   1.00 15.67 ? 244 ILE A O   1 
ATOM   987  C  CB  . ILE A 1 116 ? 8.767   -8.071  2.350   1.00 14.83 ? 244 ILE A CB  1 
ATOM   988  C  CG1 . ILE A 1 116 ? 9.625   -6.890  2.823   1.00 14.27 ? 244 ILE A CG1 1 
ATOM   989  C  CG2 . ILE A 1 116 ? 8.731   -9.174  3.423   1.00 15.91 ? 244 ILE A CG2 1 
ATOM   990  C  CD1 . ILE A 1 116 ? 8.954   -6.021  3.879   1.00 15.47 ? 244 ILE A CD1 1 
ATOM   991  N  N   . GLU A 1 117 ? 7.294   -9.702  0.229   1.00 14.49 ? 245 GLU A N   1 
ATOM   992  C  CA  . GLU A 1 117 ? 6.472   -10.792 -0.267  1.00 14.91 ? 245 GLU A CA  1 
ATOM   993  C  C   . GLU A 1 117 ? 5.436   -10.214 -1.213  1.00 14.35 ? 245 GLU A C   1 
ATOM   994  O  O   . GLU A 1 117 ? 5.097   -9.036  -1.129  1.00 14.34 ? 245 GLU A O   1 
ATOM   995  C  CB  . GLU A 1 117 ? 5.800   -11.550 0.886   1.00 15.02 ? 245 GLU A CB  1 
ATOM   996  C  CG  . GLU A 1 117 ? 4.948   -10.668 1.787   1.00 15.52 ? 245 GLU A CG  1 
ATOM   997  C  CD  . GLU A 1 117 ? 4.245   -11.411 2.910   1.00 16.49 ? 245 GLU A CD  1 
ATOM   998  O  OE1 . GLU A 1 117 ? 4.056   -12.647 2.812   1.00 18.05 ? 245 GLU A OE1 1 
ATOM   999  O  OE2 . GLU A 1 117 ? 3.864   -10.743 3.890   1.00 17.21 ? 245 GLU A OE2 1 
ATOM   1000 N  N   . GLU A 1 118 ? 4.924   -11.038 -2.115  1.00 13.67 ? 246 GLU A N   1 
ATOM   1001 C  CA  . GLU A 1 118 ? 3.856   -10.620 -3.028  1.00 13.90 ? 246 GLU A CA  1 
ATOM   1002 C  C   . GLU A 1 118 ? 3.062   -11.847 -3.464  1.00 14.04 ? 246 GLU A C   1 
ATOM   1003 O  O   . GLU A 1 118 ? 3.559   -12.980 -3.380  1.00 14.39 ? 246 GLU A O   1 
ATOM   1004 C  CB  . GLU A 1 118 ? 4.414   -9.860  -4.231  1.00 13.81 ? 246 GLU A CB  1 
ATOM   1005 C  CG  . GLU A 1 118 ? 5.475   -10.604 -5.030  1.00 13.53 ? 246 GLU A CG  1 
ATOM   1006 C  CD  . GLU A 1 118 ? 6.186   -9.711  -6.020  1.00 14.92 ? 246 GLU A CD  1 
ATOM   1007 O  OE1 . GLU A 1 118 ? 5.713   -8.580  -6.241  1.00 15.17 ? 246 GLU A OE1 1 
ATOM   1008 O  OE2 . GLU A 1 118 ? 7.221   -10.148 -6.575  1.00 17.04 ? 246 GLU A OE2 1 
ATOM   1009 N  N   A SER A 1 119 ? 1.838   -11.623 -3.939  0.50 13.47 ? 247 SER A N   1 
ATOM   1010 N  N   B SER A 1 119 ? 1.837   -11.625 -3.933  0.50 14.98 ? 247 SER A N   1 
ATOM   1011 C  CA  A SER A 1 119 ? 0.918   -12.727 -4.237  0.50 13.23 ? 247 SER A CA  1 
ATOM   1012 C  CA  B SER A 1 119 ? 0.923   -12.729 -4.241  0.50 16.28 ? 247 SER A CA  1 
ATOM   1013 C  C   A SER A 1 119 ? 1.106   -13.311 -5.638  0.50 14.49 ? 247 SER A C   1 
ATOM   1014 C  C   B SER A 1 119 ? 1.209   -13.386 -5.579  0.50 16.72 ? 247 SER A C   1 
ATOM   1015 O  O   A SER A 1 119 ? 0.505   -14.331 -5.987  0.50 14.55 ? 247 SER A O   1 
ATOM   1016 O  O   B SER A 1 119 ? 0.748   -14.495 -5.854  0.50 16.91 ? 247 SER A O   1 
ATOM   1017 C  CB  A SER A 1 119 ? -0.531  -12.283 -4.017  0.50 13.15 ? 247 SER A CB  1 
ATOM   1018 C  CB  B SER A 1 119 ? -0.519  -12.243 -4.201  0.50 16.60 ? 247 SER A CB  1 
ATOM   1019 O  OG  A SER A 1 119 ? -0.884  -11.230 -4.897  0.50 9.03  ? 247 SER A OG  1 
ATOM   1020 O  OG  B SER A 1 119 ? -0.867  -11.892 -2.885  0.50 19.97 ? 247 SER A OG  1 
ATOM   1021 N  N   A LEU A 1 120 ? 1.936   -12.651 -6.438  0.50 15.69 ? 248 LEU A N   1 
ATOM   1022 N  N   B LEU A 1 120 ? 1.964   -12.691 -6.417  0.50 17.42 ? 248 LEU A N   1 
ATOM   1023 C  CA  A LEU A 1 120 ? 2.351   -13.155 -7.740  0.50 17.20 ? 248 LEU A CA  1 
ATOM   1024 C  CA  B LEU A 1 120 ? 2.359   -13.221 -7.702  0.50 18.26 ? 248 LEU A CA  1 
ATOM   1025 C  C   A LEU A 1 120 ? 3.787   -12.709 -7.984  0.50 17.83 ? 248 LEU A C   1 
ATOM   1026 C  C   B LEU A 1 120 ? 3.766   -12.723 -8.006  0.50 18.43 ? 248 LEU A C   1 
ATOM   1027 O  O   A LEU A 1 120 ? 4.076   -11.524 -7.881  0.50 18.16 ? 248 LEU A O   1 
ATOM   1028 O  O   B LEU A 1 120 ? 4.009   -11.523 -7.973  0.50 18.68 ? 248 LEU A O   1 
ATOM   1029 C  CB  A LEU A 1 120 ? 1.446   -12.608 -8.845  0.50 17.50 ? 248 LEU A CB  1 
ATOM   1030 C  CB  B LEU A 1 120 ? 1.381   -12.753 -8.777  0.50 18.56 ? 248 LEU A CB  1 
ATOM   1031 C  CG  A LEU A 1 120 ? 0.024   -13.154 -8.936  0.50 18.53 ? 248 LEU A CG  1 
ATOM   1032 C  CG  B LEU A 1 120 ? 1.517   -13.371 -10.165 0.50 19.65 ? 248 LEU A CG  1 
ATOM   1033 C  CD1 A LEU A 1 120 ? -0.700  -12.544 -10.097 0.50 20.56 ? 248 LEU A CD1 1 
ATOM   1034 C  CD1 B LEU A 1 120 ? 1.063   -14.808 -10.146 0.50 20.28 ? 248 LEU A CD1 1 
ATOM   1035 C  CD2 A LEU A 1 120 ? 0.032   -14.655 -9.102  0.50 18.55 ? 248 LEU A CD2 1 
ATOM   1036 C  CD2 B LEU A 1 120 ? 0.670   -12.583 -11.109 0.50 20.10 ? 248 LEU A CD2 1 
ATOM   1037 N  N   . PRO A 1 121 ? 4.693   -13.638 -8.296  1.00 18.69 ? 249 PRO A N   1 
ATOM   1038 C  CA  . PRO A 1 121 ? 6.100   -13.284 -8.498  1.00 19.45 ? 249 PRO A CA  1 
ATOM   1039 C  C   . PRO A 1 121 ? 6.288   -12.275 -9.625  1.00 19.93 ? 249 PRO A C   1 
ATOM   1040 O  O   . PRO A 1 121 ? 5.803   -12.483 -10.741 1.00 20.74 ? 249 PRO A O   1 
ATOM   1041 C  CB  . PRO A 1 121 ? 6.756   -14.620 -8.852  1.00 19.46 ? 249 PRO A CB  1 
ATOM   1042 C  CG  . PRO A 1 121 ? 5.830   -15.649 -8.300  1.00 19.92 ? 249 PRO A CG  1 
ATOM   1043 C  CD  . PRO A 1 121 ? 4.464   -15.085 -8.474  1.00 18.88 ? 249 PRO A CD  1 
ATOM   1044 N  N   . GLY A 1 122 ? 6.939   -11.162 -9.305  1.00 19.95 ? 250 GLY A N   1 
ATOM   1045 C  CA  . GLY A 1 122 ? 7.222   -10.136 -10.301 1.00 20.04 ? 250 GLY A CA  1 
ATOM   1046 C  C   . GLY A 1 122 ? 6.095   -9.147  -10.529 1.00 20.02 ? 250 GLY A C   1 
ATOM   1047 O  O   . GLY A 1 122 ? 6.273   -8.171  -11.253 1.00 19.96 ? 250 GLY A O   1 
ATOM   1048 N  N   . GLY A 1 123 ? 4.933   -9.398  -9.924  1.00 20.02 ? 251 GLY A N   1 
ATOM   1049 C  CA  . GLY A 1 123 ? 3.833   -8.446  -9.953  1.00 20.52 ? 251 GLY A CA  1 
ATOM   1050 C  C   . GLY A 1 123 ? 3.532   -7.834  -11.303 1.00 20.75 ? 251 GLY A C   1 
ATOM   1051 O  O   . GLY A 1 123 ? 3.425   -8.544  -12.307 1.00 20.94 ? 251 GLY A O   1 
ATOM   1052 N  N   . LEU A 1 124 ? 3.397   -6.509  -11.316 1.00 21.07 ? 252 LEU A N   1 
ATOM   1053 C  CA  . LEU A 1 124 ? 3.018   -5.760  -12.521 1.00 21.98 ? 252 LEU A CA  1 
ATOM   1054 C  C   . LEU A 1 124 ? 4.151   -5.591  -13.526 1.00 23.85 ? 252 LEU A C   1 
ATOM   1055 O  O   . LEU A 1 124 ? 3.926   -5.101  -14.633 1.00 23.92 ? 252 LEU A O   1 
ATOM   1056 C  CB  . LEU A 1 124 ? 2.450   -4.384  -12.147 1.00 21.72 ? 252 LEU A CB  1 
ATOM   1057 C  CG  . LEU A 1 124 ? 1.051   -4.331  -11.513 1.00 21.02 ? 252 LEU A CG  1 
ATOM   1058 C  CD1 . LEU A 1 124 ? 1.045   -4.967  -10.125 1.00 22.23 ? 252 LEU A CD1 1 
ATOM   1059 C  CD2 . LEU A 1 124 ? 0.568   -2.897  -11.441 1.00 21.02 ? 252 LEU A CD2 1 
ATOM   1060 N  N   . LYS A 1 125 ? 5.360   -5.984  -13.135 1.00 25.76 ? 253 LYS A N   1 
ATOM   1061 C  CA  . LYS A 1 125 ? 6.502   -5.961  -14.047 1.00 28.78 ? 253 LYS A CA  1 
ATOM   1062 C  C   . LYS A 1 125 ? 6.407   -7.138  -15.012 1.00 30.15 ? 253 LYS A C   1 
ATOM   1063 O  O   . LYS A 1 125 ? 6.898   -7.070  -16.140 1.00 30.64 ? 253 LYS A O   1 
ATOM   1064 C  CB  . LYS A 1 125 ? 7.829   -6.017  -13.277 1.00 28.47 ? 253 LYS A CB  1 
ATOM   1065 C  CG  . LYS A 1 125 ? 8.067   -4.851  -12.312 1.00 29.98 ? 253 LYS A CG  1 
ATOM   1066 C  CD  . LYS A 1 125 ? 9.514   -4.775  -11.792 1.00 30.21 ? 253 LYS A CD  1 
ATOM   1067 C  CE  . LYS A 1 125 ? 9.939   -6.004  -10.987 1.00 32.57 ? 253 LYS A CE  1 
ATOM   1068 N  NZ  . LYS A 1 125 ? 11.322  -5.840  -10.443 1.00 34.28 ? 253 LYS A NZ  1 
ATOM   1069 N  N   . GLU A 1 126 ? 5.758   -8.208  -14.562 1.00 32.06 ? 254 GLU A N   1 
ATOM   1070 C  CA  . GLU A 1 126 ? 5.686   -9.456  -15.323 1.00 33.92 ? 254 GLU A CA  1 
ATOM   1071 C  C   . GLU A 1 126 ? 4.300   -9.761  -15.899 1.00 34.89 ? 254 GLU A C   1 
ATOM   1072 O  O   . GLU A 1 126 ? 4.168   -10.641 -16.755 1.00 35.29 ? 254 GLU A O   1 
ATOM   1073 C  CB  . GLU A 1 126 ? 6.160   -10.625 -14.452 1.00 34.03 ? 254 GLU A CB  1 
ATOM   1074 C  CG  . GLU A 1 126 ? 7.575   -10.470 -13.909 1.00 35.24 ? 254 GLU A CG  1 
ATOM   1075 C  CD  . GLU A 1 126 ? 8.639   -10.556 -14.987 1.00 37.15 ? 254 GLU A CD  1 
ATOM   1076 O  OE1 . GLU A 1 126 ? 8.452   -11.325 -15.956 1.00 37.94 ? 254 GLU A OE1 1 
ATOM   1077 O  OE2 . GLU A 1 126 ? 9.670   -9.856  -14.864 1.00 38.19 ? 254 GLU A OE2 1 
ATOM   1078 N  N   . HIS A 1 127 ? 3.275   -9.044  -15.438 1.00 36.22 ? 255 HIS A N   1 
ATOM   1079 C  CA  . HIS A 1 127 ? 1.896   -9.316  -15.858 1.00 37.38 ? 255 HIS A CA  1 
ATOM   1080 C  C   . HIS A 1 127 ? 1.039   -8.061  -16.044 1.00 38.13 ? 255 HIS A C   1 
ATOM   1081 O  O   . HIS A 1 127 ? 1.183   -7.080  -15.309 1.00 38.18 ? 255 HIS A O   1 
ATOM   1082 C  CB  . HIS A 1 127 ? 1.201   -10.259 -14.865 1.00 37.57 ? 255 HIS A CB  1 
ATOM   1083 C  CG  . HIS A 1 127 ? 1.901   -11.570 -14.677 1.00 37.99 ? 255 HIS A CG  1 
ATOM   1084 N  ND1 . HIS A 1 127 ? 1.696   -12.650 -15.509 1.00 38.34 ? 255 HIS A ND1 1 
ATOM   1085 C  CD2 . HIS A 1 127 ? 2.803   -11.974 -13.752 1.00 38.30 ? 255 HIS A CD2 1 
ATOM   1086 C  CE1 . HIS A 1 127 ? 2.441   -13.663 -15.103 1.00 38.53 ? 255 HIS A CE1 1 
ATOM   1087 N  NE2 . HIS A 1 127 ? 3.121   -13.279 -14.038 1.00 38.66 ? 255 HIS A NE2 1 
ATOM   1088 N  N   . ASP A 1 128 ? 0.148   -8.131  -17.034 1.00 39.06 ? 256 ASP A N   1 
ATOM   1089 C  CA  . ASP A 1 128 ? -0.873  -7.116  -17.334 1.00 39.75 ? 256 ASP A CA  1 
ATOM   1090 C  C   . ASP A 1 128 ? -0.347  -5.686  -17.367 1.00 39.90 ? 256 ASP A C   1 
ATOM   1091 O  O   . ASP A 1 128 ? -0.961  -4.809  -17.976 1.00 40.28 ? 256 ASP A O   1 
ATOM   1092 C  CB  . ASP A 1 128 ? -2.063  -7.228  -16.370 1.00 40.14 ? 256 ASP A CB  1 
ATOM   1093 C  CG  . ASP A 1 128 ? -3.413  -7.205  -17.087 1.00 41.58 ? 256 ASP A CG  1 
ATOM   1094 O  OD1 . ASP A 1 128 ? -3.444  -7.108  -18.338 1.00 43.31 ? 256 ASP A OD1 1 
ATOM   1095 O  OD2 . ASP A 1 128 ? -4.506  -7.294  -16.479 1.00 43.23 ? 256 ASP A OD2 1 
HETATM 1096 C  CAC . FLC B 2 .   ? 8.470   0.178   11.821  0.75 24.85 ? 263 FLC A CAC 1 
HETATM 1097 C  CA  . FLC B 2 .   ? 9.559   0.924   12.569  0.75 25.68 ? 263 FLC A CA  1 
HETATM 1098 C  CB  . FLC B 2 .   ? 9.590   0.716   14.084  0.75 26.35 ? 263 FLC A CB  1 
HETATM 1099 C  CBC . FLC B 2 .   ? 8.231   0.946   14.700  0.75 27.05 ? 263 FLC A CBC 1 
HETATM 1100 C  CG  . FLC B 2 .   ? 10.583  1.722   14.667  0.75 26.21 ? 263 FLC A CG  1 
HETATM 1101 C  CGC . FLC B 2 .   ? 10.993  1.411   16.088  0.75 27.58 ? 263 FLC A CGC 1 
HETATM 1102 O  OA1 . FLC B 2 .   ? 8.327   -1.045  11.977  0.75 24.52 ? 263 FLC A OA1 1 
HETATM 1103 O  OA2 . FLC B 2 .   ? 7.759   0.831   11.035  0.75 24.33 ? 263 FLC A OA2 1 
HETATM 1104 O  OB1 . FLC B 2 .   ? 7.605   -0.049  15.120  0.75 28.97 ? 263 FLC A OB1 1 
HETATM 1105 O  OB2 . FLC B 2 .   ? 7.785   2.114   14.781  0.75 29.33 ? 263 FLC A OB2 1 
HETATM 1106 O  OG1 . FLC B 2 .   ? 12.174  1.062   16.296  0.75 26.95 ? 263 FLC A OG1 1 
HETATM 1107 O  OG2 . FLC B 2 .   ? 10.155  1.532   17.010  0.75 28.96 ? 263 FLC A OG2 1 
HETATM 1108 O  OHB . FLC B 2 .   ? 10.014  -0.628  14.372  0.75 26.08 ? 263 FLC A OHB 1 
HETATM 1109 O  O   . HOH C 3 .   ? -11.431 7.756   -2.497  1.00 16.83 ? 264 HOH A O   1 
HETATM 1110 O  O   . HOH C 3 .   ? 1.606   3.793   -13.902 1.00 14.00 ? 265 HOH A O   1 
HETATM 1111 O  O   . HOH C 3 .   ? -12.475 -5.725  -4.064  1.00 15.97 ? 266 HOH A O   1 
HETATM 1112 O  O   . HOH C 3 .   ? -15.953 2.078   -0.838  1.00 16.72 ? 267 HOH A O   1 
HETATM 1113 O  O   . HOH C 3 .   ? -6.086  8.896   -1.679  1.00 13.34 ? 268 HOH A O   1 
HETATM 1114 O  O   . HOH C 3 .   ? 12.660  3.005   -6.496  1.00 15.15 ? 269 HOH A O   1 
HETATM 1115 O  O   . HOH C 3 .   ? -7.959  2.655   -9.820  1.00 17.18 ? 270 HOH A O   1 
HETATM 1116 O  O   . HOH C 3 .   ? -12.148 8.587   0.666   1.00 19.57 ? 271 HOH A O   1 
HETATM 1117 O  O   . HOH C 3 .   ? 9.398   7.821   5.018   1.00 17.89 ? 272 HOH A O   1 
HETATM 1118 O  O   . HOH C 3 .   ? 7.805   9.916   4.596   1.00 22.68 ? 273 HOH A O   1 
HETATM 1119 O  O   . HOH C 3 .   ? -0.459  1.968   -14.409 1.00 17.81 ? 274 HOH A O   1 
HETATM 1120 O  O   . HOH C 3 .   ? 12.570  -5.939  -4.787  1.00 20.84 ? 275 HOH A O   1 
HETATM 1121 O  O   . HOH C 3 .   ? 2.307   -11.519 5.897   1.00 20.50 ? 276 HOH A O   1 
HETATM 1122 O  O   . HOH C 3 .   ? 8.574   3.974   -11.240 1.00 21.83 ? 277 HOH A O   1 
HETATM 1123 O  O   . HOH C 3 .   ? 14.900  -1.693  0.594   1.00 18.88 ? 278 HOH A O   1 
HETATM 1124 O  O   . HOH C 3 .   ? -9.462  14.794  0.468   1.00 26.38 ? 279 HOH A O   1 
HETATM 1125 O  O   . HOH C 3 .   ? 7.037   12.778  2.394   1.00 27.07 ? 280 HOH A O   1 
HETATM 1126 O  O   . HOH C 3 .   ? 14.142  1.606   14.601  1.00 20.81 ? 281 HOH A O   1 
HETATM 1127 O  O   . HOH C 3 .   ? -6.669  7.463   4.258   1.00 18.77 ? 282 HOH A O   1 
HETATM 1128 O  O   . HOH C 3 .   ? -14.777 -7.003  -11.177 1.00 25.87 ? 283 HOH A O   1 
HETATM 1129 O  O   . HOH C 3 .   ? -9.756  -10.609 6.199   1.00 24.84 ? 284 HOH A O   1 
HETATM 1130 O  O   . HOH C 3 .   ? -4.087  14.160  -5.515  1.00 22.08 ? 285 HOH A O   1 
HETATM 1131 O  O   . HOH C 3 .   ? -14.297 0.280   10.262  1.00 19.55 ? 286 HOH A O   1 
HETATM 1132 O  O   . HOH C 3 .   ? 11.694  -2.270  6.381   1.00 23.07 ? 287 HOH A O   1 
HETATM 1133 O  O   . HOH C 3 .   ? 13.606  -0.663  5.319   1.00 21.02 ? 288 HOH A O   1 
HETATM 1134 O  O   . HOH C 3 .   ? 10.944  2.175   -11.148 1.00 26.58 ? 289 HOH A O   1 
HETATM 1135 O  O   . HOH C 3 .   ? 2.099   -13.972 4.097   1.00 26.58 ? 290 HOH A O   1 
HETATM 1136 O  O   . HOH C 3 .   ? -9.253  8.340   3.899   1.00 20.29 ? 291 HOH A O   1 
HETATM 1137 O  O   . HOH C 3 .   ? 6.590   -13.572 -2.140  1.00 21.78 ? 292 HOH A O   1 
HETATM 1138 O  O   . HOH C 3 .   ? 6.891   12.714  -5.635  1.00 18.08 ? 293 HOH A O   1 
HETATM 1139 O  O   . HOH C 3 .   ? 6.708   9.959   -7.475  1.00 29.20 ? 294 HOH A O   1 
HETATM 1140 O  O   . HOH C 3 .   ? 8.484   -12.356 -5.637  1.00 26.98 ? 295 HOH A O   1 
HETATM 1141 O  O   . HOH C 3 .   ? 17.209  -1.849  -7.123  1.00 29.37 ? 296 HOH A O   1 
HETATM 1142 O  O   . HOH C 3 .   ? -6.563  0.628   -11.009 1.00 23.37 ? 297 HOH A O   1 
HETATM 1143 O  O   . HOH C 3 .   ? -10.615 -3.538  -10.900 1.00 25.85 ? 298 HOH A O   1 
HETATM 1144 O  O   . HOH C 3 .   ? -8.694  -10.116 -10.258 1.00 29.14 ? 299 HOH A O   1 
HETATM 1145 O  O   . HOH C 3 .   ? 1.376   -14.346 -0.466  1.00 23.49 ? 300 HOH A O   1 
HETATM 1146 O  O   . HOH C 3 .   ? -5.309  -14.064 3.449   1.00 21.55 ? 301 HOH A O   1 
HETATM 1147 O  O   . HOH C 3 .   ? -15.997 1.677   5.582   1.00 24.98 ? 302 HOH A O   1 
HETATM 1148 O  O   . HOH C 3 .   ? 15.843  -3.100  -4.026  1.00 29.06 ? 303 HOH A O   1 
HETATM 1149 O  O   . HOH C 3 .   ? -14.328 -0.458  5.387   1.00 18.33 ? 304 HOH A O   1 
HETATM 1150 O  O   . HOH C 3 .   ? 7.148   -3.031  13.436  1.00 27.62 ? 305 HOH A O   1 
HETATM 1151 O  O   . HOH C 3 .   ? -0.879  11.216  -9.502  1.00 24.75 ? 306 HOH A O   1 
HETATM 1152 O  O   . HOH C 3 .   ? -18.518 6.705   -3.392  1.00 23.76 ? 307 HOH A O   1 
HETATM 1153 O  O   . HOH C 3 .   ? -16.736 -1.853  -8.379  1.00 26.50 ? 308 HOH A O   1 
HETATM 1154 O  O   . HOH C 3 .   ? 15.083  -1.889  12.290  1.00 24.67 ? 309 HOH A O   1 
HETATM 1155 O  O   . HOH C 3 .   ? 2.065   10.308  12.427  1.00 47.11 ? 310 HOH A O   1 
HETATM 1156 O  O   . HOH C 3 .   ? -8.708  9.451   -3.052  1.00 21.80 ? 311 HOH A O   1 
HETATM 1157 O  O   . HOH C 3 .   ? -4.416  6.582   -13.484 1.00 27.40 ? 312 HOH A O   1 
HETATM 1158 O  O   . HOH C 3 .   ? -3.118  -12.665 -8.064  1.00 29.69 ? 313 HOH A O   1 
HETATM 1159 O  O   . HOH C 3 .   ? -5.054  6.901   8.529   1.00 30.79 ? 314 HOH A O   1 
HETATM 1160 O  O   . HOH C 3 .   ? -5.977  4.546   -10.104 1.00 22.44 ? 315 HOH A O   1 
HETATM 1161 O  O   . HOH C 3 .   ? -16.738 -10.690 -6.551  1.00 30.68 ? 316 HOH A O   1 
HETATM 1162 O  O   . HOH C 3 .   ? -15.730 -0.516  0.077   1.00 21.17 ? 317 HOH A O   1 
HETATM 1163 O  O   . HOH C 3 .   ? 11.194  7.213   9.355   1.00 25.79 ? 318 HOH A O   1 
HETATM 1164 O  O   . HOH C 3 .   ? -12.303 7.461   7.865   1.00 26.64 ? 319 HOH A O   1 
HETATM 1165 O  O   . HOH C 3 .   ? -14.399 -1.848  7.740   1.00 34.13 ? 320 HOH A O   1 
HETATM 1166 O  O   . HOH C 3 .   ? -14.743 -1.747  2.845   1.00 24.72 ? 321 HOH A O   1 
HETATM 1167 O  O   . HOH C 3 .   ? 13.216  5.467   9.273   1.00 28.13 ? 322 HOH A O   1 
HETATM 1168 O  O   . HOH C 3 .   ? 11.487  -11.622 1.709   1.00 38.17 ? 323 HOH A O   1 
HETATM 1169 O  O   . HOH C 3 .   ? -8.745  10.430  -5.596  1.00 27.67 ? 324 HOH A O   1 
HETATM 1170 O  O   . HOH C 3 .   ? -1.018  7.853   11.124  1.00 26.96 ? 325 HOH A O   1 
HETATM 1171 O  O   . HOH C 3 .   ? 6.919   -14.364 -4.760  1.00 29.42 ? 326 HOH A O   1 
HETATM 1172 O  O   . HOH C 3 .   ? 6.921   12.032  6.837   1.00 41.49 ? 327 HOH A O   1 
HETATM 1173 O  O   . HOH C 3 .   ? 17.271  -0.285  -0.972  1.00 25.19 ? 328 HOH A O   1 
HETATM 1174 O  O   . HOH C 3 .   ? 15.715  -6.556  0.473   1.00 35.24 ? 329 HOH A O   1 
HETATM 1175 O  O   . HOH C 3 .   ? -0.683  11.876  4.787   1.00 31.66 ? 330 HOH A O   1 
HETATM 1176 O  O   . HOH C 3 .   ? -4.550  7.622   5.928   1.00 27.28 ? 331 HOH A O   1 
HETATM 1177 O  O   . HOH C 3 .   ? 9.172   -8.581  -7.808  1.00 34.67 ? 332 HOH A O   1 
HETATM 1178 O  O   . HOH C 3 .   ? -17.466 1.273   -3.001  1.00 32.75 ? 333 HOH A O   1 
HETATM 1179 O  O   . HOH C 3 .   ? 16.706  2.332   -8.059  1.00 27.89 ? 334 HOH A O   1 
HETATM 1180 O  O   . HOH C 3 .   ? 3.894   15.135  2.229   1.00 36.26 ? 335 HOH A O   1 
HETATM 1181 O  O   . HOH C 3 .   ? -15.563 13.647  -3.327  1.00 29.34 ? 336 HOH A O   1 
HETATM 1182 O  O   . HOH C 3 .   ? -3.211  4.540   -14.598 1.00 31.86 ? 337 HOH A O   1 
HETATM 1183 O  O   . HOH C 3 .   ? -10.536 2.792   15.432  1.00 29.01 ? 338 HOH A O   1 
HETATM 1184 O  O   . HOH C 3 .   ? -8.044  -5.757  -11.062 1.00 39.66 ? 339 HOH A O   1 
HETATM 1185 O  O   . HOH C 3 .   ? 11.605  9.169   3.693   1.00 41.86 ? 340 HOH A O   1 
HETATM 1186 O  O   . HOH C 3 .   ? 5.612   9.945   16.091  1.00 36.24 ? 341 HOH A O   1 
HETATM 1187 O  O   . HOH C 3 .   ? -5.236  12.553  -7.684  1.00 27.98 ? 342 HOH A O   1 
HETATM 1188 O  O   . HOH C 3 .   ? -4.185  7.224   11.246  1.00 33.08 ? 343 HOH A O   1 
HETATM 1189 O  O   . HOH C 3 .   ? 4.296   -14.869 -5.338  1.00 26.32 ? 344 HOH A O   1 
HETATM 1190 O  O   . HOH C 3 .   ? -0.029  11.750  8.645   1.00 31.87 ? 345 HOH A O   1 
HETATM 1191 O  O   . HOH C 3 .   ? -19.470 4.764   -5.009  1.00 39.99 ? 346 HOH A O   1 
HETATM 1192 O  O   . HOH C 3 .   ? -14.724 -7.589  7.951   1.00 44.81 ? 347 HOH A O   1 
HETATM 1193 O  O   . HOH C 3 .   ? 0.320   13.345  -6.517  1.00 28.12 ? 348 HOH A O   1 
HETATM 1194 O  O   . HOH C 3 .   ? -15.913 7.214   -8.543  1.00 29.35 ? 349 HOH A O   1 
HETATM 1195 O  O   . HOH C 3 .   ? -11.974 -8.870  8.448   1.00 37.04 ? 350 HOH A O   1 
HETATM 1196 O  O   . HOH C 3 .   ? -7.651  9.707   -8.345  1.00 28.47 ? 351 HOH A O   1 
HETATM 1197 O  O   . HOH C 3 .   ? 3.945   -14.778 1.099   1.00 35.20 ? 352 HOH A O   1 
HETATM 1198 O  O   . HOH C 3 .   ? -11.668 -13.098 -0.517  1.00 31.07 ? 353 HOH A O   1 
HETATM 1199 O  O   . HOH C 3 .   ? 9.631   -5.987  7.155   1.00 26.88 ? 354 HOH A O   1 
HETATM 1200 O  O   . HOH C 3 .   ? 0.519   15.113  0.505   1.00 38.86 ? 355 HOH A O   1 
HETATM 1201 O  O   . HOH C 3 .   ? -13.011 0.849   14.757  1.00 36.08 ? 356 HOH A O   1 
HETATM 1202 O  O   . HOH C 3 .   ? 13.323  -7.665  1.003   1.00 33.10 ? 357 HOH A O   1 
HETATM 1203 O  O   . HOH C 3 .   ? 19.016  3.789   -7.964  1.00 44.26 ? 358 HOH A O   1 
HETATM 1204 O  O   . HOH C 3 .   ? 3.416   -1.953  15.004  1.00 32.50 ? 359 HOH A O   1 
HETATM 1205 O  O   . HOH C 3 .   ? 0.721   9.772   10.259  1.00 37.03 ? 360 HOH A O   1 
HETATM 1206 O  O   . HOH C 3 .   ? 10.014  11.737  2.529   1.00 34.42 ? 361 HOH A O   1 
HETATM 1207 O  O   . HOH C 3 .   ? -6.648  -14.577 5.686   1.00 43.38 ? 362 HOH A O   1 
HETATM 1208 O  O   . HOH C 3 .   ? -1.425  5.143   -16.294 1.00 52.23 ? 363 HOH A O   1 
HETATM 1209 O  O   . HOH C 3 .   ? -3.081  10.825  5.244   1.00 38.92 ? 364 HOH A O   1 
HETATM 1210 O  O   . HOH C 3 .   ? -17.026 -2.168  -4.114  1.00 29.15 ? 365 HOH A O   1 
HETATM 1211 O  O   . HOH C 3 .   ? -7.019  -2.335  -10.324 1.00 33.26 ? 366 HOH A O   1 
HETATM 1212 O  O   . HOH C 3 .   ? 16.887  7.843   -0.188  1.00 46.09 ? 367 HOH A O   1 
HETATM 1213 O  O   . HOH C 3 .   ? -14.787 -6.597  -2.681  1.00 30.57 ? 368 HOH A O   1 
HETATM 1214 O  O   . HOH C 3 .   ? 7.766   12.697  10.718  1.00 36.27 ? 369 HOH A O   1 
HETATM 1215 O  O   . HOH C 3 .   ? 2.447   -9.127  12.333  1.00 33.55 ? 370 HOH A O   1 
HETATM 1216 O  O   . HOH C 3 .   ? 4.245   -15.096 -1.445  1.00 38.53 ? 371 HOH A O   1 
HETATM 1217 O  O   . HOH C 3 .   ? -7.400  2.010   14.998  1.00 36.16 ? 372 HOH A O   1 
HETATM 1218 O  O   . HOH C 3 .   ? -12.388 -10.682 5.881   1.00 46.59 ? 373 HOH A O   1 
HETATM 1219 O  O   . HOH C 3 .   ? -17.534 2.762   -8.024  1.00 29.27 ? 374 HOH A O   1 
HETATM 1220 O  O   . HOH C 3 .   ? 18.313  -0.042  -8.722  1.00 46.67 ? 375 HOH A O   1 
HETATM 1221 O  O   . HOH C 3 .   ? -3.201  8.741   7.980   1.00 36.75 ? 376 HOH A O   1 
HETATM 1222 O  O   . HOH C 3 .   ? -13.312 -15.049 0.452   1.00 48.17 ? 377 HOH A O   1 
HETATM 1223 O  O   . HOH C 3 .   ? -3.220  13.838  1.461   1.00 42.56 ? 378 HOH A O   1 
HETATM 1224 O  O   . HOH C 3 .   ? 15.970  7.863   -3.289  1.00 36.96 ? 379 HOH A O   1 
HETATM 1225 O  O   . HOH C 3 .   ? -16.955 -4.998  -3.085  1.00 39.22 ? 380 HOH A O   1 
HETATM 1226 O  O   . HOH C 3 .   ? 12.193  10.100  1.024   1.00 36.46 ? 381 HOH A O   1 
HETATM 1227 O  O   . HOH C 3 .   ? -13.596 14.234  -5.242  1.00 54.50 ? 382 HOH A O   1 
HETATM 1228 O  O   . HOH C 3 .   ? 2.968   -16.074 5.881   1.00 45.86 ? 383 HOH A O   1 
HETATM 1229 O  O   . HOH C 3 .   ? 1.743   0.181   15.072  1.00 43.23 ? 384 HOH A O   1 
HETATM 1230 O  O   . HOH C 3 .   ? -8.534  -12.843 7.098   1.00 37.63 ? 385 HOH A O   1 
HETATM 1231 O  O   . HOH C 3 .   ? 0.267   -18.119 4.216   1.00 41.91 ? 386 HOH A O   1 
HETATM 1232 O  O   . HOH C 3 .   ? 2.180   5.121   -16.340 1.00 38.87 ? 387 HOH A O   1 
HETATM 1233 O  O   . HOH C 3 .   ? 19.137  -3.158  -2.423  1.00 48.36 ? 388 HOH A O   1 
HETATM 1234 O  O   . HOH C 3 .   ? -14.502 5.335   -10.572 1.00 48.64 ? 389 HOH A O   1 
HETATM 1235 O  O   . HOH C 3 .   ? 13.107  -8.470  3.434   1.00 50.03 ? 390 HOH A O   1 
HETATM 1236 O  O   . HOH C 3 .   ? 12.448  -1.934  14.039  1.00 38.70 ? 391 HOH A O   1 
HETATM 1237 O  O   . HOH C 3 .   ? 20.741  0.867   -6.801  1.00 38.74 ? 392 HOH A O   1 
HETATM 1238 O  O   . HOH C 3 .   ? -0.039  1.432   -16.985 1.00 40.81 ? 393 HOH A O   1 
HETATM 1239 O  O   . HOH C 3 .   ? -14.117 -8.936  -1.235  1.00 38.38 ? 394 HOH A O   1 
HETATM 1240 O  O   . HOH C 3 .   ? 1.528   -11.437 10.577  1.00 43.08 ? 395 HOH A O   1 
HETATM 1241 O  O   . HOH C 3 .   ? 11.598  -7.963  -6.582  1.00 32.48 ? 396 HOH A O   1 
HETATM 1242 O  O   . HOH C 3 .   ? -15.805 5.301   2.775   1.00 17.00 ? 397 HOH A O   1 
HETATM 1243 O  O   . HOH C 3 .   ? 6.275   -13.196 5.693   1.00 55.40 ? 398 HOH A O   1 
HETATM 1244 O  O   . HOH C 3 .   ? 8.379   -10.347 7.475   1.00 40.61 ? 399 HOH A O   1 
HETATM 1245 O  O   . HOH C 3 .   ? -14.077 -3.016  -10.972 1.00 38.27 ? 400 HOH A O   1 
HETATM 1246 O  O   . HOH C 3 .   ? -4.968  3.621   15.124  1.00 47.36 ? 401 HOH A O   1 
HETATM 1247 O  O   . HOH C 3 .   ? -0.709  8.430   13.894  1.00 43.82 ? 402 HOH A O   1 
HETATM 1248 O  O   . HOH C 3 .   ? 13.824  -4.992  -9.037  1.00 45.71 ? 403 HOH A O   1 
HETATM 1249 O  O   . HOH C 3 .   ? 8.433   0.927   -18.951 1.00 40.94 ? 404 HOH A O   1 
HETATM 1250 O  O   . HOH C 3 .   ? 4.338   6.742   17.569  1.00 57.65 ? 405 HOH A O   1 
HETATM 1251 O  O   . HOH C 3 .   ? -1.290  13.724  3.210   1.00 37.25 ? 406 HOH A O   1 
HETATM 1252 O  O   . HOH C 3 .   ? 0.032   6.921   17.212  1.00 44.00 ? 407 HOH A O   1 
HETATM 1253 O  O   . HOH C 3 .   ? -14.427 -10.478 1.613   1.00 45.60 ? 408 HOH A O   1 
HETATM 1254 O  O   . HOH C 3 .   ? -3.529  5.147   13.297  1.00 46.26 ? 409 HOH A O   1 
HETATM 1255 O  O   . HOH C 3 .   ? 3.068   -9.132  -19.485 1.00 56.31 ? 410 HOH A O   1 
HETATM 1256 O  O   . HOH C 3 .   ? 1.903   8.763   14.628  1.00 38.91 ? 411 HOH A O   1 
HETATM 1257 O  O   . HOH C 3 .   ? 4.637   -4.255  -17.474 1.00 52.89 ? 412 HOH A O   1 
HETATM 1258 O  O   . HOH C 3 .   ? 11.158  -11.060 -2.291  1.00 47.91 ? 413 HOH A O   1 
HETATM 1259 O  O   . HOH C 3 .   ? 13.840  7.081   -3.936  1.00 37.12 ? 414 HOH A O   1 
HETATM 1260 O  O   . HOH C 3 .   ? 8.661   -13.770 -0.196  1.00 40.58 ? 415 HOH A O   1 
HETATM 1261 O  O   . HOH C 3 .   ? 3.915   -12.457 7.935   1.00 38.26 ? 416 HOH A O   1 
HETATM 1262 O  O   . HOH C 3 .   ? 13.395  -7.947  -2.708  1.00 52.38 ? 417 HOH A O   1 
HETATM 1263 O  O   . HOH C 3 .   ? -0.752  12.020  -15.546 1.00 48.83 ? 418 HOH A O   1 
HETATM 1264 O  O   . HOH C 3 .   ? -5.703  4.508   -12.695 1.00 39.24 ? 419 HOH A O   1 
HETATM 1265 O  O   . HOH C 3 .   ? -13.351 -13.860 -3.343  1.00 61.70 ? 420 HOH A O   1 
HETATM 1266 O  O   . HOH C 3 .   ? -6.908  7.357   -10.600 1.00 44.94 ? 421 HOH A O   1 
HETATM 1267 O  O   . HOH C 3 .   ? 4.948   16.625  15.677  1.00 60.23 ? 422 HOH A O   1 
HETATM 1268 O  O   . HOH C 3 .   ? 9.822   6.922   11.566  1.00 39.61 ? 423 HOH A O   1 
HETATM 1269 O  O   . HOH C 3 .   ? 0.727   -3.135  -15.290 1.00 50.12 ? 424 HOH A O   1 
HETATM 1270 O  O   . HOH C 3 .   ? 13.961  -4.068  -11.589 1.00 48.40 ? 425 HOH A O   1 
HETATM 1271 O  O   . HOH C 3 .   ? -3.060  -11.659 9.259   1.00 39.70 ? 426 HOH A O   1 
HETATM 1272 O  O   . HOH C 3 .   ? -14.903 -6.321  0.292   1.00 44.96 ? 427 HOH A O   1 
HETATM 1273 O  O   . HOH C 3 .   ? 4.796   -14.548 -12.148 1.00 39.23 ? 428 HOH A O   1 
HETATM 1274 O  O   . HOH C 3 .   ? 12.145  3.583   12.238  1.00 40.57 ? 429 HOH A O   1 
HETATM 1275 O  O   . HOH C 3 .   ? 6.909   -8.055  9.925   1.00 42.20 ? 430 HOH A O   1 
HETATM 1276 O  O   . HOH C 3 .   ? 12.264  12.753  1.496   1.00 36.97 ? 431 HOH A O   1 
HETATM 1277 O  O   . HOH C 3 .   ? -2.120  6.339   15.237  1.00 43.34 ? 432 HOH A O   1 
HETATM 1278 O  O   . HOH C 3 .   ? -16.611 -8.220  3.644   1.00 47.98 ? 433 HOH A O   1 
# 
